data_6LW0
#
_entry.id   6LW0
#
_cell.length_a   98.152
_cell.length_b   139.401
_cell.length_c   148.980
_cell.angle_alpha   90.000
_cell.angle_beta   90.000
_cell.angle_gamma   90.000
#
_symmetry.space_group_name_H-M   'P 21 21 21'
#
loop_
_entity.id
_entity.type
_entity.pdbx_description
1 polymer 'Toll-like receptor 7'
2 branched 2-acetamido-2-deoxy-beta-D-glucopyranose-(1-4)-2-acetamido-2-deoxy-beta-D-glucopyranose
3 non-polymer 2-acetamido-2-deoxy-beta-D-glucopyranose
4 non-polymer 'SULFATE ION'
5 non-polymer 2-ethoxy-8-(5-fluoranylpyridin-3-yl)-9-[[4-[[(1S,4S)-5-methyl-2,5-diazabicyclo[2.2.1]heptan-2-yl]methyl]phenyl]methyl]purin-6-amine
6 water water
#
_entity_poly.entity_id   1
_entity_poly.type   'polypeptide(L)'
_entity_poly.pdbx_seq_one_letter_code
;RSPWARWFPKTLPCDVTLDVSKNHVIVDCTDKHLTEIPGGIPTNTTNLTLTINHIPDISPASFHRLVHLVEIDFRCNCVP
IRLGSKSNMCPRRLQIKPRSFSGLTYLKSLYLDGNQLLEIPQGLPPSLQLLSLEANNIFSIRKEQLTELANIEILYLGQN
CYYRNPCYVSYSIEKDAFLNLTKLKVLSLKDNNVTTVPTVLPSTLTELYLYNNMIAEIQEDDFNNLNQLQILDLSGNCPR
CYNAPFPCTPCKNNSPLQIPVNAFDALTELKVLRLHSNSLQHVPPRWFKNINNLQELDLSQNFLAKEIGDAKFLHFLPNL
IQLDLSFNFELQVYRASMNLSQAFSSLKSLKILRIRGYVFKELKSFQLSPLHNLQNLEVLDLGTNFIKIANLSMFKQFKR
LKVIDLSVNKISPSGDSLVPRGSSNARTSVESYEPQVLEQLYYFRYDKYARSCRFKNKEASFTSVQESCYKYGQTLDLSK
NSIFFIKSSDFQHLSFLKCLNLSGNLISQTLNGSEFQPLAELRYLDFSNNRLDLLHSTAFEELRKLEVLDISSNSHYFQS
EGITHMLNFTKNLKVLQKLMMNDNDISSSTSRTMESESLRTLEFRGNHLDVLWRDGDNRYLQLFKNLLKLEELDISKNSL
SFLPSGVFDGMPPNLKNLSLAKNGLKSFIWEKLRYLKNLETLDLSHNQLTTVPERLSNCSRSLKNLILKNNQIRSLTKYF
LQDAFQLRYLDLSSNKIQMIQKTSFPENVLNNLKMLLLHHNRFLCTCDAVWFVWWVQHTEVTIPYLATDVTCVGPGAHKG
QSVISLDLYTCELDLTNEFLVPR
;
_entity_poly.pdbx_strand_id   B,A
#
loop_
_chem_comp.id
_chem_comp.type
_chem_comp.name
_chem_comp.formula
EX0 non-polymer 2-ethoxy-8-(5-fluoranylpyridin-3-yl)-9-[[4-[[(1S,4S)-5-methyl-2,5-diazabicyclo[2.2.1]heptan-2-yl]methyl]phenyl]methyl]purin-6-amine 'C26 H29 F N8 O'
NAG D-saccharide, beta linking 2-acetamido-2-deoxy-beta-D-glucopyranose 'C8 H15 N O6'
SO4 non-polymer 'SULFATE ION' 'O4 S -2'
#
# COMPACT_ATOMS: atom_id res chain seq x y z
N ALA A 5 38.54 26.06 1.75
CA ALA A 5 38.44 25.63 3.14
C ALA A 5 39.02 24.21 3.34
N ARG A 6 39.14 23.42 2.26
CA ARG A 6 40.07 22.29 2.25
C ARG A 6 41.05 22.53 1.12
N TRP A 7 42.34 22.25 1.38
CA TRP A 7 43.30 22.36 0.30
C TRP A 7 43.40 21.08 -0.50
N PHE A 8 43.10 19.94 0.12
CA PHE A 8 43.23 18.62 -0.49
C PHE A 8 41.90 17.89 -0.38
N PRO A 9 41.16 17.76 -1.48
CA PRO A 9 39.89 17.03 -1.44
C PRO A 9 40.09 15.55 -1.13
N LYS A 10 39.14 14.97 -0.39
CA LYS A 10 39.22 13.54 -0.12
C LYS A 10 38.46 12.79 -1.22
N THR A 11 39.20 12.15 -2.11
CA THR A 11 38.63 11.35 -3.19
C THR A 11 38.34 9.91 -2.78
N LEU A 12 38.81 9.48 -1.62
CA LEU A 12 38.77 8.07 -1.27
C LEU A 12 37.33 7.65 -1.00
N PRO A 13 36.85 6.57 -1.63
CA PRO A 13 35.43 6.24 -1.55
C PRO A 13 34.99 5.67 -0.20
N CYS A 14 35.60 6.11 0.88
CA CYS A 14 35.31 5.54 2.20
C CYS A 14 35.16 6.65 3.22
N ASP A 15 34.28 6.44 4.19
CA ASP A 15 34.17 7.37 5.30
C ASP A 15 35.39 7.24 6.20
N VAL A 16 36.15 8.33 6.35
CA VAL A 16 37.31 8.37 7.23
C VAL A 16 36.94 9.23 8.43
N THR A 17 37.04 8.66 9.63
CA THR A 17 36.70 9.32 10.87
C THR A 17 37.89 9.27 11.83
N LEU A 18 37.92 10.20 12.78
CA LEU A 18 38.99 10.28 13.75
C LEU A 18 38.42 10.23 15.16
N ASP A 19 39.02 9.42 16.01
CA ASP A 19 38.75 9.37 17.45
C ASP A 19 40.09 9.65 18.16
N VAL A 20 40.38 10.95 18.38
CA VAL A 20 41.68 11.33 18.95
C VAL A 20 41.89 10.71 20.31
N SER A 21 40.81 10.49 21.07
CA SER A 21 40.91 9.90 22.40
C SER A 21 41.45 8.47 22.36
N LYS A 22 40.76 7.58 21.65
CA LYS A 22 41.14 6.18 21.57
C LYS A 22 42.13 5.89 20.45
N ASN A 23 42.75 6.90 19.85
CA ASN A 23 43.70 6.70 18.74
C ASN A 23 43.15 5.84 17.60
N HIS A 24 41.87 6.02 17.27
CA HIS A 24 41.23 5.28 16.18
C HIS A 24 41.06 6.20 14.97
N VAL A 25 41.72 5.84 13.87
CA VAL A 25 41.42 6.39 12.55
C VAL A 25 40.70 5.29 11.78
N ILE A 26 39.39 5.45 11.65
CA ILE A 26 38.49 4.43 11.14
C ILE A 26 38.19 4.73 9.69
N VAL A 27 38.48 3.77 8.82
CA VAL A 27 38.16 3.82 7.41
C VAL A 27 37.00 2.83 7.17
N ASP A 28 35.83 3.34 6.76
CA ASP A 28 34.66 2.50 6.51
C ASP A 28 34.30 2.53 5.03
N CYS A 29 34.66 1.47 4.31
CA CYS A 29 34.27 1.28 2.91
C CYS A 29 33.23 0.17 2.79
N THR A 30 32.31 0.09 3.75
CA THR A 30 31.22 -0.86 3.62
C THR A 30 30.45 -0.56 2.34
N ASP A 31 30.25 -1.58 1.50
CA ASP A 31 29.33 -1.49 0.37
C ASP A 31 29.61 -0.29 -0.52
N LYS A 32 30.81 -0.24 -1.07
CA LYS A 32 31.16 0.78 -2.04
C LYS A 32 31.46 0.17 -3.40
N HIS A 33 30.96 -1.04 -3.66
CA HIS A 33 31.15 -1.71 -4.96
C HIS A 33 32.60 -1.81 -5.36
N LEU A 34 33.47 -2.02 -4.38
CA LEU A 34 34.89 -2.09 -4.64
C LEU A 34 35.26 -3.43 -5.23
N THR A 35 36.14 -3.39 -6.23
CA THR A 35 36.74 -4.58 -6.78
C THR A 35 38.21 -4.74 -6.38
N GLU A 36 38.79 -3.73 -5.74
CA GLU A 36 40.10 -3.87 -5.12
C GLU A 36 40.13 -2.93 -3.93
N ILE A 37 41.03 -3.18 -2.99
CA ILE A 37 41.10 -2.24 -1.87
C ILE A 37 41.41 -0.86 -2.43
N PRO A 38 40.67 0.19 -2.07
CA PRO A 38 40.96 1.51 -2.65
C PRO A 38 42.39 1.93 -2.36
N GLY A 39 42.94 2.75 -3.26
CA GLY A 39 44.25 3.32 -3.03
C GLY A 39 44.19 4.54 -2.14
N GLY A 40 45.30 4.80 -1.46
CA GLY A 40 45.42 6.02 -0.68
C GLY A 40 44.79 5.95 0.68
N ILE A 41 44.56 4.74 1.19
CA ILE A 41 44.05 4.60 2.56
C ILE A 41 45.04 5.25 3.51
N PRO A 42 44.60 5.99 4.53
CA PRO A 42 45.57 6.63 5.42
C PRO A 42 46.50 5.60 6.04
N THR A 43 47.79 5.94 6.09
CA THR A 43 48.78 5.07 6.72
C THR A 43 48.48 4.87 8.20
N ASN A 44 47.93 5.89 8.85
CA ASN A 44 47.61 5.76 10.26
C ASN A 44 46.44 4.83 10.56
N THR A 45 45.79 4.22 9.55
CA THR A 45 44.52 3.56 9.76
C THR A 45 44.62 2.45 10.79
N THR A 46 43.70 2.46 11.75
CA THR A 46 43.59 1.39 12.74
C THR A 46 42.44 0.44 12.45
N ASN A 47 41.25 0.96 12.09
CA ASN A 47 40.03 0.18 11.81
C ASN A 47 39.65 0.28 10.34
N LEU A 48 39.80 -0.81 9.59
CA LEU A 48 39.47 -0.84 8.16
C LEU A 48 38.33 -1.83 7.89
N THR A 49 37.23 -1.33 7.33
CA THR A 49 36.07 -2.16 7.03
C THR A 49 35.84 -2.21 5.52
N LEU A 50 35.84 -3.41 4.97
CA LEU A 50 35.63 -3.61 3.54
C LEU A 50 34.47 -4.57 3.32
N THR A 51 33.52 -4.60 4.25
CA THR A 51 32.41 -5.53 4.18
C THR A 51 31.61 -5.27 2.92
N ILE A 52 31.08 -6.34 2.32
CA ILE A 52 30.21 -6.27 1.15
C ILE A 52 30.88 -5.49 0.03
N ASN A 53 31.95 -6.03 -0.50
CA ASN A 53 32.47 -5.52 -1.75
C ASN A 53 32.78 -6.74 -2.59
N HIS A 54 33.50 -6.58 -3.68
CA HIS A 54 33.83 -7.72 -4.50
C HIS A 54 35.34 -7.78 -4.71
N ILE A 55 36.06 -7.59 -3.61
CA ILE A 55 37.52 -7.64 -3.64
C ILE A 55 37.86 -9.11 -3.71
N PRO A 56 38.49 -9.56 -4.81
CA PRO A 56 38.59 -11.00 -5.06
C PRO A 56 39.72 -11.68 -4.32
N ASP A 57 40.70 -10.95 -3.80
CA ASP A 57 41.85 -11.60 -3.18
C ASP A 57 42.47 -10.68 -2.14
N ILE A 58 43.17 -11.29 -1.20
CA ILE A 58 44.03 -10.58 -0.27
C ILE A 58 45.45 -11.09 -0.47
N SER A 59 46.41 -10.18 -0.42
CA SER A 59 47.82 -10.48 -0.63
C SER A 59 48.62 -9.53 0.24
N PRO A 60 49.95 -9.71 0.32
CA PRO A 60 50.74 -8.77 1.14
C PRO A 60 50.59 -7.31 0.72
N ALA A 61 50.28 -7.05 -0.56
CA ALA A 61 50.02 -5.68 -1.02
C ALA A 61 48.81 -5.07 -0.34
N SER A 62 47.85 -5.91 0.08
CA SER A 62 46.56 -5.45 0.55
C SER A 62 46.72 -4.38 1.64
N PHE A 63 47.54 -4.65 2.64
CA PHE A 63 47.69 -3.79 3.81
C PHE A 63 49.09 -3.21 3.94
N HIS A 64 49.93 -3.36 2.91
CA HIS A 64 51.37 -3.15 2.90
C HIS A 64 51.86 -2.08 3.88
N ARG A 65 51.25 -0.89 3.85
CA ARG A 65 51.70 0.20 4.69
C ARG A 65 50.80 0.41 5.90
N LEU A 66 49.74 -0.37 6.04
CA LEU A 66 48.74 -0.15 7.08
C LEU A 66 49.12 -0.92 8.34
N VAL A 67 50.34 -0.64 8.82
CA VAL A 67 50.92 -1.44 9.90
C VAL A 67 50.39 -1.07 11.27
N HIS A 68 49.53 -0.07 11.37
CA HIS A 68 48.92 0.25 12.65
C HIS A 68 47.55 -0.40 12.81
N LEU A 69 47.18 -1.29 11.88
CA LEU A 69 45.86 -1.91 11.87
C LEU A 69 45.58 -2.71 13.15
N VAL A 70 44.48 -2.40 13.82
CA VAL A 70 44.04 -3.19 14.96
C VAL A 70 42.82 -4.06 14.65
N GLU A 71 42.08 -3.77 13.58
CA GLU A 71 40.89 -4.51 13.18
C GLU A 71 40.75 -4.46 11.67
N ILE A 72 40.54 -5.62 11.06
CA ILE A 72 40.19 -5.69 9.66
C ILE A 72 38.83 -6.37 9.58
N ASP A 73 37.86 -5.70 8.99
CA ASP A 73 36.54 -6.24 8.77
C ASP A 73 36.40 -6.46 7.26
N PHE A 74 36.68 -7.67 6.82
CA PHE A 74 36.65 -8.04 5.41
C PHE A 74 35.57 -9.10 5.20
N ARG A 75 34.37 -8.81 5.69
CA ARG A 75 33.24 -9.74 5.57
C ARG A 75 32.54 -9.63 4.22
N CYS A 76 32.01 -10.77 3.77
CA CYS A 76 31.02 -10.83 2.71
C CYS A 76 31.53 -10.20 1.41
N ASN A 77 32.74 -10.58 1.03
CA ASN A 77 33.22 -10.32 -0.31
C ASN A 77 33.02 -11.51 -1.22
N CYS A 78 32.60 -12.63 -0.68
CA CYS A 78 32.25 -13.79 -1.48
C CYS A 78 31.24 -14.60 -0.67
N VAL A 79 30.03 -14.08 -0.55
CA VAL A 79 29.04 -14.75 0.31
C VAL A 79 28.64 -16.08 -0.33
N PRO A 80 28.48 -17.14 0.47
CA PRO A 80 27.88 -18.38 -0.04
C PRO A 80 26.62 -18.09 -0.84
N ILE A 81 26.45 -18.82 -1.95
CA ILE A 81 25.48 -18.42 -2.96
C ILE A 81 24.04 -18.41 -2.41
N ARG A 82 23.65 -19.40 -1.60
CA ARG A 82 22.26 -19.39 -1.12
C ARG A 82 22.00 -18.25 -0.14
N LEU A 83 23.06 -17.68 0.42
CA LEU A 83 22.93 -16.59 1.37
C LEU A 83 23.05 -15.22 0.72
N GLY A 84 23.69 -15.14 -0.45
CA GLY A 84 24.02 -13.88 -1.08
C GLY A 84 23.15 -13.51 -2.28
N SER A 85 23.53 -12.38 -2.86
CA SER A 85 22.89 -11.87 -4.07
C SER A 85 22.85 -12.94 -5.16
N LYS A 86 21.70 -13.07 -5.82
CA LYS A 86 21.70 -13.84 -7.06
C LYS A 86 21.96 -12.98 -8.29
N SER A 87 21.79 -11.66 -8.16
CA SER A 87 22.07 -10.73 -9.26
C SER A 87 23.56 -10.40 -9.35
N ASN A 88 24.28 -10.46 -8.24
CA ASN A 88 25.74 -10.30 -8.22
C ASN A 88 26.33 -11.44 -7.39
N MET A 89 26.20 -12.68 -7.90
CA MET A 89 26.77 -13.85 -7.24
C MET A 89 28.28 -13.76 -7.22
N CYS A 90 28.89 -14.37 -6.21
CA CYS A 90 30.34 -14.41 -6.19
C CYS A 90 30.84 -15.54 -7.09
N PRO A 91 31.78 -15.24 -8.01
CA PRO A 91 32.22 -16.24 -8.99
C PRO A 91 33.29 -17.19 -8.46
N ARG A 92 34.26 -16.65 -7.73
CA ARG A 92 35.35 -17.48 -7.24
C ARG A 92 35.60 -17.09 -5.79
N ARG A 93 35.88 -18.08 -4.94
CA ARG A 93 35.98 -17.78 -3.54
C ARG A 93 37.17 -16.85 -3.31
N LEU A 94 37.12 -16.12 -2.20
CA LEU A 94 38.19 -15.21 -1.84
C LEU A 94 39.51 -15.97 -1.77
N GLN A 95 40.58 -15.35 -2.29
CA GLN A 95 41.91 -15.93 -2.30
C GLN A 95 42.81 -15.13 -1.38
N ILE A 96 43.36 -15.77 -0.36
CA ILE A 96 44.24 -15.09 0.59
C ILE A 96 45.67 -15.58 0.35
N LYS A 97 46.53 -14.68 -0.12
CA LYS A 97 47.91 -15.05 -0.43
C LYS A 97 48.71 -15.23 0.87
N PRO A 98 49.82 -15.97 0.81
CA PRO A 98 50.68 -16.09 2.00
C PRO A 98 51.19 -14.73 2.47
N ARG A 99 51.37 -14.62 3.79
CA ARG A 99 52.01 -13.49 4.41
C ARG A 99 51.17 -12.21 4.31
N SER A 100 49.87 -12.35 4.02
CA SER A 100 49.00 -11.19 3.86
C SER A 100 48.68 -10.51 5.18
N PHE A 101 48.75 -11.23 6.29
CA PHE A 101 48.38 -10.68 7.59
C PHE A 101 49.52 -10.68 8.59
N SER A 102 50.59 -11.44 8.33
CA SER A 102 51.64 -11.64 9.32
C SER A 102 52.32 -10.33 9.70
N GLY A 103 52.34 -9.37 8.78
CA GLY A 103 52.95 -8.07 9.05
C GLY A 103 52.18 -7.16 10.00
N LEU A 104 50.88 -7.39 10.19
CA LEU A 104 50.09 -6.44 10.99
C LEU A 104 50.22 -6.82 12.47
N THR A 105 51.35 -6.38 13.04
CA THR A 105 51.85 -6.67 14.38
C THR A 105 50.88 -6.22 15.46
N TYR A 106 49.87 -5.42 15.12
CA TYR A 106 48.91 -4.94 16.09
C TYR A 106 47.50 -5.48 15.84
N LEU A 107 47.34 -6.36 14.86
CA LEU A 107 46.01 -6.80 14.46
C LEU A 107 45.36 -7.59 15.59
N LYS A 108 44.25 -7.08 16.13
CA LYS A 108 43.57 -7.73 17.22
C LYS A 108 42.20 -8.33 16.86
N SER A 109 41.66 -8.00 15.67
CA SER A 109 40.36 -8.50 15.23
C SER A 109 40.42 -8.74 13.74
N LEU A 110 40.01 -9.92 13.29
CA LEU A 110 40.00 -10.26 11.88
C LEU A 110 38.66 -10.91 11.58
N TYR A 111 37.79 -10.18 10.87
CA TYR A 111 36.50 -10.68 10.41
C TYR A 111 36.63 -11.13 8.96
N LEU A 112 36.52 -12.44 8.71
CA LEU A 112 36.53 -12.94 7.35
C LEU A 112 35.29 -13.77 7.08
N ASP A 113 34.18 -13.44 7.74
CA ASP A 113 32.92 -14.12 7.50
C ASP A 113 32.48 -13.98 6.05
N GLY A 114 31.80 -15.01 5.55
CA GLY A 114 31.14 -14.97 4.27
C GLY A 114 32.01 -14.78 3.05
N ASN A 115 33.11 -15.55 2.92
CA ASN A 115 33.97 -15.48 1.73
C ASN A 115 34.20 -16.84 1.07
N GLN A 116 33.47 -17.90 1.50
CA GLN A 116 33.65 -19.26 0.99
C GLN A 116 35.09 -19.76 1.18
N LEU A 117 35.70 -19.37 2.30
CA LEU A 117 37.03 -19.84 2.65
C LEU A 117 37.00 -21.36 2.87
N LEU A 118 37.98 -22.05 2.32
CA LEU A 118 38.06 -23.50 2.49
C LEU A 118 38.78 -23.94 3.76
N GLU A 119 39.65 -23.09 4.30
CA GLU A 119 40.53 -23.49 5.40
C GLU A 119 40.73 -22.29 6.33
N ILE A 120 41.17 -22.57 7.55
CA ILE A 120 41.47 -21.46 8.46
C ILE A 120 42.70 -20.74 7.92
N PRO A 121 42.61 -19.44 7.63
CA PRO A 121 43.76 -18.71 7.09
C PRO A 121 44.96 -18.77 8.02
N GLN A 122 46.15 -18.98 7.45
CA GLN A 122 47.35 -19.11 8.27
C GLN A 122 48.25 -17.89 8.13
N GLY A 123 49.33 -17.90 8.90
CA GLY A 123 50.10 -16.68 9.04
C GLY A 123 49.43 -15.61 9.86
N LEU A 124 48.58 -15.98 10.78
CA LEU A 124 48.05 -14.78 11.41
C LEU A 124 48.94 -14.34 12.56
N PRO A 125 48.99 -13.03 12.83
CA PRO A 125 49.94 -12.52 13.82
C PRO A 125 49.48 -12.81 15.24
N PRO A 126 50.42 -12.98 16.18
CA PRO A 126 50.06 -13.36 17.57
C PRO A 126 49.30 -12.30 18.35
N SER A 127 49.09 -11.10 17.82
CA SER A 127 48.28 -10.13 18.54
C SER A 127 46.81 -10.51 18.49
N LEU A 128 46.44 -11.41 17.58
CA LEU A 128 45.04 -11.58 17.21
C LEU A 128 44.26 -12.12 18.40
N GLN A 129 43.20 -11.41 18.77
CA GLN A 129 42.33 -11.81 19.86
C GLN A 129 40.96 -12.29 19.41
N LEU A 130 40.38 -11.73 18.34
CA LEU A 130 39.09 -12.12 17.80
C LEU A 130 39.27 -12.61 16.37
N LEU A 131 38.74 -13.80 16.05
CA LEU A 131 38.77 -14.31 14.69
C LEU A 131 37.39 -14.79 14.32
N SER A 132 36.82 -14.26 13.24
CA SER A 132 35.46 -14.58 12.82
C SER A 132 35.49 -15.19 11.43
N LEU A 133 34.88 -16.37 11.30
CA LEU A 133 34.86 -17.08 10.02
C LEU A 133 33.50 -17.69 9.74
N GLU A 134 32.43 -17.07 10.28
CA GLU A 134 31.07 -17.55 9.99
C GLU A 134 30.77 -17.54 8.48
N ALA A 135 29.90 -18.46 8.06
CA ALA A 135 29.41 -18.55 6.69
C ALA A 135 30.55 -18.71 5.67
N ASN A 136 31.56 -19.52 6.02
CA ASN A 136 32.53 -19.99 5.04
C ASN A 136 32.25 -21.47 4.80
N ASN A 137 33.23 -22.16 4.20
CA ASN A 137 33.10 -23.61 3.98
C ASN A 137 34.21 -24.37 4.70
N ILE A 138 34.37 -24.13 5.98
CA ILE A 138 35.43 -24.72 6.78
C ILE A 138 34.73 -25.66 7.73
N PHE A 139 34.78 -26.96 7.46
CA PHE A 139 34.03 -27.92 8.27
C PHE A 139 34.88 -29.06 8.77
N SER A 140 36.20 -28.88 8.80
CA SER A 140 37.08 -29.85 9.44
C SER A 140 38.16 -29.06 10.18
N ILE A 141 38.05 -29.03 11.51
CA ILE A 141 38.96 -28.26 12.36
C ILE A 141 40.05 -29.19 12.88
N ARG A 142 41.31 -28.89 12.53
CA ARG A 142 42.46 -29.67 12.95
C ARG A 142 43.36 -28.87 13.90
N LYS A 143 43.85 -29.57 14.93
CA LYS A 143 44.66 -28.95 15.98
C LYS A 143 45.86 -28.19 15.41
N GLU A 144 46.49 -28.72 14.36
CA GLU A 144 47.61 -28.06 13.72
C GLU A 144 47.22 -26.70 13.16
N GLN A 145 46.04 -26.60 12.54
CA GLN A 145 45.62 -25.33 11.94
C GLN A 145 45.27 -24.27 12.98
N LEU A 146 45.19 -24.62 14.26
CA LEU A 146 44.88 -23.66 15.29
C LEU A 146 46.07 -23.31 16.17
N THR A 147 47.25 -23.86 15.91
CA THR A 147 48.43 -23.49 16.68
C THR A 147 48.66 -21.98 16.60
N GLU A 148 48.55 -21.41 15.40
CA GLU A 148 48.76 -19.97 15.18
C GLU A 148 47.89 -19.10 16.08
N LEU A 149 46.81 -19.61 16.63
CA LEU A 149 45.87 -18.80 17.39
C LEU A 149 46.10 -18.88 18.90
N ALA A 150 47.36 -18.94 19.33
CA ALA A 150 47.68 -19.14 20.75
C ALA A 150 47.00 -18.12 21.64
N ASN A 151 47.01 -16.85 21.25
CA ASN A 151 46.42 -15.80 22.06
C ASN A 151 44.94 -15.58 21.80
N ILE A 152 44.29 -16.44 21.02
CA ILE A 152 42.93 -16.13 20.60
C ILE A 152 42.00 -16.17 21.81
N GLU A 153 41.02 -15.26 21.81
CA GLU A 153 40.01 -15.23 22.87
C GLU A 153 38.56 -15.39 22.37
N ILE A 154 38.24 -14.94 21.15
CA ILE A 154 36.88 -15.07 20.62
C ILE A 154 36.96 -15.69 19.23
N LEU A 155 36.22 -16.78 19.05
CA LEU A 155 36.34 -17.64 17.88
C LEU A 155 34.94 -17.96 17.36
N TYR A 156 34.58 -17.39 16.19
CA TYR A 156 33.30 -17.64 15.54
C TYR A 156 33.55 -18.55 14.35
N LEU A 157 33.07 -19.79 14.43
CA LEU A 157 33.25 -20.74 13.34
C LEU A 157 31.92 -21.27 12.81
N GLY A 158 30.79 -20.69 13.24
CA GLY A 158 29.49 -21.20 12.88
C GLY A 158 29.09 -20.93 11.43
N GLN A 159 27.94 -21.51 11.06
CA GLN A 159 27.29 -21.37 9.75
C GLN A 159 28.21 -21.82 8.60
N ASN A 160 29.11 -22.75 8.90
CA ASN A 160 29.92 -23.36 7.84
C ASN A 160 29.31 -24.64 7.30
N CYS A 161 28.23 -25.14 7.89
CA CYS A 161 27.62 -26.36 7.36
C CYS A 161 26.18 -26.46 7.87
N TYR A 162 25.24 -25.86 7.13
CA TYR A 162 23.81 -25.94 7.45
C TYR A 162 23.00 -25.70 6.16
N TYR A 163 21.67 -25.62 6.27
CA TYR A 163 20.83 -25.73 5.07
C TYR A 163 21.04 -24.56 4.10
N ARG A 164 21.36 -23.36 4.59
CA ARG A 164 21.68 -22.26 3.69
C ARG A 164 23.12 -22.28 3.21
N ASN A 165 23.93 -23.24 3.68
CA ASN A 165 25.35 -23.26 3.34
C ASN A 165 25.86 -24.67 3.59
N PRO A 166 25.46 -25.62 2.75
CA PRO A 166 25.69 -27.03 3.08
C PRO A 166 27.10 -27.49 2.78
N CYS A 167 27.62 -28.38 3.63
CA CYS A 167 28.90 -29.03 3.38
C CYS A 167 28.77 -30.52 3.10
N TYR A 168 27.60 -31.11 3.30
CA TYR A 168 27.24 -32.47 2.90
C TYR A 168 27.95 -33.56 3.69
N VAL A 169 28.71 -33.21 4.73
CA VAL A 169 29.30 -34.17 5.65
C VAL A 169 29.01 -33.71 7.06
N SER A 170 29.43 -34.51 8.02
CA SER A 170 29.39 -34.06 9.40
C SER A 170 30.59 -33.17 9.66
N TYR A 171 30.42 -32.26 10.61
CA TYR A 171 31.54 -31.45 11.06
C TYR A 171 32.57 -32.35 11.73
N SER A 172 33.83 -32.09 11.49
CA SER A 172 34.92 -32.84 12.12
C SER A 172 35.74 -31.86 12.95
N ILE A 173 35.95 -32.23 14.20
CA ILE A 173 36.83 -31.52 15.11
C ILE A 173 37.80 -32.55 15.65
N GLU A 174 39.09 -32.33 15.42
CA GLU A 174 40.08 -33.23 15.96
C GLU A 174 40.01 -33.21 17.49
N LYS A 175 40.18 -34.38 18.11
CA LYS A 175 40.24 -34.46 19.57
C LYS A 175 41.22 -33.41 20.10
N ASP A 176 40.79 -32.69 21.14
CA ASP A 176 41.56 -31.66 21.85
C ASP A 176 41.98 -30.48 20.97
N ALA A 177 41.28 -30.26 19.85
CA ALA A 177 41.71 -29.24 18.90
C ALA A 177 41.86 -27.87 19.56
N PHE A 178 40.97 -27.53 20.50
CA PHE A 178 40.92 -26.22 21.13
C PHE A 178 41.60 -26.16 22.49
N LEU A 179 42.20 -27.27 22.98
CA LEU A 179 42.66 -27.34 24.37
C LEU A 179 43.80 -26.38 24.64
N ASN A 180 44.75 -26.29 23.70
CA ASN A 180 45.88 -25.39 23.83
C ASN A 180 45.54 -23.92 23.58
N LEU A 181 44.32 -23.59 23.12
CA LEU A 181 43.91 -22.18 23.06
C LEU A 181 43.66 -21.73 24.50
N THR A 182 44.75 -21.39 25.17
CA THR A 182 44.76 -21.14 26.60
C THR A 182 44.06 -19.85 27.01
N LYS A 183 43.67 -19.00 26.05
CA LYS A 183 42.97 -17.77 26.36
C LYS A 183 41.57 -17.74 25.77
N LEU A 184 41.13 -18.83 25.16
CA LEU A 184 39.84 -18.85 24.48
C LEU A 184 38.71 -18.62 25.49
N LYS A 185 37.91 -17.58 25.26
CA LYS A 185 36.79 -17.30 26.13
C LYS A 185 35.44 -17.50 25.45
N VAL A 186 35.35 -17.26 24.15
CA VAL A 186 34.12 -17.45 23.39
C VAL A 186 34.43 -18.40 22.25
N LEU A 187 33.64 -19.46 22.16
CA LEU A 187 33.73 -20.42 21.07
C LEU A 187 32.30 -20.58 20.55
N SER A 188 32.10 -20.35 19.27
CA SER A 188 30.79 -20.49 18.65
C SER A 188 30.91 -21.48 17.50
N LEU A 189 30.16 -22.57 17.58
CA LEU A 189 30.15 -23.60 16.54
C LEU A 189 28.72 -23.89 16.09
N LYS A 190 27.86 -22.88 16.17
CA LYS A 190 26.45 -22.99 15.81
C LYS A 190 26.26 -23.24 14.31
N ASP A 191 25.16 -23.88 13.97
CA ASP A 191 24.74 -24.08 12.57
C ASP A 191 25.85 -24.78 11.76
N ASN A 192 26.38 -25.89 12.29
CA ASN A 192 27.58 -26.48 11.71
C ASN A 192 27.53 -27.98 11.43
N ASN A 193 26.41 -28.66 11.69
CA ASN A 193 26.35 -30.13 11.55
C ASN A 193 27.35 -30.82 12.49
N VAL A 194 27.53 -30.25 13.67
CA VAL A 194 28.34 -30.88 14.69
C VAL A 194 27.56 -32.04 15.31
N THR A 195 28.24 -33.17 15.55
CA THR A 195 27.55 -34.33 16.09
C THR A 195 27.89 -34.62 17.55
N THR A 196 29.03 -34.17 18.06
CA THR A 196 29.34 -34.37 19.47
C THR A 196 29.95 -33.09 20.01
N VAL A 197 29.77 -32.85 21.31
CA VAL A 197 30.48 -31.76 21.97
C VAL A 197 31.98 -31.96 21.86
N PRO A 198 32.72 -31.08 21.19
CA PRO A 198 34.16 -31.33 21.02
C PRO A 198 34.85 -31.27 22.37
N THR A 199 35.77 -32.20 22.60
CA THR A 199 36.50 -32.32 23.85
C THR A 199 37.98 -32.55 23.56
N VAL A 200 38.86 -32.11 24.46
CA VAL A 200 38.55 -31.35 25.64
C VAL A 200 38.60 -29.84 25.34
N LEU A 201 37.72 -29.10 25.94
CA LEU A 201 37.77 -27.68 25.67
C LEU A 201 38.62 -26.95 26.71
N PRO A 202 39.19 -25.80 26.35
CA PRO A 202 39.92 -25.02 27.35
C PRO A 202 38.99 -24.50 28.44
N SER A 203 39.49 -24.54 29.69
CA SER A 203 38.75 -24.07 30.86
C SER A 203 38.65 -22.55 30.98
N THR A 204 39.34 -21.79 30.11
CA THR A 204 39.08 -20.35 30.04
C THR A 204 37.68 -20.00 29.53
N LEU A 205 37.02 -20.88 28.76
CA LEU A 205 35.72 -20.54 28.14
C LEU A 205 34.74 -19.91 29.14
N THR A 206 34.18 -18.76 28.75
CA THR A 206 33.04 -18.22 29.45
C THR A 206 31.74 -18.38 28.68
N GLU A 207 31.82 -18.59 27.37
CA GLU A 207 30.65 -18.69 26.49
C GLU A 207 30.87 -19.80 25.48
N LEU A 208 29.91 -20.71 25.37
CA LEU A 208 29.99 -21.81 24.42
C LEU A 208 28.67 -21.90 23.67
N TYR A 209 28.74 -21.86 22.34
CA TYR A 209 27.56 -21.85 21.47
C TYR A 209 27.65 -23.08 20.57
N LEU A 210 26.78 -24.06 20.83
CA LEU A 210 26.73 -25.32 20.10
C LEU A 210 25.37 -25.56 19.46
N TYR A 211 24.58 -24.51 19.30
CA TYR A 211 23.19 -24.69 18.92
C TYR A 211 23.03 -24.95 17.43
N ASN A 212 21.87 -25.50 17.08
CA ASN A 212 21.53 -25.91 15.72
C ASN A 212 22.60 -26.82 15.11
N ASN A 213 22.77 -27.98 15.73
CA ASN A 213 23.71 -28.98 15.25
C ASN A 213 23.00 -30.32 15.30
N MET A 214 23.76 -31.41 15.18
CA MET A 214 23.24 -32.78 15.21
C MET A 214 23.83 -33.55 16.39
N ILE A 215 23.91 -32.90 17.55
CA ILE A 215 24.33 -33.52 18.78
C ILE A 215 23.10 -34.15 19.41
N ALA A 216 23.11 -35.47 19.59
CA ALA A 216 21.98 -36.15 20.19
C ALA A 216 22.24 -36.54 21.65
N GLU A 217 23.49 -36.58 22.06
CA GLU A 217 23.78 -36.95 23.43
C GLU A 217 24.88 -36.07 23.99
N ILE A 218 24.71 -35.64 25.23
CA ILE A 218 25.78 -34.99 25.99
C ILE A 218 26.48 -36.06 26.82
N GLN A 219 27.79 -36.16 26.72
CA GLN A 219 28.51 -37.04 27.61
C GLN A 219 28.57 -36.41 29.00
N GLU A 220 28.72 -37.26 30.01
CA GLU A 220 28.61 -36.81 31.38
C GLU A 220 29.76 -35.89 31.78
N ASP A 221 30.86 -35.96 31.05
CA ASP A 221 32.06 -35.18 31.30
C ASP A 221 32.34 -34.14 30.22
N ASP A 222 31.39 -33.88 29.31
CA ASP A 222 31.64 -32.94 28.22
C ASP A 222 31.99 -31.54 28.73
N PHE A 223 31.42 -31.10 29.85
CA PHE A 223 31.68 -29.78 30.39
C PHE A 223 32.43 -29.83 31.74
N ASN A 224 33.17 -30.92 32.01
CA ASN A 224 33.82 -31.14 33.32
C ASN A 224 34.76 -30.02 33.73
N ASN A 225 35.49 -29.45 32.79
CA ASN A 225 36.48 -28.45 33.16
C ASN A 225 36.00 -27.03 32.94
N LEU A 226 34.79 -26.82 32.45
CA LEU A 226 34.32 -25.46 32.13
C LEU A 226 33.79 -24.78 33.39
N ASN A 227 34.69 -24.62 34.36
CA ASN A 227 34.30 -24.00 35.62
C ASN A 227 34.25 -22.49 35.57
N GLN A 228 34.67 -21.87 34.46
CA GLN A 228 34.52 -20.45 34.19
C GLN A 228 33.36 -20.14 33.26
N LEU A 229 32.54 -21.11 32.91
CA LEU A 229 31.61 -20.91 31.81
C LEU A 229 30.38 -20.13 32.27
N GLN A 230 29.89 -19.23 31.42
CA GLN A 230 28.79 -18.36 31.82
C GLN A 230 27.57 -18.47 30.95
N ILE A 231 27.74 -18.77 29.67
CA ILE A 231 26.66 -18.93 28.74
C ILE A 231 26.87 -20.27 28.06
N LEU A 232 25.86 -21.14 28.12
CA LEU A 232 25.83 -22.37 27.36
C LEU A 232 24.54 -22.38 26.53
N ASP A 233 24.71 -22.57 25.23
CA ASP A 233 23.58 -22.66 24.33
C ASP A 233 23.68 -24.00 23.60
N LEU A 234 22.79 -24.91 23.95
CA LEU A 234 22.67 -26.21 23.27
C LEU A 234 21.37 -26.32 22.46
N SER A 235 20.75 -25.19 22.13
CA SER A 235 19.43 -25.20 21.50
C SER A 235 19.49 -25.86 20.12
N GLY A 236 18.35 -26.39 19.66
CA GLY A 236 18.29 -26.93 18.30
C GLY A 236 19.16 -28.14 18.02
N ASN A 237 19.38 -28.98 19.03
CA ASN A 237 19.88 -30.34 18.85
C ASN A 237 18.75 -31.26 19.30
N CYS A 238 18.27 -32.13 18.39
CA CYS A 238 16.96 -32.75 18.56
C CYS A 238 15.87 -31.68 18.55
N PRO A 239 15.70 -30.95 17.44
CA PRO A 239 14.70 -29.88 17.42
C PRO A 239 13.28 -30.42 17.47
N ARG A 240 12.41 -29.62 18.04
CA ARG A 240 10.99 -29.74 17.83
C ARG A 240 10.63 -29.05 16.51
N CYS A 241 10.14 -29.81 15.55
CA CYS A 241 10.03 -29.33 14.18
C CYS A 241 8.63 -28.90 13.76
N TYR A 242 7.66 -28.85 14.66
CA TYR A 242 6.31 -28.53 14.22
C TYR A 242 6.24 -27.07 13.76
N ASN A 243 5.69 -26.86 12.56
CA ASN A 243 5.61 -25.54 11.95
C ASN A 243 6.97 -24.85 11.87
N ALA A 244 8.04 -25.61 11.72
CA ALA A 244 9.34 -24.99 11.54
C ALA A 244 9.36 -24.26 10.22
N PRO A 245 9.75 -23.02 10.18
CA PRO A 245 9.77 -22.29 8.90
C PRO A 245 11.10 -22.48 8.18
N PHE A 246 11.85 -23.49 8.58
CA PHE A 246 13.11 -23.86 7.96
C PHE A 246 13.15 -25.38 7.90
N PRO A 247 13.99 -25.96 7.05
CA PRO A 247 14.11 -27.42 7.02
C PRO A 247 14.60 -27.95 8.35
N CYS A 248 13.90 -28.94 8.89
CA CYS A 248 14.02 -29.35 10.29
C CYS A 248 13.93 -30.85 10.40
N THR A 249 14.97 -31.48 10.92
CA THR A 249 14.99 -32.92 11.13
C THR A 249 15.09 -33.24 12.60
N PRO A 250 14.10 -33.88 13.20
CA PRO A 250 14.16 -34.21 14.63
C PRO A 250 15.07 -35.41 14.89
N CYS A 251 15.42 -35.60 16.17
CA CYS A 251 16.16 -36.78 16.54
C CYS A 251 15.25 -37.99 16.37
N LYS A 252 15.84 -39.18 16.19
CA LYS A 252 15.05 -40.36 15.92
C LYS A 252 14.01 -40.58 17.01
N ASN A 253 12.84 -41.05 16.61
CA ASN A 253 11.70 -41.27 17.51
C ASN A 253 11.32 -40.00 18.25
N ASN A 254 11.61 -38.85 17.64
CA ASN A 254 11.44 -37.52 18.22
C ASN A 254 12.06 -37.46 19.61
N SER A 255 13.12 -38.24 19.81
CA SER A 255 13.83 -38.36 21.07
C SER A 255 14.36 -37.00 21.51
N PRO A 256 14.43 -36.74 22.81
CA PRO A 256 15.11 -35.54 23.29
C PRO A 256 16.62 -35.62 23.13
N LEU A 257 17.22 -34.46 23.24
CA LEU A 257 18.63 -34.38 23.55
C LEU A 257 18.86 -35.04 24.91
N GLN A 258 19.77 -36.00 24.95
CA GLN A 258 20.03 -36.74 26.19
C GLN A 258 21.17 -36.03 26.94
N ILE A 259 20.85 -35.48 28.11
CA ILE A 259 21.79 -34.78 28.96
C ILE A 259 21.84 -35.48 30.30
N PRO A 260 22.97 -36.07 30.67
CA PRO A 260 23.08 -36.71 31.99
C PRO A 260 22.72 -35.72 33.10
N VAL A 261 22.07 -36.22 34.16
CA VAL A 261 21.66 -35.37 35.26
C VAL A 261 22.83 -34.60 35.88
N ASN A 262 24.06 -35.05 35.66
CA ASN A 262 25.21 -34.41 36.29
C ASN A 262 26.05 -33.64 35.28
N ALA A 263 25.55 -33.44 34.05
CA ALA A 263 26.35 -32.81 33.02
C ALA A 263 26.77 -31.37 33.36
N PHE A 264 26.02 -30.67 34.19
CA PHE A 264 26.31 -29.27 34.47
C PHE A 264 27.04 -29.05 35.80
N ASP A 265 27.47 -30.13 36.46
CA ASP A 265 27.95 -30.03 37.84
C ASP A 265 29.18 -29.14 37.97
N ALA A 266 29.99 -29.02 36.92
CA ALA A 266 31.12 -28.10 36.99
C ALA A 266 30.75 -26.65 36.65
N LEU A 267 29.57 -26.38 36.10
CA LEU A 267 29.25 -25.04 35.60
C LEU A 267 28.79 -24.10 36.73
N THR A 268 29.65 -23.97 37.76
CA THR A 268 29.29 -23.23 38.97
C THR A 268 28.95 -21.79 38.66
N GLU A 269 29.54 -21.26 37.59
CA GLU A 269 29.42 -19.88 37.15
C GLU A 269 28.39 -19.64 36.05
N LEU A 270 27.53 -20.61 35.75
CA LEU A 270 26.58 -20.47 34.65
C LEU A 270 25.54 -19.39 34.95
N LYS A 271 25.43 -18.40 34.07
CA LYS A 271 24.35 -17.43 34.18
C LYS A 271 23.26 -17.64 33.14
N VAL A 272 23.59 -18.19 31.97
CA VAL A 272 22.63 -18.36 30.88
C VAL A 272 22.70 -19.80 30.39
N LEU A 273 21.55 -20.48 30.40
CA LEU A 273 21.43 -21.83 29.86
C LEU A 273 20.29 -21.81 28.85
N ARG A 274 20.62 -22.02 27.60
CA ARG A 274 19.60 -22.05 26.55
C ARG A 274 19.40 -23.49 26.10
N LEU A 275 18.22 -24.04 26.37
CA LEU A 275 17.88 -25.37 25.86
C LEU A 275 16.57 -25.25 25.10
N HIS A 276 16.57 -24.32 24.14
CA HIS A 276 15.43 -24.10 23.24
C HIS A 276 15.39 -25.19 22.17
N SER A 277 14.20 -25.69 21.88
CA SER A 277 14.01 -26.66 20.79
C SER A 277 14.95 -27.85 20.93
N ASN A 278 14.88 -28.54 22.06
CA ASN A 278 15.64 -29.76 22.26
C ASN A 278 14.73 -30.96 22.50
N SER A 279 13.42 -30.80 22.29
CA SER A 279 12.44 -31.88 22.43
C SER A 279 12.47 -32.49 23.83
N LEU A 280 12.77 -31.66 24.83
CA LEU A 280 12.77 -32.11 26.21
C LEU A 280 11.35 -32.39 26.67
N GLN A 281 11.15 -33.54 27.33
CA GLN A 281 9.89 -33.84 27.98
C GLN A 281 9.93 -33.73 29.50
N HIS A 282 11.10 -33.68 30.11
CA HIS A 282 11.23 -33.44 31.55
C HIS A 282 12.46 -32.59 31.78
N VAL A 283 12.43 -31.88 32.90
CA VAL A 283 13.55 -31.08 33.36
C VAL A 283 13.97 -31.63 34.72
N PRO A 284 14.95 -32.52 34.75
CA PRO A 284 15.36 -33.12 36.03
C PRO A 284 15.86 -32.05 36.99
N PRO A 285 15.26 -31.95 38.19
CA PRO A 285 15.82 -31.07 39.23
C PRO A 285 17.31 -31.23 39.45
N ARG A 286 17.85 -32.43 39.23
CA ARG A 286 19.25 -32.70 39.55
C ARG A 286 20.19 -31.89 38.67
N TRP A 287 19.72 -31.49 37.48
CA TRP A 287 20.48 -30.60 36.58
C TRP A 287 21.06 -29.38 37.30
N PHE A 288 20.32 -28.80 38.25
CA PHE A 288 20.63 -27.47 38.76
C PHE A 288 21.20 -27.51 40.17
N LYS A 289 21.73 -28.68 40.58
CA LYS A 289 22.19 -28.85 41.95
C LYS A 289 23.37 -27.94 42.26
N ASN A 290 24.33 -27.83 41.35
CA ASN A 290 25.50 -26.99 41.51
C ASN A 290 25.46 -25.69 40.72
N ILE A 291 24.35 -25.38 40.06
CA ILE A 291 24.16 -24.08 39.44
C ILE A 291 23.30 -23.27 40.39
N ASN A 292 23.93 -22.32 41.08
CA ASN A 292 23.17 -21.49 42.01
C ASN A 292 23.23 -20.03 41.63
N ASN A 293 23.74 -19.71 40.44
CA ASN A 293 23.74 -18.34 39.95
C ASN A 293 23.04 -18.22 38.59
N LEU A 294 22.23 -19.21 38.21
CA LEU A 294 21.52 -19.15 36.94
C LEU A 294 20.52 -18.00 36.93
N GLN A 295 20.58 -17.19 35.89
CA GLN A 295 19.71 -16.03 35.79
C GLN A 295 18.78 -16.08 34.59
N GLU A 296 19.17 -16.79 33.53
CA GLU A 296 18.41 -16.86 32.29
C GLU A 296 18.32 -18.34 31.88
N LEU A 297 17.09 -18.83 31.72
CA LEU A 297 16.82 -20.19 31.31
C LEU A 297 15.81 -20.16 30.16
N ASP A 298 16.24 -20.62 28.99
CA ASP A 298 15.38 -20.74 27.83
C ASP A 298 15.01 -22.22 27.63
N LEU A 299 13.74 -22.56 27.93
CA LEU A 299 13.19 -23.91 27.72
C LEU A 299 12.04 -23.91 26.70
N SER A 300 12.07 -22.98 25.75
CA SER A 300 11.02 -22.87 24.75
C SER A 300 11.17 -23.95 23.66
N GLN A 301 10.04 -24.28 23.03
CA GLN A 301 9.99 -25.22 21.90
C GLN A 301 10.42 -26.62 22.33
N ASN A 302 9.84 -27.11 23.42
CA ASN A 302 10.08 -28.47 23.82
C ASN A 302 8.73 -29.16 23.96
N PHE A 303 8.71 -30.27 24.70
CA PHE A 303 7.46 -30.94 25.01
C PHE A 303 7.30 -30.92 26.52
N LEU A 304 7.33 -29.73 27.11
CA LEU A 304 7.30 -29.61 28.56
C LEU A 304 5.94 -29.17 29.09
N ALA A 305 4.85 -29.39 28.33
CA ALA A 305 3.52 -28.99 28.78
C ALA A 305 3.17 -29.63 30.13
N LYS A 306 3.28 -30.97 30.21
CA LYS A 306 2.97 -31.65 31.48
C LYS A 306 3.90 -31.19 32.59
N GLU A 307 5.20 -31.06 32.27
CA GLU A 307 6.20 -30.60 33.22
C GLU A 307 5.89 -29.23 33.81
N ILE A 308 5.21 -28.35 33.06
CA ILE A 308 4.90 -27.02 33.58
C ILE A 308 4.02 -27.10 34.82
N GLY A 309 3.20 -28.15 34.91
CA GLY A 309 2.36 -28.35 36.07
C GLY A 309 3.07 -28.97 37.24
N ASP A 310 4.36 -29.26 37.10
CA ASP A 310 5.10 -30.02 38.10
C ASP A 310 6.31 -29.20 38.48
N ALA A 311 7.34 -29.23 37.61
CA ALA A 311 8.43 -28.26 37.62
C ALA A 311 9.11 -28.17 38.98
N LYS A 312 9.45 -29.34 39.54
CA LYS A 312 10.21 -29.35 40.78
C LYS A 312 11.57 -28.68 40.60
N PHE A 313 12.08 -28.56 39.36
CA PHE A 313 13.38 -27.92 39.17
C PHE A 313 13.37 -26.44 39.50
N LEU A 314 12.19 -25.79 39.52
CA LEU A 314 12.14 -24.37 39.85
C LEU A 314 12.66 -24.10 41.27
N HIS A 315 12.49 -25.06 42.20
CA HIS A 315 12.95 -24.90 43.58
C HIS A 315 14.45 -24.66 43.66
N PHE A 316 15.21 -24.97 42.61
CA PHE A 316 16.66 -24.80 42.61
C PHE A 316 17.07 -23.55 41.86
N LEU A 317 16.13 -22.65 41.59
CA LEU A 317 16.41 -21.48 40.75
C LEU A 317 15.91 -20.22 41.43
N PRO A 318 16.40 -19.93 42.65
CA PRO A 318 15.92 -18.74 43.35
C PRO A 318 16.55 -17.44 42.84
N ASN A 319 17.64 -17.52 42.08
CA ASN A 319 18.26 -16.34 41.49
C ASN A 319 17.89 -16.09 40.02
N LEU A 320 17.01 -16.90 39.45
CA LEU A 320 16.62 -16.80 38.05
C LEU A 320 15.91 -15.47 37.76
N ILE A 321 16.35 -14.75 36.72
CA ILE A 321 15.70 -13.49 36.36
C ILE A 321 14.67 -13.69 35.24
N GLN A 322 15.01 -14.46 34.20
CA GLN A 322 14.09 -14.76 33.11
C GLN A 322 13.86 -16.26 32.97
N LEU A 323 12.61 -16.66 32.72
CA LEU A 323 12.29 -18.05 32.44
C LEU A 323 11.37 -18.08 31.24
N ASP A 324 11.75 -18.82 30.22
CA ASP A 324 10.95 -18.95 29.01
C ASP A 324 10.45 -20.38 28.88
N LEU A 325 9.15 -20.57 28.94
CA LEU A 325 8.54 -21.88 28.74
C LEU A 325 7.65 -21.93 27.50
N SER A 326 7.91 -21.03 26.54
CA SER A 326 7.00 -20.83 25.42
C SER A 326 7.01 -22.00 24.43
N PHE A 327 5.85 -22.23 23.83
CA PHE A 327 5.66 -23.23 22.79
C PHE A 327 6.10 -24.62 23.25
N ASN A 328 5.44 -25.07 24.32
CA ASN A 328 5.58 -26.43 24.84
C ASN A 328 4.27 -27.20 24.76
N PHE A 329 3.25 -26.66 24.07
CA PHE A 329 1.96 -27.34 23.97
C PHE A 329 2.13 -28.72 23.36
N GLU A 330 1.28 -29.65 23.77
CA GLU A 330 1.30 -30.96 23.15
C GLU A 330 0.46 -30.93 21.89
N LEU A 331 0.98 -31.55 20.83
CA LEU A 331 0.32 -31.41 19.53
C LEU A 331 -1.08 -32.00 19.59
N GLN A 332 -2.04 -31.32 18.96
CA GLN A 332 -3.43 -31.72 18.86
C GLN A 332 -4.19 -31.60 20.18
N VAL A 333 -3.70 -30.81 21.12
CA VAL A 333 -4.44 -30.56 22.36
C VAL A 333 -4.83 -29.10 22.44
N TYR A 334 -6.06 -28.86 22.86
CA TYR A 334 -6.54 -27.53 23.19
C TYR A 334 -6.97 -27.61 24.64
N ARG A 335 -5.99 -27.55 25.54
CA ARG A 335 -6.26 -27.63 26.96
C ARG A 335 -7.33 -26.61 27.36
N ALA A 336 -8.09 -26.92 28.40
CA ALA A 336 -9.11 -26.00 28.84
C ALA A 336 -8.55 -24.92 29.75
N SER A 337 -7.42 -25.18 30.42
CA SER A 337 -6.87 -24.24 31.36
C SER A 337 -5.38 -24.47 31.47
N MET A 338 -4.71 -23.55 32.16
CA MET A 338 -3.26 -23.60 32.31
C MET A 338 -2.93 -24.05 33.72
N ASN A 339 -2.21 -25.16 33.81
CA ASN A 339 -1.79 -25.76 35.08
C ASN A 339 -0.34 -25.36 35.31
N LEU A 340 -0.12 -24.30 36.09
CA LEU A 340 1.23 -23.92 36.49
C LEU A 340 1.50 -24.43 37.90
N SER A 341 2.59 -25.16 38.06
CA SER A 341 2.87 -25.74 39.37
C SER A 341 3.07 -24.67 40.44
N GLN A 342 2.73 -25.02 41.68
CA GLN A 342 2.98 -24.10 42.78
C GLN A 342 4.47 -23.79 42.95
N ALA A 343 5.35 -24.60 42.35
CA ALA A 343 6.79 -24.37 42.44
C ALA A 343 7.22 -23.01 41.85
N PHE A 344 6.40 -22.41 40.97
CA PHE A 344 6.75 -21.08 40.44
C PHE A 344 6.95 -20.06 41.57
N SER A 345 6.27 -20.24 42.70
CA SER A 345 6.40 -19.32 43.81
C SER A 345 7.78 -19.30 44.44
N SER A 346 8.66 -20.24 44.13
CA SER A 346 10.02 -20.20 44.65
C SER A 346 10.97 -19.51 43.69
N LEU A 347 10.44 -18.79 42.69
CA LEU A 347 11.26 -18.07 41.72
C LEU A 347 11.33 -16.59 42.13
N LYS A 348 11.99 -16.35 43.26
CA LYS A 348 11.84 -15.07 43.96
C LYS A 348 12.52 -13.91 43.23
N SER A 349 13.58 -14.17 42.46
CA SER A 349 14.25 -13.14 41.67
C SER A 349 13.63 -12.92 40.30
N LEU A 350 12.57 -13.67 39.96
CA LEU A 350 12.06 -13.69 38.60
C LEU A 350 11.56 -12.31 38.17
N LYS A 351 12.10 -11.80 37.06
CA LYS A 351 11.59 -10.58 36.47
C LYS A 351 10.72 -10.84 35.25
N ILE A 352 11.07 -11.83 34.43
CA ILE A 352 10.40 -12.08 33.15
C ILE A 352 9.98 -13.55 33.03
N LEU A 353 8.69 -13.78 32.83
CA LEU A 353 8.15 -15.11 32.64
C LEU A 353 7.44 -15.10 31.30
N ARG A 354 7.86 -15.95 30.37
CA ARG A 354 7.19 -16.08 29.08
C ARG A 354 6.68 -17.50 28.91
N ILE A 355 5.36 -17.64 28.76
CA ILE A 355 4.71 -18.88 28.36
C ILE A 355 3.76 -18.59 27.22
N ARG A 356 4.30 -18.25 26.06
CA ARG A 356 3.47 -18.30 24.87
C ARG A 356 3.33 -19.76 24.43
N GLY A 357 2.36 -20.02 23.56
CA GLY A 357 2.27 -21.34 22.92
C GLY A 357 2.04 -22.50 23.86
N TYR A 358 1.30 -22.29 24.95
CA TYR A 358 0.79 -23.37 25.80
C TYR A 358 -0.57 -23.87 25.32
N VAL A 359 -1.37 -22.99 24.71
CA VAL A 359 -2.61 -23.29 23.99
C VAL A 359 -3.68 -23.79 24.95
N PHE A 360 -4.46 -22.86 25.50
CA PHE A 360 -5.53 -23.16 26.43
C PHE A 360 -6.69 -22.20 26.19
N LYS A 361 -7.89 -22.59 26.66
CA LYS A 361 -9.09 -21.84 26.30
C LYS A 361 -9.44 -20.75 27.29
N GLU A 362 -9.30 -21.02 28.58
CA GLU A 362 -9.65 -20.06 29.63
C GLU A 362 -8.47 -19.84 30.57
N LEU A 363 -8.21 -18.58 30.88
CA LEU A 363 -7.31 -18.20 31.96
C LEU A 363 -8.13 -17.65 33.11
N LYS A 364 -8.07 -18.32 34.25
CA LYS A 364 -8.80 -17.81 35.40
C LYS A 364 -7.80 -17.45 36.48
N SER A 365 -8.22 -16.52 37.34
CA SER A 365 -7.32 -15.84 38.26
C SER A 365 -6.56 -16.82 39.13
N PHE A 366 -7.21 -17.92 39.52
CA PHE A 366 -6.59 -18.83 40.47
C PHE A 366 -5.34 -19.49 39.87
N GLN A 367 -5.27 -19.61 38.53
CA GLN A 367 -4.15 -20.29 37.89
C GLN A 367 -2.85 -19.49 37.89
N LEU A 368 -2.89 -18.18 38.08
CA LEU A 368 -1.65 -17.44 38.21
C LEU A 368 -1.21 -17.27 39.67
N SER A 369 -1.95 -17.85 40.61
CA SER A 369 -1.66 -17.67 42.04
C SER A 369 -0.23 -18.02 42.42
N PRO A 370 0.44 -19.01 41.81
CA PRO A 370 1.86 -19.21 42.14
C PRO A 370 2.71 -17.99 41.88
N LEU A 371 2.23 -17.03 41.09
CA LEU A 371 3.00 -15.84 40.82
C LEU A 371 2.60 -14.64 41.69
N HIS A 372 1.57 -14.75 42.55
CA HIS A 372 1.02 -13.58 43.25
C HIS A 372 2.04 -12.85 44.11
N ASN A 373 3.01 -13.57 44.68
CA ASN A 373 3.97 -12.92 45.56
C ASN A 373 5.40 -13.03 45.03
N LEU A 374 5.56 -13.08 43.70
CA LEU A 374 6.90 -12.95 43.13
C LEU A 374 7.22 -11.47 43.05
N GLN A 375 8.05 -11.01 43.98
CA GLN A 375 8.12 -9.59 44.28
C GLN A 375 8.88 -8.81 43.23
N ASN A 376 9.54 -9.45 42.26
CA ASN A 376 10.21 -8.69 41.22
C ASN A 376 9.65 -8.97 39.83
N LEU A 377 8.45 -9.55 39.73
CA LEU A 377 7.90 -9.88 38.43
C LEU A 377 7.55 -8.58 37.69
N GLU A 378 8.18 -8.38 36.53
CA GLU A 378 7.96 -7.21 35.70
C GLU A 378 7.19 -7.53 34.43
N VAL A 379 7.42 -8.68 33.80
CA VAL A 379 6.76 -9.05 32.56
C VAL A 379 6.13 -10.42 32.72
N LEU A 380 4.83 -10.51 32.47
CA LEU A 380 4.10 -11.77 32.29
C LEU A 380 3.61 -11.81 30.84
N ASP A 381 4.11 -12.76 30.07
CA ASP A 381 3.83 -12.86 28.62
C ASP A 381 3.02 -14.14 28.33
N LEU A 382 1.73 -13.97 28.04
CA LEU A 382 0.85 -15.11 27.82
C LEU A 382 0.27 -15.09 26.41
N GLY A 383 1.03 -14.52 25.47
CA GLY A 383 0.53 -14.36 24.12
C GLY A 383 0.56 -15.67 23.34
N THR A 384 -0.12 -15.65 22.19
CA THR A 384 -0.16 -16.78 21.26
C THR A 384 -0.50 -18.04 22.04
N ASN A 385 -1.65 -17.97 22.71
CA ASN A 385 -2.16 -19.09 23.48
C ASN A 385 -3.59 -19.44 23.14
N PHE A 386 -4.24 -18.70 22.24
CA PHE A 386 -5.61 -18.98 21.84
C PHE A 386 -6.54 -18.99 23.04
N ILE A 387 -6.24 -18.14 24.03
CA ILE A 387 -7.16 -17.95 25.14
C ILE A 387 -8.45 -17.39 24.60
N LYS A 388 -9.57 -18.03 24.95
CA LYS A 388 -10.88 -17.53 24.54
C LYS A 388 -11.55 -16.71 25.62
N ILE A 389 -11.17 -16.89 26.89
CA ILE A 389 -11.86 -16.32 28.03
C ILE A 389 -10.84 -15.91 29.09
N ALA A 390 -10.91 -14.64 29.53
CA ALA A 390 -10.08 -14.17 30.63
C ALA A 390 -10.73 -12.97 31.28
N ASN A 391 -10.92 -13.04 32.60
CA ASN A 391 -11.44 -11.89 33.34
C ASN A 391 -10.27 -10.95 33.62
N LEU A 392 -10.22 -9.83 32.90
CA LEU A 392 -9.11 -8.89 32.98
C LEU A 392 -8.89 -8.35 34.38
N SER A 393 -9.92 -8.35 35.24
CA SER A 393 -9.77 -7.77 36.58
C SER A 393 -8.83 -8.57 37.45
N MET A 394 -8.53 -9.82 37.08
CA MET A 394 -7.52 -10.60 37.82
C MET A 394 -6.18 -9.89 37.84
N PHE A 395 -5.93 -8.96 36.94
CA PHE A 395 -4.59 -8.39 36.91
C PHE A 395 -4.43 -7.26 37.90
N LYS A 396 -5.47 -6.97 38.69
CA LYS A 396 -5.31 -6.12 39.87
C LYS A 396 -4.27 -6.67 40.83
N GLN A 397 -4.07 -8.00 40.84
CA GLN A 397 -3.02 -8.59 41.66
C GLN A 397 -1.66 -8.53 41.01
N PHE A 398 -1.53 -7.81 39.90
CA PHE A 398 -0.24 -7.65 39.27
C PHE A 398 0.06 -6.19 38.95
N LYS A 399 -0.52 -5.25 39.72
CA LYS A 399 -0.18 -3.82 39.63
C LYS A 399 1.32 -3.58 39.56
N ARG A 400 2.13 -4.45 40.18
CA ARG A 400 3.57 -4.22 40.24
C ARG A 400 4.24 -4.43 38.88
N LEU A 401 3.58 -5.13 37.96
CA LEU A 401 4.22 -5.51 36.72
C LEU A 401 4.22 -4.39 35.70
N LYS A 402 5.19 -4.47 34.79
CA LYS A 402 5.45 -3.45 33.79
C LYS A 402 4.66 -3.73 32.53
N VAL A 403 4.61 -4.99 32.10
CA VAL A 403 3.92 -5.39 30.89
C VAL A 403 3.17 -6.67 31.18
N ILE A 404 1.86 -6.67 30.92
CA ILE A 404 1.04 -7.88 30.87
C ILE A 404 0.64 -8.05 29.39
N ASP A 405 1.21 -9.05 28.74
CA ASP A 405 1.05 -9.25 27.30
C ASP A 405 0.13 -10.44 27.06
N LEU A 406 -1.14 -10.17 26.69
CA LEU A 406 -2.06 -11.21 26.22
C LEU A 406 -2.30 -11.14 24.72
N SER A 407 -1.36 -10.55 24.00
CA SER A 407 -1.40 -10.37 22.55
C SER A 407 -1.60 -11.70 21.78
N VAL A 408 -2.31 -11.62 20.66
CA VAL A 408 -2.46 -12.77 19.77
C VAL A 408 -3.14 -13.88 20.56
N ASN A 409 -4.38 -13.64 20.95
CA ASN A 409 -5.20 -14.67 21.57
C ASN A 409 -6.58 -14.54 20.94
N LYS A 410 -7.58 -15.21 21.52
CA LYS A 410 -8.94 -15.19 20.98
C LYS A 410 -9.92 -14.68 22.02
N ILE A 411 -9.49 -13.70 22.82
CA ILE A 411 -10.31 -13.20 23.91
C ILE A 411 -11.46 -12.36 23.37
N SER A 412 -12.65 -12.58 23.93
CA SER A 412 -13.90 -11.95 23.49
C SER A 412 -14.87 -11.93 24.66
N PRO A 413 -15.93 -11.09 24.58
CA PRO A 413 -16.88 -11.14 25.71
C PRO A 413 -17.71 -12.42 25.77
N VAL A 437 10.68 -5.69 23.74
CA VAL A 437 9.94 -5.95 22.51
C VAL A 437 10.62 -7.08 21.72
N LEU A 438 9.86 -8.12 21.34
CA LEU A 438 10.38 -9.30 20.66
C LEU A 438 10.16 -9.24 19.14
N GLU A 439 11.03 -9.95 18.41
CA GLU A 439 10.97 -10.03 16.95
C GLU A 439 9.68 -10.72 16.46
N GLN A 440 9.32 -10.43 15.19
CA GLN A 440 8.07 -10.93 14.62
C GLN A 440 8.15 -12.43 14.32
N LEU A 441 9.28 -12.90 13.80
CA LEU A 441 9.63 -14.31 13.80
C LEU A 441 10.74 -14.45 14.84
N TYR A 442 10.38 -15.04 15.99
CA TYR A 442 11.22 -15.00 17.18
C TYR A 442 11.39 -16.41 17.74
N TYR A 443 10.29 -17.00 18.19
CA TYR A 443 10.36 -18.38 18.67
C TYR A 443 10.49 -19.39 17.53
N PHE A 444 10.28 -18.96 16.29
CA PHE A 444 10.37 -19.88 15.18
C PHE A 444 11.53 -19.56 14.22
N ARG A 445 12.24 -18.45 14.43
CA ARG A 445 13.41 -18.14 13.62
C ARG A 445 14.46 -19.24 13.78
N TYR A 446 15.16 -19.58 12.69
CA TYR A 446 16.20 -20.58 12.76
C TYR A 446 17.33 -20.15 13.70
N ASP A 447 17.95 -19.02 13.42
CA ASP A 447 19.03 -18.48 14.27
C ASP A 447 18.72 -17.01 14.55
N LYS A 448 18.00 -16.75 15.64
CA LYS A 448 17.65 -15.38 15.98
C LYS A 448 18.86 -14.50 16.26
N TYR A 449 20.05 -15.06 16.52
CA TYR A 449 21.28 -14.27 16.68
C TYR A 449 22.13 -14.26 15.42
N ALA A 450 21.55 -14.52 14.26
CA ALA A 450 22.34 -14.57 13.04
C ALA A 450 22.78 -13.15 12.65
N ARG A 451 24.06 -13.00 12.33
CA ARG A 451 24.66 -11.72 12.01
C ARG A 451 24.57 -11.43 10.51
N SER A 452 24.45 -10.15 10.18
CA SER A 452 24.30 -9.71 8.80
C SER A 452 25.61 -9.12 8.31
N CYS A 453 25.72 -9.02 6.99
CA CYS A 453 26.93 -8.50 6.35
C CYS A 453 27.13 -6.99 6.58
N SER A 468 5.92 2.90 20.72
CA SER A 468 5.73 1.92 21.81
C SER A 468 5.61 2.58 23.19
N CYS A 469 4.70 2.04 24.01
CA CYS A 469 4.15 2.73 25.18
C CYS A 469 4.63 2.21 26.55
N TYR A 470 5.55 1.26 26.60
CA TYR A 470 5.95 0.70 27.89
C TYR A 470 6.44 1.78 28.85
N LYS A 471 7.10 2.80 28.31
CA LYS A 471 7.71 3.88 29.07
C LYS A 471 6.69 4.63 29.91
N TYR A 472 5.42 4.55 29.57
CA TYR A 472 4.40 5.26 30.32
C TYR A 472 4.03 4.53 31.63
N GLY A 473 4.40 3.26 31.77
CA GLY A 473 4.06 2.53 32.98
C GLY A 473 3.46 1.19 32.70
N GLN A 474 2.55 0.76 33.57
CA GLN A 474 1.89 -0.53 33.41
C GLN A 474 1.16 -0.61 32.08
N THR A 475 1.39 -1.71 31.37
CA THR A 475 0.89 -1.92 30.01
C THR A 475 0.09 -3.23 29.94
N LEU A 476 -1.13 -3.15 29.45
CA LEU A 476 -1.88 -4.37 29.21
C LEU A 476 -2.07 -4.50 27.71
N ASP A 477 -1.38 -5.48 27.12
CA ASP A 477 -1.41 -5.66 25.67
C ASP A 477 -2.49 -6.68 25.36
N LEU A 478 -3.66 -6.20 24.90
CA LEU A 478 -4.71 -7.06 24.39
C LEU A 478 -4.77 -7.02 22.87
N SER A 479 -3.68 -6.67 22.20
CA SER A 479 -3.72 -6.50 20.75
C SER A 479 -3.89 -7.84 20.04
N LYS A 480 -4.44 -7.80 18.83
CA LYS A 480 -4.71 -8.97 18.00
C LYS A 480 -5.51 -10.02 18.78
N ASN A 481 -6.71 -9.59 19.20
CA ASN A 481 -7.65 -10.48 19.87
C ASN A 481 -9.00 -10.37 19.16
N SER A 482 -10.04 -10.86 19.80
CA SER A 482 -11.35 -10.95 19.17
C SER A 482 -12.39 -10.19 20.00
N ILE A 483 -11.94 -9.09 20.58
CA ILE A 483 -12.77 -8.21 21.38
C ILE A 483 -13.57 -7.36 20.40
N PHE A 484 -14.85 -7.68 20.20
CA PHE A 484 -15.68 -6.91 19.29
C PHE A 484 -16.52 -5.84 20.00
N PHE A 485 -16.78 -5.99 21.29
CA PHE A 485 -17.55 -5.02 22.06
C PHE A 485 -16.89 -4.82 23.42
N ILE A 486 -16.92 -3.59 23.94
CA ILE A 486 -16.31 -3.23 25.22
C ILE A 486 -17.29 -2.43 26.06
N LYS A 487 -17.09 -2.50 27.38
CA LYS A 487 -17.87 -1.72 28.33
C LYS A 487 -17.03 -1.51 29.59
N SER A 488 -17.43 -0.51 30.38
CA SER A 488 -16.59 -0.04 31.48
C SER A 488 -16.21 -1.15 32.44
N SER A 489 -17.14 -2.07 32.73
CA SER A 489 -16.88 -3.11 33.72
C SER A 489 -15.75 -4.05 33.29
N ASP A 490 -15.49 -4.17 31.97
CA ASP A 490 -14.41 -5.04 31.52
C ASP A 490 -13.07 -4.68 32.14
N PHE A 491 -12.94 -3.46 32.66
CA PHE A 491 -11.70 -2.91 33.21
C PHE A 491 -11.80 -2.61 34.69
N GLN A 492 -12.87 -3.08 35.35
CA GLN A 492 -13.00 -2.89 36.77
C GLN A 492 -11.71 -3.34 37.44
N HIS A 493 -11.28 -2.58 38.44
CA HIS A 493 -10.07 -2.89 39.20
C HIS A 493 -8.79 -2.81 38.37
N LEU A 494 -8.77 -2.08 37.25
CA LEU A 494 -7.52 -1.81 36.53
C LEU A 494 -7.28 -0.31 36.45
N SER A 495 -7.53 0.38 37.56
CA SER A 495 -7.33 1.81 37.58
C SER A 495 -5.87 2.19 37.40
N PHE A 496 -4.95 1.29 37.72
CA PHE A 496 -3.53 1.59 37.69
C PHE A 496 -2.93 1.63 36.29
N LEU A 497 -3.62 1.08 35.29
CA LEU A 497 -3.04 0.92 33.97
C LEU A 497 -2.62 2.26 33.37
N LYS A 498 -1.39 2.31 32.83
CA LYS A 498 -0.92 3.51 32.13
C LYS A 498 -1.02 3.39 30.62
N CYS A 499 -0.89 2.19 30.06
CA CYS A 499 -1.01 1.99 28.62
C CYS A 499 -1.90 0.78 28.35
N LEU A 500 -2.81 0.91 27.38
CA LEU A 500 -3.65 -0.21 26.96
C LEU A 500 -3.54 -0.37 25.44
N ASN A 501 -3.27 -1.58 25.00
CA ASN A 501 -3.15 -1.87 23.58
C ASN A 501 -4.36 -2.71 23.16
N LEU A 502 -5.30 -2.10 22.47
CA LEU A 502 -6.44 -2.80 21.89
C LEU A 502 -6.29 -2.89 20.39
N SER A 503 -5.07 -2.68 19.89
CA SER A 503 -4.86 -2.69 18.47
C SER A 503 -5.29 -4.03 17.86
N GLY A 504 -5.94 -3.95 16.71
CA GLY A 504 -6.23 -5.17 15.98
C GLY A 504 -7.28 -6.04 16.61
N ASN A 505 -8.26 -5.44 17.24
CA ASN A 505 -9.42 -6.16 17.71
C ASN A 505 -10.57 -5.92 16.71
N LEU A 506 -11.80 -6.22 17.10
CA LEU A 506 -12.93 -6.07 16.19
C LEU A 506 -13.91 -5.00 16.67
N ILE A 507 -13.43 -3.98 17.37
CA ILE A 507 -14.31 -3.03 18.02
C ILE A 507 -14.93 -2.12 16.96
N SER A 508 -16.24 -2.20 16.81
CA SER A 508 -16.94 -1.51 15.74
C SER A 508 -18.16 -0.78 16.28
N GLN A 509 -18.00 -0.15 17.45
CA GLN A 509 -19.12 0.38 18.22
C GLN A 509 -18.95 1.89 18.33
N THR A 510 -20.07 2.55 18.58
CA THR A 510 -20.08 4.01 18.74
C THR A 510 -19.70 4.33 20.19
N LEU A 511 -18.40 4.55 20.41
CA LEU A 511 -17.94 4.96 21.72
C LEU A 511 -18.52 6.31 22.08
N ASN A 512 -19.16 6.39 23.24
CA ASN A 512 -19.69 7.64 23.75
C ASN A 512 -19.08 8.02 25.09
N GLY A 513 -17.86 7.58 25.37
CA GLY A 513 -17.24 7.97 26.61
C GLY A 513 -17.65 7.17 27.83
N SER A 514 -18.35 6.06 27.65
CA SER A 514 -18.73 5.22 28.77
C SER A 514 -17.99 3.89 28.79
N GLU A 515 -17.15 3.61 27.80
CA GLU A 515 -16.61 2.27 27.66
C GLU A 515 -15.33 2.06 28.47
N PHE A 516 -14.61 3.13 28.83
CA PHE A 516 -13.30 3.01 29.48
C PHE A 516 -13.29 3.65 30.86
N GLN A 517 -14.42 3.70 31.54
CA GLN A 517 -14.50 4.65 32.67
C GLN A 517 -13.57 4.28 33.82
N PRO A 518 -13.27 3.01 34.11
CA PRO A 518 -12.30 2.72 35.19
C PRO A 518 -10.87 3.18 34.92
N LEU A 519 -10.49 3.46 33.67
CA LEU A 519 -9.06 3.62 33.33
C LEU A 519 -8.63 5.08 33.54
N ALA A 520 -8.67 5.49 34.82
CA ALA A 520 -8.52 6.88 35.23
C ALA A 520 -7.09 7.39 35.13
N GLU A 521 -6.12 6.50 34.93
CA GLU A 521 -4.72 6.89 34.84
C GLU A 521 -4.11 6.63 33.48
N LEU A 522 -4.88 6.08 32.56
CA LEU A 522 -4.35 5.70 31.25
C LEU A 522 -3.75 6.89 30.51
N ARG A 523 -2.49 6.76 30.10
CA ARG A 523 -1.83 7.81 29.33
C ARG A 523 -1.71 7.48 27.85
N TYR A 524 -1.82 6.21 27.47
CA TYR A 524 -1.63 5.79 26.08
C TYR A 524 -2.69 4.76 25.74
N LEU A 525 -3.49 5.01 24.71
CA LEU A 525 -4.41 4.01 24.17
C LEU A 525 -4.07 3.75 22.71
N ASP A 526 -3.66 2.53 22.40
CA ASP A 526 -3.51 2.12 21.01
C ASP A 526 -4.83 1.50 20.60
N PHE A 527 -5.60 2.23 19.80
CA PHE A 527 -6.88 1.75 19.30
C PHE A 527 -6.80 1.51 17.79
N SER A 528 -5.60 1.27 17.28
CA SER A 528 -5.47 1.14 15.85
C SER A 528 -6.00 -0.23 15.39
N ASN A 529 -6.27 -0.34 14.09
CA ASN A 529 -6.87 -1.55 13.50
C ASN A 529 -8.11 -2.01 14.26
N ASN A 530 -9.07 -1.09 14.36
CA ASN A 530 -10.41 -1.45 14.80
C ASN A 530 -11.39 -0.87 13.78
N ARG A 531 -12.65 -0.79 14.15
CA ARG A 531 -13.64 -0.12 13.32
C ARG A 531 -14.31 0.97 14.14
N LEU A 532 -13.51 1.99 14.48
CA LEU A 532 -14.02 3.06 15.31
C LEU A 532 -15.18 3.76 14.61
N ASP A 533 -16.26 3.98 15.36
CA ASP A 533 -17.42 4.69 14.83
C ASP A 533 -17.59 5.99 15.60
N LEU A 534 -17.13 7.11 15.00
CA LEU A 534 -17.17 8.44 15.63
C LEU A 534 -18.51 9.14 15.46
N LEU A 535 -19.60 8.41 15.69
CA LEU A 535 -20.92 9.02 15.75
C LEU A 535 -21.00 10.08 16.85
N HIS A 536 -20.38 9.84 18.01
CA HIS A 536 -20.46 10.74 19.15
C HIS A 536 -19.14 11.46 19.37
N SER A 537 -19.21 12.79 19.50
CA SER A 537 -18.02 13.58 19.81
C SER A 537 -17.55 13.39 21.24
N THR A 538 -18.22 12.55 22.03
CA THR A 538 -17.78 12.27 23.40
C THR A 538 -16.95 11.00 23.48
N ALA A 539 -16.64 10.39 22.34
CA ALA A 539 -15.82 9.18 22.38
C ALA A 539 -14.50 9.49 23.08
N PHE A 540 -14.07 8.56 23.94
CA PHE A 540 -12.78 8.62 24.64
C PHE A 540 -12.71 9.67 25.73
N GLU A 541 -13.75 10.46 25.98
CA GLU A 541 -13.58 11.54 26.96
C GLU A 541 -13.41 11.02 28.39
N GLU A 542 -13.84 9.79 28.65
CA GLU A 542 -13.56 9.12 29.91
C GLU A 542 -12.08 9.07 30.24
N LEU A 543 -11.20 8.97 29.23
CA LEU A 543 -9.77 8.83 29.52
C LEU A 543 -9.20 10.23 29.77
N ARG A 544 -9.41 10.72 31.00
CA ARG A 544 -9.14 12.12 31.30
C ARG A 544 -7.67 12.44 31.46
N LYS A 545 -6.79 11.43 31.56
CA LYS A 545 -5.35 11.65 31.58
C LYS A 545 -4.67 11.13 30.30
N LEU A 546 -5.45 10.90 29.25
CA LEU A 546 -4.94 10.36 28.00
C LEU A 546 -3.99 11.35 27.33
N GLU A 547 -2.74 10.93 27.11
CA GLU A 547 -1.76 11.78 26.45
C GLU A 547 -1.49 11.39 25.00
N VAL A 548 -1.60 10.11 24.66
CA VAL A 548 -1.37 9.63 23.30
C VAL A 548 -2.53 8.72 22.94
N LEU A 549 -3.18 9.00 21.81
CA LEU A 549 -4.29 8.22 21.29
C LEU A 549 -3.98 7.80 19.87
N ASP A 550 -4.01 6.50 19.59
CA ASP A 550 -3.82 6.00 18.23
C ASP A 550 -5.13 5.42 17.72
N ILE A 551 -5.71 6.06 16.71
CA ILE A 551 -6.87 5.51 16.02
C ILE A 551 -6.54 5.35 14.55
N SER A 552 -5.27 5.09 14.26
CA SER A 552 -4.86 4.78 12.90
C SER A 552 -5.50 3.49 12.39
N SER A 553 -5.69 3.41 11.08
CA SER A 553 -6.22 2.22 10.43
C SER A 553 -7.56 1.81 11.02
N ASN A 554 -8.44 2.80 11.19
CA ASN A 554 -9.85 2.53 11.50
C ASN A 554 -10.72 2.99 10.33
N SER A 555 -10.32 2.63 9.12
CA SER A 555 -10.89 3.24 7.92
C SER A 555 -12.29 2.72 7.59
N HIS A 556 -12.71 1.58 8.16
CA HIS A 556 -13.96 0.92 7.80
C HIS A 556 -15.14 1.88 7.59
N TYR A 557 -15.50 2.67 8.62
CA TYR A 557 -16.67 3.54 8.51
C TYR A 557 -16.42 4.83 7.74
N PHE A 558 -15.16 5.21 7.55
CA PHE A 558 -14.87 6.37 6.72
C PHE A 558 -15.01 6.03 5.24
N GLN A 559 -15.19 4.75 4.92
CA GLN A 559 -15.20 4.26 3.55
C GLN A 559 -16.61 4.15 2.95
N SER A 560 -17.65 4.49 3.71
CA SER A 560 -19.03 4.37 3.23
C SER A 560 -19.71 5.72 3.41
N GLU A 561 -20.40 6.19 2.37
CA GLU A 561 -20.92 7.54 2.35
C GLU A 561 -22.09 7.69 3.31
N GLY A 562 -22.32 8.91 3.80
CA GLY A 562 -23.51 9.16 4.58
C GLY A 562 -23.37 8.82 6.04
N ILE A 563 -22.23 8.33 6.45
CA ILE A 563 -21.98 8.05 7.85
C ILE A 563 -21.48 9.32 8.53
N THR A 564 -21.92 9.54 9.77
CA THR A 564 -21.48 10.70 10.55
C THR A 564 -20.15 10.41 11.25
N HIS A 565 -19.21 11.34 11.13
CA HIS A 565 -17.90 11.24 11.76
C HIS A 565 -17.62 12.56 12.50
N MET A 566 -17.65 12.52 13.83
CA MET A 566 -17.35 13.70 14.65
C MET A 566 -15.84 13.77 14.86
N LEU A 567 -15.14 14.52 13.99
CA LEU A 567 -13.71 14.67 14.17
C LEU A 567 -13.35 15.60 15.29
N ASN A 568 -14.30 16.38 15.80
CA ASN A 568 -14.01 17.30 16.88
C ASN A 568 -14.06 16.66 18.27
N PHE A 569 -14.12 15.33 18.37
CA PHE A 569 -14.08 14.63 19.66
C PHE A 569 -12.87 14.98 20.52
N THR A 570 -11.88 15.69 19.96
CA THR A 570 -10.64 16.00 20.66
C THR A 570 -10.76 17.14 21.68
N LYS A 571 -11.82 17.96 21.58
CA LYS A 571 -12.03 19.02 22.56
C LYS A 571 -12.08 18.50 23.98
N ASN A 572 -12.46 17.24 24.17
CA ASN A 572 -12.76 16.77 25.52
C ASN A 572 -11.53 16.19 26.21
N LEU A 573 -10.43 15.99 25.50
CA LEU A 573 -9.24 15.37 26.09
C LEU A 573 -8.23 16.45 26.43
N LYS A 574 -8.23 16.87 27.69
CA LYS A 574 -7.56 18.11 28.03
C LYS A 574 -6.07 17.95 28.18
N VAL A 575 -5.55 16.73 28.23
CA VAL A 575 -4.11 16.53 28.36
C VAL A 575 -3.53 15.83 27.15
N LEU A 576 -4.37 15.51 26.14
CA LEU A 576 -3.90 14.79 24.97
C LEU A 576 -2.80 15.57 24.28
N GLN A 577 -1.69 14.89 24.01
CA GLN A 577 -0.51 15.50 23.40
C GLN A 577 -0.35 15.09 21.94
N LYS A 578 -0.66 13.83 21.63
CA LYS A 578 -0.32 13.26 20.34
C LYS A 578 -1.49 12.39 19.88
N LEU A 579 -1.98 12.67 18.68
CA LEU A 579 -3.10 11.96 18.07
C LEU A 579 -2.65 11.43 16.73
N MET A 580 -2.76 10.12 16.54
CA MET A 580 -2.45 9.44 15.30
C MET A 580 -3.75 8.98 14.65
N MET A 581 -4.06 9.49 13.48
CA MET A 581 -5.21 8.95 12.76
C MET A 581 -4.83 8.70 11.30
N ASN A 582 -3.75 7.95 11.12
CA ASN A 582 -3.26 7.60 9.80
C ASN A 582 -4.12 6.53 9.13
N ASP A 583 -4.16 6.59 7.81
CA ASP A 583 -4.70 5.49 7.01
C ASP A 583 -6.16 5.23 7.37
N ASN A 584 -6.90 6.30 7.65
CA ASN A 584 -8.32 6.13 7.94
C ASN A 584 -9.17 6.43 6.74
N ASP A 585 -8.55 6.86 5.64
CA ASP A 585 -9.26 7.10 4.41
C ASP A 585 -10.29 8.23 4.58
N ILE A 586 -10.02 9.17 5.47
CA ILE A 586 -10.99 10.19 5.80
C ILE A 586 -11.18 11.14 4.62
N SER A 587 -12.43 11.34 4.23
CA SER A 587 -12.74 12.20 3.09
C SER A 587 -14.01 13.00 3.34
N SER A 588 -14.59 12.94 4.52
CA SER A 588 -15.80 13.65 4.84
C SER A 588 -15.82 13.76 6.35
N SER A 589 -16.41 14.84 6.87
CA SER A 589 -16.42 15.02 8.31
C SER A 589 -17.63 15.85 8.69
N THR A 590 -18.37 15.40 9.71
CA THR A 590 -19.50 16.16 10.21
C THR A 590 -19.03 17.46 10.89
N SER A 591 -17.85 17.47 11.48
CA SER A 591 -17.38 18.70 12.11
C SER A 591 -16.31 19.38 11.25
N ARG A 592 -16.37 20.71 11.22
CA ARG A 592 -15.53 21.51 10.34
C ARG A 592 -14.21 21.86 10.98
N THR A 593 -14.10 21.71 12.29
CA THR A 593 -12.88 22.08 12.98
C THR A 593 -12.61 21.03 14.05
N MET A 594 -11.35 20.63 14.14
CA MET A 594 -10.86 19.88 15.29
C MET A 594 -10.32 20.87 16.30
N GLU A 595 -10.67 20.67 17.56
CA GLU A 595 -10.31 21.59 18.61
C GLU A 595 -9.49 20.88 19.68
N SER A 596 -8.42 21.53 20.10
CA SER A 596 -7.64 21.06 21.23
C SER A 596 -6.89 22.24 21.81
N GLU A 597 -6.79 22.25 23.13
CA GLU A 597 -5.89 23.18 23.79
C GLU A 597 -4.59 22.52 24.19
N SER A 598 -4.45 21.21 24.06
CA SER A 598 -3.25 20.53 24.49
C SER A 598 -2.45 19.87 23.39
N LEU A 599 -3.07 19.57 22.25
CA LEU A 599 -2.44 18.69 21.26
C LEU A 599 -1.21 19.33 20.61
N ARG A 600 -0.09 18.63 20.61
CA ARG A 600 1.12 19.06 19.96
C ARG A 600 1.40 18.37 18.63
N THR A 601 1.05 17.08 18.49
CA THR A 601 1.35 16.27 17.32
C THR A 601 0.07 15.68 16.72
N LEU A 602 -0.10 15.82 15.41
CA LEU A 602 -1.24 15.20 14.76
C LEU A 602 -0.75 14.50 13.51
N GLU A 603 -0.94 13.19 13.47
CA GLU A 603 -0.62 12.39 12.30
C GLU A 603 -1.92 12.14 11.55
N PHE A 604 -2.01 12.74 10.36
CA PHE A 604 -3.19 12.68 9.52
C PHE A 604 -2.86 12.09 8.16
N ARG A 605 -1.89 11.18 8.15
CA ARG A 605 -1.32 10.67 6.92
C ARG A 605 -2.21 9.57 6.35
N GLY A 606 -2.25 9.47 5.03
CA GLY A 606 -3.06 8.42 4.45
C GLY A 606 -4.56 8.66 4.56
N ASN A 607 -5.02 9.87 4.23
CA ASN A 607 -6.45 10.16 4.24
C ASN A 607 -6.80 10.91 2.97
N HIS A 608 -8.00 11.50 2.90
CA HIS A 608 -8.32 12.16 1.65
C HIS A 608 -8.62 13.64 1.85
N LEU A 609 -7.66 14.39 2.40
CA LEU A 609 -7.82 15.84 2.45
C LEU A 609 -8.06 16.44 1.06
N ASP A 610 -7.57 15.76 0.01
CA ASP A 610 -7.84 16.21 -1.35
C ASP A 610 -9.36 16.30 -1.61
N VAL A 611 -10.14 15.35 -1.09
CA VAL A 611 -11.59 15.43 -1.21
C VAL A 611 -12.17 16.46 -0.26
N LEU A 612 -11.73 16.46 1.00
CA LEU A 612 -12.23 17.42 1.98
C LEU A 612 -12.00 18.86 1.51
N TRP A 613 -10.84 19.13 0.91
CA TRP A 613 -10.47 20.45 0.41
C TRP A 613 -10.70 20.55 -1.11
N ARG A 614 -11.73 19.86 -1.63
CA ARG A 614 -12.06 19.97 -3.06
C ARG A 614 -12.09 21.43 -3.44
N ASP A 615 -11.46 21.77 -4.56
CA ASP A 615 -11.33 23.17 -4.92
C ASP A 615 -12.72 23.77 -5.16
N GLY A 616 -13.04 24.83 -4.43
CA GLY A 616 -14.37 25.40 -4.41
C GLY A 616 -15.12 25.15 -3.11
N ASP A 617 -14.73 24.14 -2.35
CA ASP A 617 -15.33 23.86 -1.05
C ASP A 617 -14.44 24.47 0.01
N ASN A 618 -14.98 25.45 0.72
CA ASN A 618 -14.30 26.22 1.73
C ASN A 618 -14.42 25.61 3.11
N ARG A 619 -15.37 24.70 3.31
CA ARG A 619 -15.88 24.44 4.65
C ARG A 619 -14.87 23.82 5.61
N TYR A 620 -13.84 23.14 5.10
CA TYR A 620 -12.92 22.45 5.97
C TYR A 620 -11.53 23.04 5.92
N LEU A 621 -11.37 24.23 5.35
CA LEU A 621 -10.04 24.84 5.24
C LEU A 621 -9.45 25.28 6.58
N GLN A 622 -10.19 25.18 7.69
CA GLN A 622 -9.69 25.54 9.01
C GLN A 622 -9.82 24.33 9.97
N LEU A 623 -9.79 23.14 9.37
CA LEU A 623 -9.97 21.91 10.14
C LEU A 623 -8.93 21.75 11.24
N PHE A 624 -7.71 22.25 11.04
CA PHE A 624 -6.67 22.14 12.06
C PHE A 624 -6.39 23.47 12.77
N LYS A 625 -7.14 24.53 12.46
CA LYS A 625 -6.79 25.88 12.93
C LYS A 625 -6.87 26.03 14.45
N ASN A 626 -7.86 25.40 15.10
CA ASN A 626 -8.06 25.57 16.54
C ASN A 626 -7.40 24.48 17.36
N LEU A 627 -6.41 23.79 16.79
CA LEU A 627 -5.48 22.98 17.57
C LEU A 627 -4.33 23.89 17.97
N LEU A 628 -4.56 24.66 19.06
CA LEU A 628 -3.76 25.87 19.29
C LEU A 628 -2.32 25.56 19.59
N LYS A 629 -2.00 24.41 20.16
CA LYS A 629 -0.59 24.13 20.39
C LYS A 629 -0.01 23.09 19.44
N LEU A 630 -0.65 22.84 18.31
CA LEU A 630 -0.07 21.93 17.32
C LEU A 630 1.29 22.45 16.85
N GLU A 631 2.31 21.63 17.07
CA GLU A 631 3.62 21.94 16.53
C GLU A 631 4.02 21.05 15.35
N GLU A 632 3.40 19.87 15.22
CA GLU A 632 3.76 18.91 14.18
C GLU A 632 2.50 18.41 13.48
N LEU A 633 2.45 18.56 12.17
CA LEU A 633 1.34 18.06 11.37
C LEU A 633 1.87 17.20 10.24
N ASP A 634 1.42 15.94 10.17
CA ASP A 634 1.77 15.05 9.08
C ASP A 634 0.54 14.84 8.20
N ILE A 635 0.52 15.48 7.03
CA ILE A 635 -0.60 15.31 6.10
C ILE A 635 -0.05 14.85 4.76
N SER A 636 0.98 14.01 4.84
CA SER A 636 1.51 13.25 3.72
C SER A 636 0.52 12.19 3.27
N LYS A 637 0.69 11.71 2.04
CA LYS A 637 -0.16 10.65 1.48
C LYS A 637 -1.64 11.05 1.59
N ASN A 638 -1.96 12.25 1.12
CA ASN A 638 -3.34 12.69 1.15
C ASN A 638 -3.83 13.04 -0.24
N SER A 639 -3.12 12.58 -1.27
CA SER A 639 -3.48 12.82 -2.67
C SER A 639 -3.61 14.30 -2.96
N LEU A 640 -2.84 15.14 -2.28
CA LEU A 640 -2.92 16.59 -2.52
C LEU A 640 -1.99 16.94 -3.67
N SER A 641 -2.51 16.91 -4.88
CA SER A 641 -1.71 17.27 -6.06
C SER A 641 -1.50 18.78 -6.18
N PHE A 642 -2.38 19.57 -5.57
CA PHE A 642 -2.22 21.00 -5.36
C PHE A 642 -2.81 21.30 -3.98
N LEU A 643 -2.43 22.46 -3.42
CA LEU A 643 -3.01 22.92 -2.16
C LEU A 643 -3.99 24.04 -2.43
N PRO A 644 -5.26 23.90 -2.08
CA PRO A 644 -6.19 25.02 -2.26
C PRO A 644 -5.69 26.23 -1.51
N SER A 645 -5.98 27.41 -2.06
CA SER A 645 -5.76 28.65 -1.31
C SER A 645 -6.57 28.62 -0.01
N GLY A 646 -5.91 29.01 1.08
CA GLY A 646 -6.51 28.98 2.40
C GLY A 646 -6.00 27.87 3.29
N VAL A 647 -5.30 26.88 2.74
CA VAL A 647 -4.75 25.82 3.57
C VAL A 647 -3.72 26.38 4.55
N PHE A 648 -2.81 27.21 4.06
CA PHE A 648 -1.74 27.72 4.91
C PHE A 648 -2.28 28.70 5.96
N ASP A 649 -3.14 29.64 5.53
CA ASP A 649 -3.86 30.50 6.46
C ASP A 649 -4.70 29.72 7.48
N GLY A 650 -5.16 28.53 7.13
CA GLY A 650 -5.88 27.76 8.11
C GLY A 650 -5.04 26.99 9.09
N MET A 651 -3.73 26.93 8.90
CA MET A 651 -2.90 26.10 9.75
C MET A 651 -2.87 26.71 11.16
N PRO A 652 -2.75 25.91 12.20
CA PRO A 652 -2.74 26.47 13.55
C PRO A 652 -1.50 27.33 13.75
N PRO A 653 -1.54 28.29 14.69
CA PRO A 653 -0.52 29.35 14.69
C PRO A 653 0.88 28.92 15.15
N ASN A 654 1.04 27.77 15.79
CA ASN A 654 2.36 27.38 16.25
C ASN A 654 2.94 26.20 15.48
N LEU A 655 2.42 25.93 14.26
CA LEU A 655 2.93 24.81 13.49
C LEU A 655 4.42 25.02 13.19
N LYS A 656 5.24 24.09 13.65
CA LYS A 656 6.67 24.09 13.40
C LYS A 656 7.06 23.15 12.28
N ASN A 657 6.46 21.96 12.25
CA ASN A 657 6.94 20.83 11.45
C ASN A 657 5.80 20.26 10.62
N LEU A 658 5.85 20.46 9.29
CA LEU A 658 4.76 20.10 8.39
C LEU A 658 5.26 19.15 7.31
N SER A 659 4.66 17.99 7.18
CA SER A 659 4.97 17.07 6.10
C SER A 659 3.85 17.07 5.07
N LEU A 660 4.20 17.42 3.83
CA LEU A 660 3.33 17.21 2.68
C LEU A 660 3.94 16.19 1.74
N ALA A 661 4.67 15.21 2.30
CA ALA A 661 5.36 14.28 1.45
C ALA A 661 4.36 13.37 0.75
N LYS A 662 4.81 12.74 -0.34
CA LYS A 662 4.10 11.64 -1.00
C LYS A 662 2.67 12.03 -1.31
N ASN A 663 2.50 13.21 -1.90
CA ASN A 663 1.17 13.71 -2.23
C ASN A 663 0.91 13.83 -3.71
N GLY A 664 1.90 13.54 -4.57
CA GLY A 664 1.76 13.91 -5.96
C GLY A 664 1.67 15.40 -6.19
N LEU A 665 2.24 16.21 -5.29
CA LEU A 665 2.24 17.64 -5.46
C LEU A 665 2.89 18.05 -6.77
N LYS A 666 2.15 18.71 -7.65
CA LYS A 666 2.74 19.15 -8.90
C LYS A 666 3.04 20.63 -8.93
N SER A 667 2.47 21.41 -8.02
CA SER A 667 2.71 22.84 -7.96
C SER A 667 2.67 23.23 -6.50
N PHE A 668 3.32 24.33 -6.19
CA PHE A 668 3.42 24.77 -4.81
C PHE A 668 3.67 26.27 -4.82
N ILE A 669 2.76 27.04 -4.25
CA ILE A 669 2.94 28.48 -4.12
C ILE A 669 3.81 28.76 -2.90
N TRP A 670 5.13 28.86 -3.11
CA TRP A 670 6.06 29.02 -2.00
C TRP A 670 5.75 30.25 -1.19
N GLU A 671 5.25 31.31 -1.83
CA GLU A 671 5.04 32.57 -1.12
C GLU A 671 4.07 32.37 0.03
N LYS A 672 3.16 31.42 -0.08
CA LYS A 672 2.24 31.27 1.04
C LYS A 672 2.89 30.71 2.31
N LEU A 673 4.17 30.34 2.29
CA LEU A 673 4.76 29.87 3.54
C LEU A 673 4.82 30.98 4.57
N ARG A 674 4.77 32.24 4.13
CA ARG A 674 4.79 33.36 5.07
C ARG A 674 3.60 33.34 6.02
N TYR A 675 2.52 32.63 5.69
CA TYR A 675 1.46 32.46 6.67
C TYR A 675 1.87 31.55 7.83
N LEU A 676 2.92 30.74 7.70
CA LEU A 676 3.34 29.80 8.74
C LEU A 676 4.50 30.42 9.52
N LYS A 677 4.13 31.28 10.48
CA LYS A 677 5.14 32.17 11.04
C LYS A 677 6.11 31.46 11.99
N ASN A 678 5.81 30.22 12.38
CA ASN A 678 6.73 29.38 13.15
C ASN A 678 7.24 28.17 12.39
N LEU A 679 7.12 28.17 11.07
CA LEU A 679 7.56 27.02 10.29
C LEU A 679 9.06 26.81 10.43
N GLU A 680 9.45 25.62 10.86
CA GLU A 680 10.89 25.34 10.87
C GLU A 680 11.30 24.18 9.98
N THR A 681 10.46 23.14 9.87
CA THR A 681 10.73 21.97 9.05
C THR A 681 9.60 21.77 8.04
N LEU A 682 9.95 21.75 6.75
CA LEU A 682 8.97 21.55 5.70
C LEU A 682 9.44 20.36 4.88
N ASP A 683 8.59 19.33 4.78
CA ASP A 683 8.96 18.09 4.09
C ASP A 683 8.09 17.98 2.84
N LEU A 684 8.70 18.20 1.67
CA LEU A 684 8.00 18.07 0.40
C LEU A 684 8.50 16.86 -0.41
N SER A 685 9.16 15.91 0.27
CA SER A 685 9.80 14.79 -0.39
C SER A 685 8.80 13.94 -1.16
N HIS A 686 9.28 13.23 -2.19
CA HIS A 686 8.47 12.28 -2.98
C HIS A 686 7.24 12.95 -3.55
N ASN A 687 7.47 14.02 -4.32
CA ASN A 687 6.38 14.70 -5.02
C ASN A 687 6.79 14.91 -6.46
N GLN A 688 6.06 15.79 -7.18
CA GLN A 688 6.32 16.13 -8.58
C GLN A 688 6.71 17.59 -8.78
N LEU A 689 7.38 18.21 -7.81
CA LEU A 689 7.76 19.61 -7.94
C LEU A 689 8.88 19.75 -8.96
N THR A 690 8.78 20.77 -9.81
CA THR A 690 9.80 21.03 -10.82
C THR A 690 10.61 22.31 -10.61
N THR A 691 10.16 23.22 -9.73
CA THR A 691 10.91 24.45 -9.53
C THR A 691 11.00 24.76 -8.03
N VAL A 692 12.06 25.47 -7.66
CA VAL A 692 12.21 26.03 -6.30
C VAL A 692 11.88 27.52 -6.35
N PRO A 693 11.60 28.18 -5.24
CA PRO A 693 11.27 29.63 -5.29
C PRO A 693 12.46 30.48 -5.73
N GLU A 694 12.17 31.64 -6.33
CA GLU A 694 13.25 32.55 -6.74
C GLU A 694 14.15 32.96 -5.58
N ARG A 695 13.56 33.22 -4.41
CA ARG A 695 14.33 33.54 -3.21
C ARG A 695 13.65 32.84 -2.03
N LEU A 696 14.21 31.71 -1.60
CA LEU A 696 13.64 31.02 -0.45
C LEU A 696 13.57 31.91 0.79
N SER A 697 14.55 32.83 0.98
CA SER A 697 14.50 33.67 2.18
C SER A 697 13.25 34.54 2.21
N ASN A 698 12.70 34.86 1.04
CA ASN A 698 11.56 35.77 0.94
C ASN A 698 10.22 35.06 1.11
N CYS A 699 10.23 33.74 1.27
CA CYS A 699 9.03 32.93 1.50
C CYS A 699 8.79 32.60 2.96
N SER A 700 9.82 32.71 3.78
CA SER A 700 9.65 32.34 5.17
C SER A 700 10.80 32.96 5.93
N ARG A 701 10.49 33.53 7.09
CA ARG A 701 11.54 34.09 7.92
C ARG A 701 12.08 33.12 8.94
N SER A 702 11.47 31.92 9.04
CA SER A 702 11.76 30.98 10.11
C SER A 702 12.30 29.65 9.65
N LEU A 703 12.11 29.29 8.38
CA LEU A 703 12.35 27.93 7.90
C LEU A 703 13.81 27.51 8.12
N LYS A 704 13.96 26.35 8.77
CA LYS A 704 15.27 25.79 9.06
C LYS A 704 15.61 24.56 8.24
N ASN A 705 14.66 23.63 8.06
CA ASN A 705 14.90 22.35 7.40
C ASN A 705 13.96 22.20 6.21
N LEU A 706 14.53 22.09 5.03
CA LEU A 706 13.80 22.02 3.78
C LEU A 706 14.11 20.68 3.13
N ILE A 707 13.11 19.83 2.97
CA ILE A 707 13.31 18.49 2.41
C ILE A 707 12.62 18.43 1.06
N LEU A 708 13.42 18.44 0.00
CA LEU A 708 12.91 18.40 -1.37
C LEU A 708 13.33 17.14 -2.12
N LYS A 709 13.75 16.09 -1.41
CA LYS A 709 14.21 14.89 -2.10
C LYS A 709 13.07 14.23 -2.88
N ASN A 710 13.45 13.52 -3.95
CA ASN A 710 12.54 12.74 -4.80
C ASN A 710 11.45 13.62 -5.42
N ASN A 711 11.92 14.62 -6.15
CA ASN A 711 11.04 15.44 -6.95
C ASN A 711 11.57 15.52 -8.37
N GLN A 712 11.02 16.43 -9.18
CA GLN A 712 11.38 16.55 -10.58
C GLN A 712 12.19 17.81 -10.87
N ILE A 713 12.93 18.31 -9.86
CA ILE A 713 13.60 19.60 -10.02
C ILE A 713 14.76 19.43 -11.00
N ARG A 714 14.78 20.28 -12.03
CA ARG A 714 15.78 20.23 -13.08
C ARG A 714 16.82 21.33 -12.99
N SER A 715 16.55 22.39 -12.23
CA SER A 715 17.54 23.44 -12.00
C SER A 715 17.06 24.30 -10.84
N LEU A 716 17.99 25.06 -10.27
CA LEU A 716 17.74 25.97 -9.16
C LEU A 716 17.62 27.40 -9.67
N THR A 717 16.78 28.21 -9.00
CA THR A 717 16.69 29.62 -9.33
C THR A 717 18.01 30.34 -9.06
N LYS A 718 18.18 31.49 -9.71
CA LYS A 718 19.48 32.14 -9.73
C LYS A 718 19.93 32.60 -8.33
N TYR A 719 19.00 33.00 -7.45
CA TYR A 719 19.34 33.45 -6.11
C TYR A 719 18.61 32.65 -5.04
N PHE A 720 18.25 31.41 -5.39
CA PHE A 720 17.55 30.45 -4.57
C PHE A 720 17.78 30.65 -3.07
N LEU A 721 19.02 30.47 -2.58
CA LEU A 721 19.32 30.48 -1.15
C LEU A 721 19.82 31.83 -0.60
N GLN A 722 19.76 32.91 -1.38
CA GLN A 722 20.30 34.20 -0.97
C GLN A 722 19.70 34.74 0.34
N ASP A 723 20.57 34.97 1.33
CA ASP A 723 20.18 35.55 2.61
C ASP A 723 19.22 34.67 3.41
N ALA A 724 19.15 33.37 3.09
CA ALA A 724 18.31 32.46 3.86
C ALA A 724 19.07 32.08 5.15
N PHE A 725 19.21 33.08 6.03
CA PHE A 725 20.11 32.92 7.16
C PHE A 725 19.59 31.92 8.18
N GLN A 726 18.32 31.53 8.10
CA GLN A 726 17.83 30.52 9.04
C GLN A 726 18.02 29.08 8.56
N LEU A 727 18.38 28.87 7.29
CA LEU A 727 18.49 27.51 6.75
C LEU A 727 19.62 26.76 7.43
N ARG A 728 19.33 25.53 7.88
CA ARG A 728 20.29 24.66 8.51
C ARG A 728 20.42 23.30 7.82
N TYR A 729 19.39 22.85 7.11
CA TYR A 729 19.35 21.54 6.50
C TYR A 729 18.61 21.63 5.16
N LEU A 730 19.25 21.11 4.10
CA LEU A 730 18.69 21.21 2.75
C LEU A 730 18.90 19.87 2.05
N ASP A 731 17.81 19.20 1.70
CA ASP A 731 17.89 17.94 0.96
C ASP A 731 17.37 18.18 -0.45
N LEU A 732 18.27 18.18 -1.41
CA LEU A 732 17.90 18.28 -2.82
C LEU A 732 18.18 16.99 -3.59
N SER A 733 18.40 15.88 -2.89
CA SER A 733 18.78 14.62 -3.53
C SER A 733 17.63 14.00 -4.32
N SER A 734 17.99 13.16 -5.30
CA SER A 734 17.01 12.45 -6.13
C SER A 734 16.09 13.42 -6.87
N ASN A 735 16.70 14.37 -7.54
CA ASN A 735 15.97 15.25 -8.44
C ASN A 735 16.62 15.14 -9.81
N LYS A 736 16.48 16.15 -10.66
CA LYS A 736 17.04 16.06 -11.99
C LYS A 736 17.98 17.22 -12.30
N ILE A 737 18.75 17.65 -11.29
CA ILE A 737 19.52 18.89 -11.42
C ILE A 737 20.76 18.68 -12.27
N GLN A 738 20.93 19.51 -13.27
CA GLN A 738 22.14 19.44 -14.07
C GLN A 738 23.22 20.43 -13.62
N MET A 739 22.84 21.60 -13.15
CA MET A 739 23.82 22.61 -12.82
C MET A 739 23.44 23.35 -11.56
N ILE A 740 24.47 23.80 -10.85
CA ILE A 740 24.30 24.63 -9.67
C ILE A 740 25.35 25.72 -9.76
N GLN A 741 24.90 26.98 -9.89
CA GLN A 741 25.81 28.12 -9.94
C GLN A 741 25.92 28.77 -8.56
N LYS A 742 26.98 29.60 -8.38
CA LYS A 742 27.36 30.07 -7.05
C LYS A 742 26.35 31.08 -6.50
N THR A 743 25.72 31.87 -7.38
CA THR A 743 24.61 32.72 -7.00
C THR A 743 23.55 31.95 -6.22
N SER A 744 23.30 30.68 -6.57
CA SER A 744 22.22 29.94 -5.91
C SER A 744 22.61 29.46 -4.53
N PHE A 745 23.91 29.25 -4.30
CA PHE A 745 24.46 28.69 -3.06
C PHE A 745 25.42 29.69 -2.43
N PRO A 746 24.93 30.84 -1.97
CA PRO A 746 25.86 31.79 -1.32
C PRO A 746 26.54 31.12 -0.15
N GLU A 747 27.86 31.30 -0.08
CA GLU A 747 28.63 30.54 0.88
C GLU A 747 28.41 31.01 2.32
N ASN A 748 27.89 32.23 2.53
CA ASN A 748 27.49 32.59 3.89
C ASN A 748 26.21 31.90 4.34
N VAL A 749 25.49 31.22 3.45
CA VAL A 749 24.41 30.32 3.84
C VAL A 749 24.88 28.87 3.90
N LEU A 750 25.72 28.45 2.95
CA LEU A 750 26.23 27.07 2.99
C LEU A 750 26.96 26.77 4.29
N ASN A 751 27.69 27.76 4.84
CA ASN A 751 28.53 27.51 6.00
C ASN A 751 27.74 27.33 7.28
N ASN A 752 26.42 27.59 7.26
CA ASN A 752 25.53 27.28 8.37
C ASN A 752 24.69 26.04 8.13
N LEU A 753 24.98 25.27 7.09
CA LEU A 753 24.25 24.04 6.84
C LEU A 753 24.85 22.92 7.67
N LYS A 754 24.05 22.30 8.54
CA LYS A 754 24.52 21.07 9.16
C LYS A 754 24.64 19.96 8.13
N MET A 755 23.82 19.99 7.09
CA MET A 755 23.93 19.04 5.99
C MET A 755 23.30 19.60 4.73
N LEU A 756 23.75 19.05 3.60
CA LEU A 756 23.36 19.50 2.27
C LEU A 756 23.39 18.26 1.39
N LEU A 757 22.23 17.78 0.99
CA LEU A 757 22.13 16.51 0.28
C LEU A 757 21.96 16.82 -1.21
N LEU A 758 22.87 16.30 -2.03
CA LEU A 758 22.83 16.55 -3.46
C LEU A 758 22.98 15.29 -4.29
N HIS A 759 22.93 14.11 -3.69
CA HIS A 759 23.26 12.94 -4.46
C HIS A 759 22.11 12.51 -5.35
N HIS A 760 22.45 11.77 -6.41
CA HIS A 760 21.46 11.22 -7.32
C HIS A 760 20.71 12.33 -8.04
N ASN A 761 21.45 13.24 -8.65
CA ASN A 761 20.90 14.23 -9.55
C ASN A 761 21.44 13.95 -10.96
N ARG A 762 21.33 14.92 -11.86
CA ARG A 762 21.79 14.59 -13.21
C ARG A 762 22.91 15.50 -13.63
N PHE A 763 23.98 15.58 -12.82
CA PHE A 763 24.98 16.62 -12.95
C PHE A 763 25.73 16.54 -14.27
N LEU A 764 25.97 17.69 -14.88
CA LEU A 764 26.55 17.77 -16.21
C LEU A 764 27.93 18.44 -16.08
N CYS A 765 28.99 17.65 -16.21
CA CYS A 765 30.34 18.06 -15.85
C CYS A 765 31.10 18.68 -17.01
N THR A 766 30.46 19.62 -17.68
CA THR A 766 31.12 20.45 -18.67
C THR A 766 31.97 21.51 -17.98
N CYS A 767 32.67 22.31 -18.80
CA CYS A 767 33.42 23.41 -18.23
C CYS A 767 32.52 24.45 -17.58
N ASP A 768 31.21 24.46 -17.90
CA ASP A 768 30.27 25.36 -17.26
C ASP A 768 30.03 25.03 -15.79
N ALA A 769 30.40 23.82 -15.34
CA ALA A 769 30.23 23.36 -13.98
C ALA A 769 31.46 23.65 -13.13
N VAL A 770 32.40 24.42 -13.65
CA VAL A 770 33.70 24.55 -13.03
C VAL A 770 33.56 24.99 -11.56
N TRP A 771 32.65 25.92 -11.26
CA TRP A 771 32.54 26.38 -9.87
C TRP A 771 32.01 25.27 -8.96
N PHE A 772 30.98 24.54 -9.42
CA PHE A 772 30.40 23.49 -8.59
C PHE A 772 31.38 22.35 -8.34
N VAL A 773 32.14 21.94 -9.36
CA VAL A 773 33.12 20.87 -9.16
C VAL A 773 34.19 21.32 -8.19
N TRP A 774 34.69 22.54 -8.36
CA TRP A 774 35.67 23.07 -7.41
C TRP A 774 35.07 23.18 -6.01
N TRP A 775 33.84 23.69 -5.92
CA TRP A 775 33.22 23.87 -4.60
C TRP A 775 32.93 22.53 -3.91
N VAL A 776 32.38 21.54 -4.61
CA VAL A 776 32.14 20.24 -3.99
C VAL A 776 33.43 19.63 -3.46
N GLN A 777 34.53 19.86 -4.18
CA GLN A 777 35.79 19.22 -3.82
C GLN A 777 36.45 19.88 -2.62
N HIS A 778 36.18 21.16 -2.40
CA HIS A 778 36.90 21.93 -1.41
C HIS A 778 36.03 22.43 -0.26
N THR A 779 34.77 22.07 -0.23
CA THR A 779 33.92 22.55 0.85
C THR A 779 34.05 21.67 2.07
N GLU A 780 33.79 22.28 3.23
CA GLU A 780 33.65 21.57 4.50
C GLU A 780 32.20 21.26 4.87
N VAL A 781 31.21 21.82 4.15
CA VAL A 781 29.83 21.41 4.34
C VAL A 781 29.70 19.91 4.24
N THR A 782 28.90 19.33 5.11
CA THR A 782 28.64 17.91 5.08
C THR A 782 27.73 17.52 3.88
N ILE A 783 28.24 16.66 2.99
CA ILE A 783 27.44 16.15 1.89
C ILE A 783 27.52 14.63 1.89
N PRO A 784 26.52 13.91 2.34
CA PRO A 784 26.59 12.45 2.25
C PRO A 784 26.78 11.97 0.83
N TYR A 785 27.63 10.97 0.68
CA TYR A 785 27.81 10.16 -0.53
C TYR A 785 28.52 10.91 -1.64
N LEU A 786 29.43 11.85 -1.33
CA LEU A 786 30.25 12.44 -2.39
C LEU A 786 30.98 11.39 -3.19
N ALA A 787 31.28 10.26 -2.56
CA ALA A 787 31.97 9.14 -3.19
C ALA A 787 31.03 8.34 -4.06
N THR A 788 29.87 7.99 -3.53
CA THR A 788 29.03 6.93 -4.07
C THR A 788 27.87 7.41 -4.95
N ASP A 789 27.42 8.68 -4.86
CA ASP A 789 26.25 9.07 -5.64
C ASP A 789 26.21 10.56 -5.94
N VAL A 790 27.35 11.25 -6.00
CA VAL A 790 27.42 12.60 -6.56
C VAL A 790 28.27 12.51 -7.83
N THR A 791 27.57 12.38 -8.95
CA THR A 791 28.09 11.76 -10.15
C THR A 791 27.71 12.54 -11.40
N CYS A 792 28.60 12.56 -12.39
CA CYS A 792 28.31 13.13 -13.70
C CYS A 792 27.48 12.17 -14.55
N VAL A 793 26.44 12.70 -15.19
CA VAL A 793 25.79 11.94 -16.26
C VAL A 793 26.47 12.16 -17.61
N GLY A 794 27.32 13.17 -17.73
CA GLY A 794 27.96 13.52 -18.98
C GLY A 794 28.89 14.69 -18.74
N PRO A 795 29.57 15.17 -19.80
CA PRO A 795 29.45 14.74 -21.20
C PRO A 795 30.38 13.58 -21.53
N GLY A 796 29.86 12.64 -22.33
CA GLY A 796 30.59 11.48 -22.82
C GLY A 796 31.72 10.97 -21.96
N ALA A 797 32.86 11.68 -22.00
CA ALA A 797 34.07 11.27 -21.28
C ALA A 797 33.82 10.95 -19.81
N HIS A 798 33.02 11.78 -19.12
CA HIS A 798 32.88 11.72 -17.67
C HIS A 798 31.68 10.92 -17.18
N LYS A 799 30.99 10.17 -18.05
CA LYS A 799 29.77 9.52 -17.59
C LYS A 799 30.08 8.52 -16.49
N GLY A 800 29.19 8.45 -15.51
CA GLY A 800 29.36 7.65 -14.30
C GLY A 800 30.52 7.99 -13.38
N GLN A 801 31.25 9.06 -13.69
CA GLN A 801 32.38 9.47 -12.86
C GLN A 801 31.92 10.35 -11.70
N SER A 802 32.59 10.21 -10.55
CA SER A 802 32.23 11.01 -9.39
C SER A 802 32.76 12.44 -9.56
N VAL A 803 31.95 13.41 -9.12
CA VAL A 803 32.30 14.83 -9.23
C VAL A 803 33.55 15.13 -8.41
N ILE A 804 33.72 14.43 -7.28
CA ILE A 804 34.84 14.71 -6.37
C ILE A 804 36.17 14.39 -7.04
N SER A 805 36.17 13.46 -8.00
CA SER A 805 37.39 13.02 -8.69
C SER A 805 37.66 13.80 -9.98
N LEU A 806 36.79 14.72 -10.35
CA LEU A 806 36.84 15.33 -11.68
C LEU A 806 37.99 16.32 -11.75
N ASP A 807 38.84 16.18 -12.78
CA ASP A 807 39.98 17.07 -12.97
C ASP A 807 39.67 17.97 -14.16
N LEU A 808 39.39 19.25 -13.88
CA LEU A 808 38.92 20.18 -14.89
C LEU A 808 39.99 21.14 -15.36
N TYR A 809 41.28 20.76 -15.23
CA TYR A 809 42.37 21.64 -15.65
C TYR A 809 42.21 22.04 -17.10
N THR A 810 41.58 21.18 -17.91
CA THR A 810 41.37 21.51 -19.30
C THR A 810 40.49 22.74 -19.48
N CYS A 811 39.74 23.13 -18.44
CA CYS A 811 38.93 24.34 -18.44
C CYS A 811 39.72 25.60 -18.10
N GLU A 812 41.03 25.49 -17.86
CA GLU A 812 41.82 26.63 -17.42
C GLU A 812 43.07 26.91 -18.24
N LEU A 813 43.26 26.24 -19.37
CA LEU A 813 44.44 26.50 -20.19
C LEU A 813 44.40 27.89 -20.85
N ALA B 5 7.03 -0.57 -45.07
CA ALA B 5 5.72 -1.06 -45.47
C ALA B 5 4.73 0.09 -45.75
N ARG B 6 5.03 1.28 -45.24
CA ARG B 6 4.32 2.51 -45.63
C ARG B 6 5.26 3.41 -46.41
N TRP B 7 4.73 4.07 -47.43
CA TRP B 7 5.57 5.02 -48.13
C TRP B 7 5.61 6.38 -47.42
N PHE B 8 4.54 6.75 -46.72
CA PHE B 8 4.47 8.07 -46.11
C PHE B 8 4.19 7.95 -44.62
N PRO B 9 5.18 8.18 -43.77
CA PRO B 9 4.94 8.14 -42.32
C PRO B 9 3.94 9.22 -41.92
N LYS B 10 3.13 8.90 -40.93
CA LYS B 10 2.16 9.87 -40.42
C LYS B 10 2.81 10.67 -39.30
N THR B 11 3.05 11.95 -39.57
CA THR B 11 3.63 12.86 -38.58
C THR B 11 2.57 13.37 -37.62
N LEU B 12 1.30 13.17 -37.94
CA LEU B 12 0.25 13.89 -37.26
C LEU B 12 0.06 13.35 -35.86
N PRO B 13 0.12 14.21 -34.81
CA PRO B 13 0.12 13.71 -33.41
C PRO B 13 -1.25 13.30 -32.92
N CYS B 14 -2.08 12.77 -33.82
CA CYS B 14 -3.45 12.39 -33.53
C CYS B 14 -3.73 11.01 -34.12
N ASP B 15 -4.55 10.26 -33.43
CA ASP B 15 -5.03 8.99 -33.97
C ASP B 15 -6.02 9.26 -35.08
N VAL B 16 -5.76 8.72 -36.27
CA VAL B 16 -6.66 8.87 -37.40
C VAL B 16 -7.32 7.53 -37.67
N THR B 17 -8.64 7.48 -37.61
CA THR B 17 -9.38 6.26 -37.85
C THR B 17 -10.38 6.48 -38.99
N LEU B 18 -10.65 5.39 -39.73
CA LEU B 18 -11.56 5.41 -40.87
C LEU B 18 -12.71 4.46 -40.63
N ASP B 19 -13.91 4.95 -40.90
CA ASP B 19 -15.11 4.13 -40.95
C ASP B 19 -15.68 4.35 -42.36
N VAL B 20 -15.19 3.57 -43.34
CA VAL B 20 -15.70 3.75 -44.70
C VAL B 20 -17.18 3.46 -44.74
N SER B 21 -17.65 2.58 -43.83
CA SER B 21 -19.07 2.26 -43.74
C SER B 21 -19.88 3.50 -43.36
N LYS B 22 -19.57 4.12 -42.23
CA LYS B 22 -20.27 5.33 -41.80
C LYS B 22 -19.65 6.58 -42.41
N ASN B 23 -18.75 6.40 -43.39
CA ASN B 23 -18.07 7.50 -44.10
C ASN B 23 -17.51 8.53 -43.11
N HIS B 24 -17.03 8.02 -41.97
CA HIS B 24 -16.46 8.80 -40.87
C HIS B 24 -14.94 8.63 -40.86
N VAL B 25 -14.22 9.72 -41.03
CA VAL B 25 -12.79 9.80 -40.78
C VAL B 25 -12.57 10.54 -39.47
N ILE B 26 -12.19 9.78 -38.45
CA ILE B 26 -12.13 10.23 -37.06
C ILE B 26 -10.69 10.60 -36.75
N VAL B 27 -10.47 11.87 -36.42
CA VAL B 27 -9.19 12.36 -35.95
C VAL B 27 -9.34 12.68 -34.46
N ASP B 28 -8.60 11.94 -33.62
CA ASP B 28 -8.62 12.13 -32.17
C ASP B 28 -7.28 12.67 -31.68
N CYS B 29 -7.26 13.94 -31.28
CA CYS B 29 -6.10 14.59 -30.66
C CYS B 29 -6.37 14.87 -29.18
N THR B 30 -7.07 13.97 -28.50
CA THR B 30 -7.29 14.16 -27.08
C THR B 30 -5.94 14.18 -26.36
N ASP B 31 -5.74 15.20 -25.53
CA ASP B 31 -4.62 15.26 -24.58
C ASP B 31 -3.28 15.05 -25.28
N LYS B 32 -3.02 15.85 -26.31
CA LYS B 32 -1.75 15.78 -27.02
C LYS B 32 -0.88 17.01 -26.80
N HIS B 33 -1.16 17.76 -25.74
CA HIS B 33 -0.35 18.91 -25.37
C HIS B 33 -0.20 19.90 -26.53
N LEU B 34 -1.28 20.07 -27.29
CA LEU B 34 -1.27 20.98 -28.43
C LEU B 34 -1.51 22.41 -27.98
N THR B 35 -0.71 23.34 -28.52
CA THR B 35 -0.92 24.79 -28.38
C THR B 35 -1.44 25.44 -29.66
N GLU B 36 -1.55 24.69 -30.76
CA GLU B 36 -2.28 25.13 -31.95
C GLU B 36 -2.84 23.89 -32.64
N ILE B 37 -3.89 24.06 -33.43
CA ILE B 37 -4.40 22.89 -34.15
C ILE B 37 -3.30 22.37 -35.07
N PRO B 38 -3.03 21.07 -35.09
CA PRO B 38 -1.96 20.57 -35.97
C PRO B 38 -2.24 20.91 -37.42
N GLY B 39 -1.17 20.99 -38.20
CA GLY B 39 -1.31 21.08 -39.63
C GLY B 39 -1.50 19.69 -40.21
N GLY B 40 -2.16 19.62 -41.35
CA GLY B 40 -2.22 18.36 -42.05
C GLY B 40 -3.29 17.39 -41.62
N ILE B 41 -4.35 17.86 -40.96
CA ILE B 41 -5.49 16.97 -40.71
C ILE B 41 -6.05 16.48 -42.04
N PRO B 42 -6.45 15.21 -42.20
CA PRO B 42 -6.94 14.75 -43.50
C PRO B 42 -8.09 15.61 -44.01
N THR B 43 -8.06 15.89 -45.32
CA THR B 43 -9.05 16.78 -45.93
C THR B 43 -10.47 16.27 -45.73
N ASN B 44 -10.67 14.96 -45.81
CA ASN B 44 -11.97 14.33 -45.71
C ASN B 44 -12.55 14.34 -44.30
N THR B 45 -11.86 14.94 -43.31
CA THR B 45 -12.18 14.67 -41.89
C THR B 45 -13.61 15.08 -41.51
N THR B 46 -14.29 14.16 -40.82
CA THR B 46 -15.65 14.35 -40.31
C THR B 46 -15.70 14.57 -38.80
N ASN B 47 -14.99 13.75 -38.01
CA ASN B 47 -14.99 13.83 -36.54
C ASN B 47 -13.62 14.33 -36.09
N LEU B 48 -13.55 15.53 -35.54
CA LEU B 48 -12.32 16.12 -35.06
C LEU B 48 -12.44 16.37 -33.56
N THR B 49 -11.57 15.76 -32.77
CA THR B 49 -11.60 15.88 -31.31
C THR B 49 -10.30 16.53 -30.83
N LEU B 50 -10.41 17.63 -30.10
CA LEU B 50 -9.24 18.33 -29.56
C LEU B 50 -9.33 18.52 -28.05
N THR B 51 -10.02 17.62 -27.36
CA THR B 51 -10.24 17.77 -25.93
C THR B 51 -8.91 17.75 -25.16
N ILE B 52 -8.84 18.59 -24.13
CA ILE B 52 -7.70 18.67 -23.21
C ILE B 52 -6.42 18.96 -23.97
N ASN B 53 -6.34 20.17 -24.54
CA ASN B 53 -5.11 20.73 -25.03
C ASN B 53 -5.06 22.17 -24.53
N HIS B 54 -4.14 22.96 -25.05
CA HIS B 54 -4.03 24.34 -24.65
C HIS B 54 -4.07 25.24 -25.87
N ILE B 55 -5.00 24.96 -26.77
CA ILE B 55 -5.14 25.76 -27.98
C ILE B 55 -5.89 27.04 -27.63
N PRO B 56 -5.24 28.21 -27.81
CA PRO B 56 -5.79 29.45 -27.24
C PRO B 56 -6.91 30.06 -28.05
N ASP B 57 -7.08 29.65 -29.31
CA ASP B 57 -7.99 30.36 -30.20
C ASP B 57 -8.60 29.42 -31.22
N ILE B 58 -9.78 29.81 -31.68
CA ILE B 58 -10.39 29.29 -32.88
C ILE B 58 -10.61 30.45 -33.83
N SER B 59 -10.34 30.24 -35.11
CA SER B 59 -10.46 31.30 -36.11
C SER B 59 -10.92 30.64 -37.40
N PRO B 60 -11.27 31.43 -38.44
CA PRO B 60 -11.69 30.79 -39.68
C PRO B 60 -10.63 29.87 -40.24
N ALA B 61 -9.35 30.16 -39.95
CA ALA B 61 -8.26 29.28 -40.36
C ALA B 61 -8.35 27.90 -39.74
N SER B 62 -8.97 27.78 -38.55
CA SER B 62 -8.93 26.54 -37.77
C SER B 62 -9.48 25.35 -38.55
N PHE B 63 -10.66 25.49 -39.15
CA PHE B 63 -11.29 24.36 -39.80
C PHE B 63 -11.37 24.51 -41.31
N HIS B 64 -10.76 25.58 -41.84
CA HIS B 64 -9.73 25.40 -42.85
C HIS B 64 -10.26 24.86 -44.14
N ARG B 65 -9.95 23.60 -44.33
CA ARG B 65 -10.38 22.78 -45.45
C ARG B 65 -11.36 21.72 -45.00
N LEU B 66 -11.66 21.67 -43.69
CA LEU B 66 -12.41 20.54 -43.13
C LEU B 66 -13.91 20.76 -43.26
N VAL B 67 -14.35 20.90 -44.51
CA VAL B 67 -15.73 21.21 -44.79
C VAL B 67 -16.60 19.97 -44.65
N HIS B 68 -16.00 18.81 -44.45
CA HIS B 68 -16.79 17.61 -44.21
C HIS B 68 -17.02 17.36 -42.73
N LEU B 69 -16.60 18.29 -41.86
CA LEU B 69 -16.72 18.11 -40.42
C LEU B 69 -18.18 18.02 -39.99
N VAL B 70 -18.55 16.91 -39.37
CA VAL B 70 -19.87 16.75 -38.78
C VAL B 70 -19.82 16.86 -37.27
N GLU B 71 -18.64 16.76 -36.67
CA GLU B 71 -18.51 16.93 -35.22
C GLU B 71 -17.16 17.56 -34.91
N ILE B 72 -17.19 18.60 -34.07
CA ILE B 72 -16.01 19.19 -33.49
C ILE B 72 -16.13 19.02 -31.98
N ASP B 73 -15.15 18.34 -31.36
CA ASP B 73 -15.08 18.19 -29.90
C ASP B 73 -13.89 19.01 -29.44
N PHE B 74 -14.15 20.24 -29.01
CA PHE B 74 -13.12 21.19 -28.59
C PHE B 74 -13.33 21.53 -27.11
N ARG B 75 -13.50 20.50 -26.28
CA ARG B 75 -13.74 20.68 -24.85
C ARG B 75 -12.44 20.87 -24.09
N CYS B 76 -12.53 21.67 -23.02
CA CYS B 76 -11.48 21.72 -22.00
C CYS B 76 -10.13 22.16 -22.58
N ASN B 77 -10.15 23.23 -23.36
CA ASN B 77 -8.90 23.91 -23.67
C ASN B 77 -8.68 25.10 -22.76
N CYS B 78 -9.65 25.41 -21.92
CA CYS B 78 -9.49 26.46 -20.93
C CYS B 78 -10.42 26.21 -19.77
N VAL B 79 -10.14 25.19 -18.98
CA VAL B 79 -11.06 24.74 -17.93
C VAL B 79 -11.18 25.79 -16.83
N PRO B 80 -12.37 26.02 -16.28
CA PRO B 80 -12.50 26.87 -15.09
C PRO B 80 -11.47 26.51 -14.03
N ILE B 81 -10.94 27.54 -13.36
CA ILE B 81 -9.73 27.36 -12.55
C ILE B 81 -9.92 26.29 -11.48
N ARG B 82 -11.09 26.28 -10.80
CA ARG B 82 -11.33 25.31 -9.73
C ARG B 82 -11.62 23.90 -10.25
N LEU B 83 -11.95 23.75 -11.53
CA LEU B 83 -12.19 22.44 -12.12
C LEU B 83 -10.97 21.85 -12.85
N GLY B 84 -10.01 22.68 -13.28
CA GLY B 84 -8.90 22.22 -14.08
C GLY B 84 -7.61 22.13 -13.28
N SER B 85 -6.56 21.72 -13.98
CA SER B 85 -5.22 21.61 -13.39
C SER B 85 -4.78 22.93 -12.76
N LYS B 86 -4.27 22.87 -11.53
CA LYS B 86 -3.63 24.05 -10.94
C LYS B 86 -2.15 24.15 -11.29
N SER B 87 -1.52 23.06 -11.72
CA SER B 87 -0.14 23.13 -12.16
C SER B 87 -0.02 23.65 -13.58
N ASN B 88 -1.07 23.46 -14.39
CA ASN B 88 -1.16 24.01 -15.75
C ASN B 88 -2.50 24.73 -15.91
N MET B 89 -2.63 25.85 -15.22
CA MET B 89 -3.81 26.68 -15.32
C MET B 89 -3.90 27.29 -16.73
N CYS B 90 -5.12 27.52 -17.16
CA CYS B 90 -5.36 28.25 -18.41
C CYS B 90 -5.25 29.75 -18.14
N PRO B 91 -4.45 30.49 -18.91
CA PRO B 91 -4.24 31.92 -18.60
C PRO B 91 -5.34 32.89 -19.07
N ARG B 92 -5.88 32.70 -20.28
CA ARG B 92 -6.91 33.56 -20.84
C ARG B 92 -7.93 32.68 -21.56
N ARG B 93 -9.20 33.06 -21.49
CA ARG B 93 -10.27 32.19 -21.97
C ARG B 93 -10.12 31.94 -23.48
N LEU B 94 -10.71 30.85 -23.92
CA LEU B 94 -10.70 30.51 -25.34
C LEU B 94 -11.29 31.64 -26.17
N GLN B 95 -10.61 31.95 -27.27
CA GLN B 95 -10.97 33.06 -28.15
C GLN B 95 -11.53 32.51 -29.45
N ILE B 96 -12.79 32.81 -29.73
CA ILE B 96 -13.46 32.35 -30.95
C ILE B 96 -13.70 33.53 -31.87
N LYS B 97 -12.97 33.57 -32.99
CA LYS B 97 -13.13 34.66 -33.93
C LYS B 97 -14.47 34.55 -34.63
N PRO B 98 -14.97 35.66 -35.14
CA PRO B 98 -16.14 35.58 -36.03
C PRO B 98 -15.75 34.71 -37.21
N ARG B 99 -16.76 34.09 -37.85
CA ARG B 99 -16.55 33.33 -39.08
C ARG B 99 -15.85 32.01 -38.91
N SER B 100 -15.63 31.56 -37.67
CA SER B 100 -14.89 30.31 -37.47
C SER B 100 -15.72 29.05 -37.77
N PHE B 101 -17.04 29.09 -37.62
CA PHE B 101 -17.87 27.92 -37.82
C PHE B 101 -18.84 28.05 -38.98
N SER B 102 -19.04 29.28 -39.47
CA SER B 102 -20.10 29.51 -40.46
C SER B 102 -19.87 28.68 -41.72
N GLY B 103 -18.61 28.41 -42.07
CA GLY B 103 -18.28 27.65 -43.27
C GLY B 103 -18.61 26.17 -43.19
N LEU B 104 -18.71 25.59 -42.00
CA LEU B 104 -18.87 24.13 -41.93
C LEU B 104 -20.36 23.80 -42.04
N THR B 105 -20.81 23.80 -43.30
CA THR B 105 -22.20 23.58 -43.63
C THR B 105 -22.72 22.21 -43.25
N TYR B 106 -21.87 21.30 -42.81
CA TYR B 106 -22.32 19.97 -42.41
C TYR B 106 -22.21 19.72 -40.90
N LEU B 107 -21.79 20.73 -40.12
CA LEU B 107 -21.51 20.55 -38.70
C LEU B 107 -22.77 20.17 -37.94
N LYS B 108 -22.77 19.00 -37.30
CA LYS B 108 -23.94 18.58 -36.52
C LYS B 108 -23.72 18.50 -35.01
N SER B 109 -22.48 18.64 -34.51
CA SER B 109 -22.21 18.63 -33.07
C SER B 109 -21.05 19.57 -32.75
N LEU B 110 -21.24 20.43 -31.76
CA LEU B 110 -20.19 21.36 -31.39
C LEU B 110 -20.07 21.29 -29.89
N TYR B 111 -18.98 20.68 -29.41
CA TYR B 111 -18.67 20.62 -27.98
C TYR B 111 -17.65 21.70 -27.68
N LEU B 112 -18.07 22.70 -26.89
CA LEU B 112 -17.18 23.75 -26.40
C LEU B 112 -17.22 23.86 -24.88
N ASP B 113 -17.46 22.73 -24.20
CA ASP B 113 -17.47 22.71 -22.73
C ASP B 113 -16.11 23.16 -22.15
N GLY B 114 -16.17 23.76 -20.96
CA GLY B 114 -14.96 23.98 -20.20
C GLY B 114 -13.90 24.84 -20.86
N ASN B 115 -14.30 25.98 -21.44
CA ASN B 115 -13.37 26.91 -22.08
C ASN B 115 -13.54 28.33 -21.58
N GLN B 116 -14.36 28.54 -20.55
CA GLN B 116 -14.65 29.85 -19.97
C GLN B 116 -15.26 30.80 -21.01
N LEU B 117 -16.06 30.26 -21.92
CA LEU B 117 -16.76 31.12 -22.85
C LEU B 117 -17.72 32.02 -22.09
N LEU B 118 -17.68 33.32 -22.40
CA LEU B 118 -18.57 34.29 -21.76
C LEU B 118 -19.95 34.35 -22.43
N GLU B 119 -20.05 33.97 -23.71
CA GLU B 119 -21.29 34.06 -24.48
C GLU B 119 -21.41 32.87 -25.42
N ILE B 120 -22.63 32.62 -25.88
CA ILE B 120 -22.82 31.55 -26.85
C ILE B 120 -22.14 31.95 -28.16
N PRO B 121 -21.25 31.12 -28.71
CA PRO B 121 -20.63 31.47 -30.00
C PRO B 121 -21.71 31.67 -31.05
N GLN B 122 -21.57 32.71 -31.86
CA GLN B 122 -22.59 32.85 -32.88
C GLN B 122 -22.00 32.73 -34.28
N GLY B 123 -22.88 32.73 -35.27
CA GLY B 123 -22.52 32.29 -36.60
C GLY B 123 -22.41 30.78 -36.75
N LEU B 124 -23.19 30.01 -35.99
CA LEU B 124 -23.08 28.56 -36.12
C LEU B 124 -23.99 28.06 -37.24
N PRO B 125 -23.60 26.99 -37.92
CA PRO B 125 -24.30 26.62 -39.15
C PRO B 125 -25.69 26.08 -38.86
N PRO B 126 -26.61 26.21 -39.81
CA PRO B 126 -27.97 25.67 -39.60
C PRO B 126 -28.07 24.15 -39.53
N SER B 127 -26.98 23.42 -39.82
CA SER B 127 -26.98 21.97 -39.65
C SER B 127 -26.91 21.52 -38.20
N LEU B 128 -26.60 22.44 -37.28
CA LEU B 128 -26.21 22.06 -35.94
C LEU B 128 -27.40 21.47 -35.17
N GLN B 129 -27.21 20.30 -34.59
CA GLN B 129 -28.25 19.67 -33.78
C GLN B 129 -27.92 19.62 -32.30
N LEU B 130 -26.64 19.45 -31.97
CA LEU B 130 -26.17 19.35 -30.59
C LEU B 130 -25.20 20.49 -30.33
N LEU B 131 -25.43 21.22 -29.24
CA LEU B 131 -24.52 22.26 -28.82
C LEU B 131 -24.25 22.06 -27.33
N SER B 132 -22.98 21.93 -26.95
CA SER B 132 -22.61 21.69 -25.56
C SER B 132 -21.69 22.82 -25.09
N LEU B 133 -22.10 23.47 -23.99
CA LEU B 133 -21.34 24.60 -23.47
C LEU B 133 -21.24 24.53 -21.96
N GLU B 134 -21.33 23.33 -21.39
CA GLU B 134 -21.18 23.14 -19.95
C GLU B 134 -19.82 23.66 -19.48
N ALA B 135 -19.78 24.09 -18.21
CA ALA B 135 -18.54 24.54 -17.57
C ALA B 135 -17.91 25.72 -18.29
N ASN B 136 -18.75 26.66 -18.77
CA ASN B 136 -18.28 27.95 -19.26
C ASN B 136 -18.73 29.04 -18.26
N ASN B 137 -18.68 30.30 -18.70
CA ASN B 137 -19.20 31.39 -17.87
C ASN B 137 -20.39 32.10 -18.54
N ILE B 138 -21.42 31.34 -18.89
CA ILE B 138 -22.60 31.83 -19.59
C ILE B 138 -23.80 31.73 -18.64
N PHE B 139 -24.19 32.88 -18.08
CA PHE B 139 -25.24 32.87 -17.06
C PHE B 139 -26.35 33.88 -17.34
N SER B 140 -26.48 34.31 -18.60
CA SER B 140 -27.63 35.10 -19.06
C SER B 140 -27.98 34.64 -20.47
N ILE B 141 -29.09 33.93 -20.59
CA ILE B 141 -29.55 33.39 -21.86
C ILE B 141 -30.56 34.38 -22.44
N ARG B 142 -30.25 34.94 -23.60
CA ARG B 142 -31.17 35.88 -24.22
C ARG B 142 -31.76 35.23 -25.47
N LYS B 143 -33.08 35.34 -25.65
CA LYS B 143 -33.67 34.74 -26.84
C LYS B 143 -33.05 35.23 -28.16
N GLU B 144 -32.61 36.50 -28.30
CA GLU B 144 -32.04 36.85 -29.62
C GLU B 144 -30.77 36.02 -29.89
N GLN B 145 -29.97 35.73 -28.84
CA GLN B 145 -28.74 34.92 -28.99
C GLN B 145 -29.01 33.44 -29.32
N LEU B 146 -30.26 32.98 -29.30
CA LEU B 146 -30.56 31.62 -29.73
C LEU B 146 -31.21 31.55 -31.09
N THR B 147 -31.36 32.68 -31.80
CA THR B 147 -31.94 32.63 -33.14
C THR B 147 -31.16 31.65 -34.00
N GLU B 148 -29.82 31.73 -33.94
CA GLU B 148 -28.96 30.89 -34.76
C GLU B 148 -29.23 29.40 -34.59
N LEU B 149 -29.85 28.99 -33.49
CA LEU B 149 -30.02 27.58 -33.17
C LEU B 149 -31.40 27.08 -33.56
N ALA B 150 -31.90 27.53 -34.71
CA ALA B 150 -33.25 27.19 -35.14
C ALA B 150 -33.48 25.68 -35.15
N ASN B 151 -32.51 24.93 -35.68
CA ASN B 151 -32.64 23.49 -35.85
C ASN B 151 -32.12 22.67 -34.66
N ILE B 152 -31.72 23.31 -33.55
CA ILE B 152 -31.02 22.61 -32.48
C ILE B 152 -31.94 21.62 -31.77
N GLU B 153 -31.37 20.48 -31.35
CA GLU B 153 -32.14 19.42 -30.68
C GLU B 153 -31.66 19.09 -29.27
N ILE B 154 -30.37 19.24 -28.96
CA ILE B 154 -29.82 18.99 -27.63
C ILE B 154 -28.95 20.18 -27.25
N LEU B 155 -29.22 20.76 -26.08
CA LEU B 155 -28.56 21.99 -25.63
C LEU B 155 -28.09 21.76 -24.21
N TYR B 156 -26.78 21.74 -24.01
CA TYR B 156 -26.18 21.58 -22.68
C TYR B 156 -25.65 22.93 -22.24
N LEU B 157 -26.31 23.52 -21.24
CA LEU B 157 -25.94 24.83 -20.72
C LEU B 157 -25.56 24.82 -19.24
N GLY B 158 -25.49 23.65 -18.61
CA GLY B 158 -25.31 23.56 -17.18
C GLY B 158 -23.89 23.88 -16.71
N GLN B 159 -23.75 23.93 -15.39
CA GLN B 159 -22.45 24.11 -14.75
C GLN B 159 -21.77 25.40 -15.20
N ASN B 160 -22.54 26.41 -15.54
CA ASN B 160 -21.95 27.72 -15.79
C ASN B 160 -21.99 28.60 -14.56
N CYS B 161 -22.68 28.17 -13.50
CA CYS B 161 -22.76 28.98 -12.30
C CYS B 161 -23.10 28.07 -11.12
N TYR B 162 -22.07 27.53 -10.47
CA TYR B 162 -22.24 26.73 -9.26
C TYR B 162 -20.95 26.84 -8.46
N TYR B 163 -20.84 26.07 -7.37
CA TYR B 163 -19.77 26.31 -6.41
C TYR B 163 -18.36 26.03 -6.97
N ARG B 164 -18.22 25.07 -7.89
CA ARG B 164 -16.91 24.79 -8.50
C ARG B 164 -16.59 25.73 -9.67
N ASN B 165 -17.51 26.62 -10.00
CA ASN B 165 -17.38 27.53 -11.13
C ASN B 165 -18.33 28.69 -10.90
N PRO B 166 -18.04 29.58 -9.96
CA PRO B 166 -19.05 30.53 -9.53
C PRO B 166 -19.17 31.72 -10.49
N CYS B 167 -20.41 32.17 -10.67
CA CYS B 167 -20.68 33.40 -11.40
C CYS B 167 -21.18 34.53 -10.52
N TYR B 168 -21.52 34.27 -9.26
CA TYR B 168 -21.81 35.26 -8.22
C TYR B 168 -23.12 36.03 -8.43
N VAL B 169 -23.90 35.71 -9.44
CA VAL B 169 -25.21 36.30 -9.64
C VAL B 169 -26.20 35.18 -9.89
N SER B 170 -27.46 35.53 -10.05
CA SER B 170 -28.43 34.52 -10.42
C SER B 170 -28.39 34.28 -11.91
N TYR B 171 -28.69 33.03 -12.29
CA TYR B 171 -28.86 32.72 -13.69
C TYR B 171 -30.05 33.50 -14.21
N SER B 172 -29.94 34.04 -15.42
CA SER B 172 -31.00 34.82 -16.06
C SER B 172 -31.43 34.18 -17.37
N ILE B 173 -32.72 33.93 -17.52
CA ILE B 173 -33.29 33.43 -18.77
C ILE B 173 -34.43 34.35 -19.19
N GLU B 174 -34.31 34.95 -20.38
CA GLU B 174 -35.38 35.76 -20.93
C GLU B 174 -36.65 34.93 -21.09
N LYS B 175 -37.79 35.59 -20.91
CA LYS B 175 -39.09 34.97 -21.15
C LYS B 175 -39.11 34.29 -22.51
N ASP B 176 -39.60 33.06 -22.55
CA ASP B 176 -39.84 32.31 -23.78
C ASP B 176 -38.56 32.07 -24.61
N ALA B 177 -37.36 32.17 -24.01
CA ALA B 177 -36.12 32.16 -24.80
C ALA B 177 -35.96 30.89 -25.64
N PHE B 178 -36.45 29.75 -25.16
CA PHE B 178 -36.25 28.50 -25.88
C PHE B 178 -37.44 28.12 -26.73
N LEU B 179 -38.47 28.97 -26.79
CA LEU B 179 -39.75 28.60 -27.40
C LEU B 179 -39.64 28.43 -28.92
N ASN B 180 -38.97 29.37 -29.61
CA ASN B 180 -38.91 29.23 -31.07
C ASN B 180 -37.93 28.16 -31.53
N LEU B 181 -37.15 27.57 -30.62
CA LEU B 181 -36.32 26.40 -30.93
C LEU B 181 -37.29 25.23 -31.09
N THR B 182 -37.90 25.15 -32.27
CA THR B 182 -38.99 24.21 -32.52
C THR B 182 -38.54 22.76 -32.62
N LYS B 183 -37.23 22.48 -32.61
CA LYS B 183 -36.76 21.10 -32.66
C LYS B 183 -36.02 20.68 -31.38
N LEU B 184 -35.95 21.55 -30.38
CA LEU B 184 -35.24 21.27 -29.14
C LEU B 184 -35.86 20.07 -28.42
N LYS B 185 -35.07 19.03 -28.18
CA LYS B 185 -35.59 17.83 -27.54
C LYS B 185 -35.03 17.59 -26.14
N VAL B 186 -33.78 17.97 -25.89
CA VAL B 186 -33.12 17.82 -24.59
C VAL B 186 -32.57 19.17 -24.19
N LEU B 187 -32.92 19.62 -22.99
CA LEU B 187 -32.43 20.88 -22.45
C LEU B 187 -31.91 20.62 -21.04
N SER B 188 -30.63 20.98 -20.81
CA SER B 188 -29.96 20.79 -19.52
C SER B 188 -29.52 22.17 -19.02
N LEU B 189 -30.03 22.54 -17.85
CA LEU B 189 -29.71 23.80 -17.20
C LEU B 189 -29.32 23.54 -15.74
N LYS B 190 -28.78 22.34 -15.50
CA LYS B 190 -28.37 21.90 -14.17
C LYS B 190 -27.17 22.69 -13.65
N ASP B 191 -27.06 22.75 -12.33
CA ASP B 191 -25.88 23.32 -11.66
C ASP B 191 -25.64 24.75 -12.14
N ASN B 192 -26.69 25.57 -12.08
CA ASN B 192 -26.66 26.86 -12.76
C ASN B 192 -27.13 28.08 -11.97
N ASN B 193 -27.55 27.92 -10.71
CA ASN B 193 -28.11 29.05 -9.94
C ASN B 193 -29.37 29.62 -10.61
N VAL B 194 -30.18 28.72 -11.19
CA VAL B 194 -31.49 29.06 -11.75
C VAL B 194 -32.49 29.24 -10.61
N THR B 195 -33.33 30.27 -10.71
CA THR B 195 -34.29 30.59 -9.65
C THR B 195 -35.75 30.27 -9.97
N THR B 196 -36.13 30.19 -11.24
CA THR B 196 -37.47 29.81 -11.66
C THR B 196 -37.37 28.85 -12.84
N VAL B 197 -38.32 27.94 -12.93
CA VAL B 197 -38.48 27.14 -14.14
C VAL B 197 -38.74 28.06 -15.32
N PRO B 198 -37.83 28.15 -16.30
CA PRO B 198 -38.02 29.11 -17.38
C PRO B 198 -39.23 28.77 -18.24
N THR B 199 -39.99 29.80 -18.60
CA THR B 199 -41.20 29.64 -19.38
C THR B 199 -41.16 30.66 -20.52
N VAL B 200 -41.79 30.34 -21.64
CA VAL B 200 -42.42 29.04 -21.88
C VAL B 200 -41.46 28.13 -22.63
N LEU B 201 -41.46 26.89 -22.31
CA LEU B 201 -40.57 26.00 -23.01
C LEU B 201 -41.26 25.39 -24.23
N PRO B 202 -40.50 25.02 -25.26
CA PRO B 202 -41.11 24.35 -26.41
C PRO B 202 -41.63 22.98 -26.04
N SER B 203 -42.78 22.62 -26.60
CA SER B 203 -43.43 21.34 -26.33
C SER B 203 -42.71 20.15 -26.96
N THR B 204 -41.70 20.41 -27.79
CA THR B 204 -40.86 19.34 -28.30
C THR B 204 -40.12 18.55 -27.21
N LEU B 205 -39.82 19.19 -26.06
CA LEU B 205 -38.95 18.61 -25.05
C LEU B 205 -39.34 17.19 -24.66
N THR B 206 -38.36 16.28 -24.71
CA THR B 206 -38.47 14.94 -24.12
C THR B 206 -37.70 14.81 -22.80
N GLU B 207 -36.72 15.68 -22.59
CA GLU B 207 -35.85 15.58 -21.43
C GLU B 207 -35.59 16.99 -20.96
N LEU B 208 -35.84 17.24 -19.68
CA LEU B 208 -35.63 18.54 -19.06
C LEU B 208 -34.85 18.31 -17.77
N TYR B 209 -33.69 18.98 -17.66
CA TYR B 209 -32.76 18.82 -16.54
C TYR B 209 -32.55 20.17 -15.88
N LEU B 210 -33.12 20.32 -14.68
CA LEU B 210 -33.07 21.55 -13.92
C LEU B 210 -32.48 21.34 -12.53
N TYR B 211 -31.77 20.25 -12.32
CA TYR B 211 -31.45 19.89 -10.95
C TYR B 211 -30.26 20.71 -10.44
N ASN B 212 -30.12 20.70 -9.11
CA ASN B 212 -29.07 21.46 -8.39
C ASN B 212 -29.09 22.93 -8.80
N ASN B 213 -30.20 23.58 -8.48
CA ASN B 213 -30.38 25.01 -8.71
C ASN B 213 -31.02 25.62 -7.46
N MET B 214 -31.52 26.84 -7.61
CA MET B 214 -32.16 27.62 -6.55
C MET B 214 -33.62 27.88 -6.88
N ILE B 215 -34.31 26.88 -7.41
CA ILE B 215 -35.73 26.95 -7.69
C ILE B 215 -36.47 26.55 -6.39
N ALA B 216 -37.25 27.48 -5.85
CA ALA B 216 -37.96 27.20 -4.61
C ALA B 216 -39.42 26.86 -4.81
N GLU B 217 -40.02 27.26 -5.94
CA GLU B 217 -41.44 27.03 -6.19
C GLU B 217 -41.67 26.61 -7.62
N ILE B 218 -42.55 25.64 -7.82
CA ILE B 218 -43.12 25.31 -9.14
C ILE B 218 -44.48 26.00 -9.26
N GLN B 219 -44.67 26.81 -10.31
CA GLN B 219 -46.00 27.28 -10.70
C GLN B 219 -46.65 26.25 -11.58
N GLU B 220 -47.95 26.30 -11.70
CA GLU B 220 -48.38 25.07 -12.28
C GLU B 220 -48.49 25.17 -13.81
N ASP B 221 -48.05 26.30 -14.40
CA ASP B 221 -48.16 26.37 -15.85
C ASP B 221 -46.76 26.13 -16.40
N ASP B 222 -45.81 25.78 -15.51
CA ASP B 222 -44.42 25.54 -15.89
C ASP B 222 -44.31 24.38 -16.86
N PHE B 223 -45.09 23.32 -16.66
CA PHE B 223 -45.02 22.13 -17.49
C PHE B 223 -46.33 21.91 -18.27
N ASN B 224 -47.09 22.99 -18.51
CA ASN B 224 -48.40 22.87 -19.15
C ASN B 224 -48.30 22.26 -20.54
N ASN B 225 -47.28 22.65 -21.31
CA ASN B 225 -47.13 22.25 -22.70
C ASN B 225 -46.17 21.10 -22.93
N LEU B 226 -45.59 20.54 -21.86
CA LEU B 226 -44.61 19.47 -22.01
C LEU B 226 -45.31 18.11 -22.11
N ASN B 227 -46.14 17.94 -23.14
CA ASN B 227 -46.83 16.68 -23.31
C ASN B 227 -45.99 15.62 -24.01
N GLN B 228 -44.80 15.98 -24.52
CA GLN B 228 -43.87 14.98 -25.07
C GLN B 228 -42.76 14.59 -24.09
N LEU B 229 -42.77 15.14 -22.88
CA LEU B 229 -41.60 15.03 -22.03
C LEU B 229 -41.59 13.68 -21.32
N GLN B 230 -40.40 13.11 -21.21
CA GLN B 230 -40.19 11.75 -20.72
C GLN B 230 -39.31 11.71 -19.49
N ILE B 231 -38.38 12.67 -19.36
CA ILE B 231 -37.47 12.79 -18.23
C ILE B 231 -37.60 14.19 -17.64
N LEU B 232 -37.93 14.26 -16.36
CA LEU B 232 -37.89 15.51 -15.62
C LEU B 232 -37.02 15.30 -14.39
N ASP B 233 -36.04 16.20 -14.22
CA ASP B 233 -35.15 16.14 -13.06
C ASP B 233 -35.20 17.49 -12.37
N LEU B 234 -35.80 17.53 -11.18
CA LEU B 234 -35.87 18.73 -10.34
C LEU B 234 -35.07 18.57 -9.07
N SER B 235 -34.16 17.61 -9.03
CA SER B 235 -33.42 17.27 -7.81
C SER B 235 -32.55 18.41 -7.31
N GLY B 236 -32.29 18.41 -6.01
CA GLY B 236 -31.36 19.39 -5.48
C GLY B 236 -31.84 20.82 -5.62
N ASN B 237 -33.14 21.04 -5.57
CA ASN B 237 -33.69 22.37 -5.34
C ASN B 237 -34.35 22.34 -3.96
N CYS B 238 -33.87 23.20 -3.04
CA CYS B 238 -34.10 23.03 -1.61
C CYS B 238 -33.52 21.69 -1.14
N PRO B 239 -32.20 21.54 -1.22
CA PRO B 239 -31.59 20.25 -0.88
C PRO B 239 -31.68 19.92 0.60
N ARG B 240 -31.75 18.62 0.90
CA ARG B 240 -31.44 18.16 2.24
C ARG B 240 -29.92 18.12 2.39
N CYS B 241 -29.36 18.93 3.29
CA CYS B 241 -27.94 19.22 3.32
C CYS B 241 -27.14 18.45 4.36
N TYR B 242 -27.75 17.49 5.06
CA TYR B 242 -27.07 16.82 6.16
C TYR B 242 -25.90 15.98 5.65
N ASN B 243 -24.72 16.20 6.24
CA ASN B 243 -23.50 15.50 5.81
C ASN B 243 -23.28 15.63 4.30
N ALA B 244 -23.63 16.77 3.77
CA ALA B 244 -23.38 17.00 2.36
C ALA B 244 -21.87 17.07 2.15
N PRO B 245 -21.34 16.33 1.18
CA PRO B 245 -19.90 16.43 0.91
C PRO B 245 -19.53 17.53 -0.07
N PHE B 246 -20.45 18.48 -0.28
CA PHE B 246 -20.20 19.68 -1.07
C PHE B 246 -20.89 20.83 -0.34
N PRO B 247 -20.55 22.09 -0.66
CA PRO B 247 -21.25 23.22 -0.01
C PRO B 247 -22.73 23.25 -0.39
N CYS B 248 -23.59 23.32 0.62
CA CYS B 248 -25.01 23.04 0.48
C CYS B 248 -25.81 24.02 1.33
N THR B 249 -26.67 24.80 0.69
CA THR B 249 -27.53 25.71 1.42
C THR B 249 -28.99 25.33 1.24
N PRO B 250 -29.68 24.92 2.29
CA PRO B 250 -31.09 24.50 2.13
C PRO B 250 -31.99 25.70 1.93
N CYS B 251 -33.20 25.42 1.46
CA CYS B 251 -34.18 26.50 1.38
C CYS B 251 -34.56 26.92 2.78
N LYS B 252 -34.87 28.21 2.92
CA LYS B 252 -35.14 28.81 4.21
C LYS B 252 -36.39 28.19 4.84
N ASN B 253 -36.42 28.17 6.18
CA ASN B 253 -37.50 27.56 6.97
C ASN B 253 -37.60 26.05 6.72
N ASN B 254 -36.49 25.44 6.31
CA ASN B 254 -36.45 24.04 5.85
C ASN B 254 -37.53 23.73 4.81
N SER B 255 -37.96 24.74 4.05
CA SER B 255 -39.06 24.54 3.11
C SER B 255 -38.69 23.46 2.10
N PRO B 256 -39.64 22.59 1.73
CA PRO B 256 -39.42 21.75 0.56
C PRO B 256 -39.52 22.60 -0.70
N LEU B 257 -39.06 22.00 -1.80
CA LEU B 257 -39.46 22.50 -3.11
C LEU B 257 -40.97 22.38 -3.22
N GLN B 258 -41.62 23.50 -3.54
CA GLN B 258 -43.08 23.56 -3.58
C GLN B 258 -43.58 23.25 -4.99
N ILE B 259 -44.26 22.11 -5.13
CA ILE B 259 -44.83 21.65 -6.40
C ILE B 259 -46.34 21.52 -6.23
N PRO B 260 -47.15 22.33 -6.93
CA PRO B 260 -48.61 22.22 -6.82
C PRO B 260 -49.09 20.82 -7.19
N VAL B 261 -50.15 20.39 -6.51
CA VAL B 261 -50.68 19.02 -6.58
C VAL B 261 -50.83 18.52 -8.00
N ASN B 262 -50.94 19.45 -8.95
CA ASN B 262 -51.28 19.18 -10.33
C ASN B 262 -50.30 19.67 -11.37
N ALA B 263 -49.11 20.11 -10.95
CA ALA B 263 -48.10 20.63 -11.83
C ALA B 263 -47.64 19.60 -12.86
N PHE B 264 -47.93 18.31 -12.67
CA PHE B 264 -47.50 17.26 -13.59
C PHE B 264 -48.59 16.77 -14.53
N ASP B 265 -49.74 17.46 -14.58
CA ASP B 265 -50.91 16.91 -15.28
C ASP B 265 -50.69 16.75 -16.78
N ALA B 266 -49.88 17.60 -17.40
CA ALA B 266 -49.56 17.50 -18.82
C ALA B 266 -48.50 16.45 -19.15
N LEU B 267 -47.79 15.93 -18.16
CA LEU B 267 -46.63 15.06 -18.42
C LEU B 267 -47.12 13.64 -18.73
N THR B 268 -47.96 13.57 -19.77
CA THR B 268 -48.60 12.32 -20.14
C THR B 268 -47.59 11.26 -20.50
N GLU B 269 -46.48 11.67 -21.11
CA GLU B 269 -45.46 10.73 -21.55
C GLU B 269 -44.27 10.64 -20.60
N LEU B 270 -44.40 11.16 -19.38
CA LEU B 270 -43.29 11.16 -18.44
C LEU B 270 -42.94 9.72 -18.06
N LYS B 271 -41.69 9.33 -18.29
CA LYS B 271 -41.21 8.03 -17.86
C LYS B 271 -40.36 8.08 -16.59
N VAL B 272 -39.58 9.13 -16.37
CA VAL B 272 -38.72 9.23 -15.18
C VAL B 272 -38.86 10.62 -14.58
N LEU B 273 -39.12 10.65 -13.27
CA LEU B 273 -39.25 11.86 -12.47
C LEU B 273 -38.24 11.79 -11.34
N ARG B 274 -37.25 12.69 -11.35
CA ARG B 274 -36.20 12.70 -10.34
C ARG B 274 -36.43 13.89 -9.40
N LEU B 275 -36.85 13.58 -8.18
CA LEU B 275 -37.00 14.58 -7.12
C LEU B 275 -36.16 14.16 -5.92
N HIS B 276 -34.87 13.96 -6.19
CA HIS B 276 -33.87 13.67 -5.18
C HIS B 276 -33.46 14.97 -4.49
N SER B 277 -33.32 14.93 -3.18
CA SER B 277 -32.82 16.07 -2.40
C SER B 277 -33.63 17.35 -2.68
N ASN B 278 -34.92 17.28 -2.37
CA ASN B 278 -35.81 18.43 -2.40
C ASN B 278 -36.45 18.70 -1.04
N SER B 279 -35.98 18.04 0.03
CA SER B 279 -36.51 18.26 1.38
C SER B 279 -38.01 18.03 1.44
N LEU B 280 -38.52 17.10 0.62
CA LEU B 280 -39.95 16.81 0.64
C LEU B 280 -40.34 16.06 1.92
N GLN B 281 -41.44 16.49 2.53
CA GLN B 281 -42.01 15.75 3.65
C GLN B 281 -43.29 15.00 3.27
N HIS B 282 -43.89 15.29 2.12
CA HIS B 282 -45.04 14.54 1.65
C HIS B 282 -44.92 14.32 0.16
N VAL B 283 -45.56 13.26 -0.30
CA VAL B 283 -45.74 12.97 -1.72
C VAL B 283 -47.23 12.96 -2.00
N PRO B 284 -47.82 14.09 -2.38
CA PRO B 284 -49.28 14.14 -2.65
C PRO B 284 -49.68 13.21 -3.77
N PRO B 285 -50.58 12.23 -3.50
CA PRO B 285 -51.03 11.32 -4.57
C PRO B 285 -51.50 12.01 -5.85
N ARG B 286 -52.03 13.23 -5.72
CA ARG B 286 -52.63 13.90 -6.86
C ARG B 286 -51.59 14.23 -7.94
N TRP B 287 -50.31 14.38 -7.54
CA TRP B 287 -49.23 14.57 -8.50
C TRP B 287 -49.33 13.60 -9.67
N PHE B 288 -49.74 12.35 -9.41
CA PHE B 288 -49.55 11.25 -10.35
C PHE B 288 -50.82 10.71 -11.00
N LYS B 289 -51.93 11.45 -11.04
CA LYS B 289 -53.11 10.83 -11.67
C LYS B 289 -52.91 10.73 -13.19
N ASN B 290 -52.35 11.77 -13.80
CA ASN B 290 -52.30 11.80 -15.25
C ASN B 290 -50.99 11.25 -15.81
N ILE B 291 -50.10 10.74 -14.97
CA ILE B 291 -48.98 9.93 -15.44
C ILE B 291 -49.25 8.50 -14.95
N ASN B 292 -49.59 7.60 -15.86
CA ASN B 292 -49.73 6.19 -15.50
C ASN B 292 -48.76 5.32 -16.29
N ASN B 293 -47.73 5.95 -16.86
CA ASN B 293 -46.63 5.24 -17.50
C ASN B 293 -45.28 5.61 -16.87
N LEU B 294 -45.31 6.19 -15.67
CA LEU B 294 -44.09 6.46 -14.93
C LEU B 294 -43.43 5.15 -14.52
N GLN B 295 -42.14 5.04 -14.81
CA GLN B 295 -41.39 3.83 -14.53
C GLN B 295 -40.26 4.02 -13.54
N GLU B 296 -39.72 5.24 -13.42
CA GLU B 296 -38.58 5.51 -12.55
C GLU B 296 -38.89 6.74 -11.72
N LEU B 297 -38.84 6.58 -10.39
CA LEU B 297 -39.12 7.66 -9.45
C LEU B 297 -38.00 7.74 -8.41
N ASP B 298 -37.33 8.89 -8.33
CA ASP B 298 -36.28 9.11 -7.34
C ASP B 298 -36.78 10.08 -6.25
N LEU B 299 -37.02 9.55 -5.06
CA LEU B 299 -37.41 10.35 -3.91
C LEU B 299 -36.39 10.25 -2.78
N SER B 300 -35.13 9.98 -3.13
CA SER B 300 -34.06 9.86 -2.15
C SER B 300 -33.60 11.23 -1.65
N GLN B 301 -33.09 11.24 -0.42
CA GLN B 301 -32.59 12.46 0.24
C GLN B 301 -33.70 13.49 0.45
N ASN B 302 -34.81 13.04 1.00
CA ASN B 302 -35.85 13.97 1.39
C ASN B 302 -36.16 13.73 2.86
N PHE B 303 -37.33 14.15 3.33
CA PHE B 303 -37.73 13.86 4.69
C PHE B 303 -38.99 13.02 4.71
N LEU B 304 -38.94 11.85 4.05
CA LEU B 304 -40.11 11.04 3.80
C LEU B 304 -40.17 9.78 4.67
N ALA B 305 -39.52 9.79 5.83
CA ALA B 305 -39.53 8.61 6.70
C ALA B 305 -40.96 8.18 7.04
N LYS B 306 -41.76 9.09 7.62
CA LYS B 306 -43.16 8.75 7.94
C LYS B 306 -43.98 8.55 6.66
N GLU B 307 -43.75 9.37 5.64
CA GLU B 307 -44.46 9.15 4.39
C GLU B 307 -44.23 7.72 3.87
N ILE B 308 -43.09 7.09 4.21
CA ILE B 308 -42.86 5.72 3.77
C ILE B 308 -43.88 4.78 4.41
N GLY B 309 -44.33 5.08 5.63
CA GLY B 309 -45.33 4.25 6.28
C GLY B 309 -46.75 4.47 5.81
N ASP B 310 -46.95 5.38 4.85
CA ASP B 310 -48.25 5.82 4.34
C ASP B 310 -48.30 5.69 2.82
N ALA B 311 -47.76 6.68 2.11
CA ALA B 311 -47.44 6.54 0.69
C ALA B 311 -48.65 6.12 -0.14
N LYS B 312 -49.75 6.83 0.03
CA LYS B 312 -50.91 6.54 -0.78
C LYS B 312 -50.65 6.76 -2.27
N PHE B 313 -49.64 7.56 -2.61
CA PHE B 313 -49.34 7.86 -4.00
C PHE B 313 -48.87 6.62 -4.75
N LEU B 314 -48.39 5.59 -4.05
CA LEU B 314 -47.92 4.38 -4.71
C LEU B 314 -49.05 3.74 -5.52
N HIS B 315 -50.28 3.82 -5.01
CA HIS B 315 -51.42 3.22 -5.69
C HIS B 315 -51.57 3.72 -7.11
N PHE B 316 -50.98 4.86 -7.45
CA PHE B 316 -51.13 5.42 -8.79
C PHE B 316 -49.93 5.17 -9.68
N LEU B 317 -49.06 4.21 -9.31
CA LEU B 317 -47.81 3.96 -10.03
C LEU B 317 -47.68 2.48 -10.36
N PRO B 318 -48.64 1.91 -11.08
CA PRO B 318 -48.58 0.47 -11.33
C PRO B 318 -47.55 0.07 -12.36
N ASN B 319 -47.07 0.99 -13.21
CA ASN B 319 -46.06 0.68 -14.20
C ASN B 319 -44.65 1.00 -13.74
N LEU B 320 -44.49 1.44 -12.49
CA LEU B 320 -43.20 1.83 -11.96
C LEU B 320 -42.25 0.63 -11.92
N ILE B 321 -41.06 0.81 -12.48
CA ILE B 321 -40.04 -0.21 -12.47
C ILE B 321 -39.02 0.03 -11.35
N GLN B 322 -38.55 1.27 -11.20
CA GLN B 322 -37.58 1.60 -10.15
C GLN B 322 -38.20 2.61 -9.20
N LEU B 323 -37.99 2.41 -7.89
CA LEU B 323 -38.40 3.36 -6.87
C LEU B 323 -37.30 3.49 -5.81
N ASP B 324 -36.82 4.71 -5.60
CA ASP B 324 -35.73 5.03 -4.68
C ASP B 324 -36.22 5.92 -3.55
N LEU B 325 -36.15 5.42 -2.32
CA LEU B 325 -36.52 6.19 -1.14
C LEU B 325 -35.35 6.33 -0.15
N SER B 326 -34.12 6.20 -0.64
CA SER B 326 -32.96 6.11 0.25
C SER B 326 -32.69 7.43 0.94
N PHE B 327 -32.17 7.34 2.16
CA PHE B 327 -31.77 8.51 2.95
C PHE B 327 -32.95 9.46 3.13
N ASN B 328 -33.98 8.94 3.78
CA ASN B 328 -35.12 9.74 4.21
C ASN B 328 -35.29 9.74 5.72
N PHE B 329 -34.32 9.19 6.47
CA PHE B 329 -34.42 9.16 7.92
C PHE B 329 -34.55 10.56 8.45
N GLU B 330 -35.33 10.73 9.50
CA GLU B 330 -35.39 12.04 10.12
C GLU B 330 -34.22 12.16 11.10
N LEU B 331 -33.60 13.33 11.10
CA LEU B 331 -32.28 13.48 11.72
C LEU B 331 -32.34 13.12 13.21
N GLN B 332 -31.33 12.37 13.64
CA GLN B 332 -31.15 11.98 15.04
C GLN B 332 -32.20 10.99 15.55
N VAL B 333 -32.87 10.24 14.69
CA VAL B 333 -33.78 9.19 15.12
C VAL B 333 -33.20 7.84 14.71
N TYR B 334 -33.29 6.87 15.62
CA TYR B 334 -32.87 5.49 15.34
C TYR B 334 -34.09 4.56 15.51
N ARG B 335 -34.94 4.54 14.47
CA ARG B 335 -36.17 3.75 14.52
C ARG B 335 -35.91 2.31 14.95
N ALA B 336 -36.90 1.68 15.58
CA ALA B 336 -36.71 0.31 15.99
C ALA B 336 -36.98 -0.68 14.87
N SER B 337 -37.79 -0.31 13.88
CA SER B 337 -38.17 -1.21 12.82
C SER B 337 -38.61 -0.37 11.65
N MET B 338 -38.86 -1.04 10.52
CA MET B 338 -39.26 -0.35 9.29
C MET B 338 -40.76 -0.47 9.08
N ASN B 339 -41.45 0.69 9.06
CA ASN B 339 -42.89 0.78 8.85
C ASN B 339 -43.06 1.10 7.37
N LEU B 340 -43.25 0.06 6.55
CA LEU B 340 -43.60 0.21 5.14
C LEU B 340 -45.09 -0.02 4.96
N SER B 341 -45.77 0.95 4.35
CA SER B 341 -47.21 0.85 4.16
C SER B 341 -47.53 -0.31 3.21
N GLN B 342 -48.74 -0.86 3.39
CA GLN B 342 -49.20 -1.93 2.51
C GLN B 342 -49.37 -1.44 1.08
N ALA B 343 -49.40 -0.12 0.86
CA ALA B 343 -49.59 0.39 -0.49
C ALA B 343 -48.49 -0.07 -1.44
N PHE B 344 -47.35 -0.48 -0.89
CA PHE B 344 -46.26 -0.99 -1.73
C PHE B 344 -46.71 -2.19 -2.56
N SER B 345 -47.67 -2.98 -2.03
CA SER B 345 -48.17 -4.16 -2.74
C SER B 345 -48.90 -3.82 -4.04
N SER B 346 -49.19 -2.55 -4.30
CA SER B 346 -49.82 -2.17 -5.54
C SER B 346 -48.82 -1.75 -6.62
N LEU B 347 -47.53 -2.00 -6.41
CA LEU B 347 -46.49 -1.60 -7.36
C LEU B 347 -46.13 -2.77 -8.28
N LYS B 348 -47.11 -3.16 -9.10
CA LYS B 348 -47.09 -4.48 -9.71
C LYS B 348 -45.94 -4.65 -10.71
N SER B 349 -45.47 -3.57 -11.33
CA SER B 349 -44.35 -3.70 -12.24
C SER B 349 -42.98 -3.62 -11.57
N LEU B 350 -42.93 -3.34 -10.26
CA LEU B 350 -41.68 -2.90 -9.62
C LEU B 350 -40.58 -3.95 -9.73
N LYS B 351 -39.45 -3.53 -10.34
CA LYS B 351 -38.26 -4.37 -10.40
C LYS B 351 -37.16 -3.95 -9.43
N ILE B 352 -36.98 -2.65 -9.17
CA ILE B 352 -35.90 -2.15 -8.32
C ILE B 352 -36.51 -1.30 -7.21
N LEU B 353 -36.24 -1.68 -5.97
CA LEU B 353 -36.64 -0.95 -4.78
C LEU B 353 -35.39 -0.72 -3.94
N ARG B 354 -35.04 0.54 -3.69
CA ARG B 354 -33.90 0.91 -2.85
C ARG B 354 -34.34 1.83 -1.72
N ILE B 355 -34.16 1.39 -0.48
CA ILE B 355 -34.36 2.23 0.69
C ILE B 355 -33.15 2.15 1.61
N ARG B 356 -32.04 2.76 1.20
CA ARG B 356 -30.93 2.96 2.11
C ARG B 356 -31.25 4.10 3.09
N GLY B 357 -30.52 4.14 4.20
CA GLY B 357 -30.59 5.31 5.07
C GLY B 357 -31.96 5.57 5.65
N TYR B 358 -32.72 4.52 5.92
CA TYR B 358 -33.93 4.65 6.72
C TYR B 358 -33.58 4.61 8.20
N VAL B 359 -32.55 3.83 8.55
CA VAL B 359 -31.90 3.83 9.86
C VAL B 359 -32.78 3.26 10.96
N PHE B 360 -32.79 1.92 11.08
CA PHE B 360 -33.63 1.22 12.04
C PHE B 360 -32.90 0.01 12.59
N LYS B 361 -33.33 -0.47 13.77
CA LYS B 361 -32.53 -1.45 14.50
C LYS B 361 -32.86 -2.90 14.15
N GLU B 362 -34.13 -3.27 14.01
CA GLU B 362 -34.47 -4.66 13.74
C GLU B 362 -35.30 -4.70 12.48
N LEU B 363 -34.96 -5.60 11.59
CA LEU B 363 -35.78 -5.92 10.43
C LEU B 363 -36.37 -7.31 10.66
N LYS B 364 -37.69 -7.41 10.75
CA LYS B 364 -38.34 -8.71 10.88
C LYS B 364 -39.16 -8.98 9.62
N SER B 365 -39.39 -10.27 9.35
CA SER B 365 -39.92 -10.72 8.06
C SER B 365 -41.24 -10.03 7.72
N PHE B 366 -42.08 -9.73 8.71
CA PHE B 366 -43.39 -9.20 8.39
C PHE B 366 -43.29 -7.81 7.78
N GLN B 367 -42.26 -7.03 8.12
CA GLN B 367 -42.22 -5.64 7.68
C GLN B 367 -41.97 -5.54 6.18
N LEU B 368 -41.53 -6.63 5.55
CA LEU B 368 -41.41 -6.75 4.12
C LEU B 368 -42.64 -7.37 3.45
N SER B 369 -43.70 -7.63 4.22
CA SER B 369 -44.90 -8.27 3.68
C SER B 369 -45.51 -7.58 2.46
N PRO B 370 -45.58 -6.24 2.38
CA PRO B 370 -46.10 -5.61 1.16
C PRO B 370 -45.35 -5.99 -0.11
N LEU B 371 -44.15 -6.55 -0.01
CA LEU B 371 -43.41 -6.91 -1.21
C LEU B 371 -43.53 -8.39 -1.56
N HIS B 372 -44.26 -9.16 -0.75
CA HIS B 372 -44.30 -10.61 -0.93
C HIS B 372 -44.81 -10.98 -2.31
N ASN B 373 -45.74 -10.19 -2.89
CA ASN B 373 -46.36 -10.51 -4.17
C ASN B 373 -46.02 -9.50 -5.25
N LEU B 374 -44.86 -8.86 -5.16
CA LEU B 374 -44.38 -8.07 -6.29
C LEU B 374 -43.60 -9.02 -7.20
N GLN B 375 -44.27 -9.48 -8.25
CA GLN B 375 -43.83 -10.67 -8.99
C GLN B 375 -42.67 -10.38 -9.94
N ASN B 376 -42.27 -9.13 -10.10
CA ASN B 376 -41.04 -8.86 -10.84
C ASN B 376 -40.04 -8.10 -10.00
N LEU B 377 -40.17 -8.13 -8.67
CA LEU B 377 -39.19 -7.47 -7.81
C LEU B 377 -37.86 -8.19 -7.92
N GLU B 378 -36.86 -7.48 -8.44
CA GLU B 378 -35.56 -8.07 -8.69
C GLU B 378 -34.48 -7.63 -7.71
N VAL B 379 -34.51 -6.38 -7.26
CA VAL B 379 -33.49 -5.82 -6.37
C VAL B 379 -34.16 -5.21 -5.17
N LEU B 380 -33.83 -5.70 -3.98
CA LEU B 380 -34.19 -5.04 -2.74
C LEU B 380 -32.89 -4.61 -2.08
N ASP B 381 -32.69 -3.29 -2.00
CA ASP B 381 -31.46 -2.66 -1.52
C ASP B 381 -31.79 -1.97 -0.21
N LEU B 382 -31.34 -2.56 0.90
CA LEU B 382 -31.62 -2.05 2.23
C LEU B 382 -30.34 -1.64 2.93
N GLY B 383 -29.34 -1.19 2.14
CA GLY B 383 -28.03 -0.92 2.68
C GLY B 383 -27.97 0.37 3.48
N THR B 384 -26.89 0.49 4.25
CA THR B 384 -26.65 1.66 5.08
C THR B 384 -27.88 2.01 5.89
N ASN B 385 -28.30 1.04 6.70
CA ASN B 385 -29.46 1.24 7.55
C ASN B 385 -29.16 0.93 9.01
N PHE B 386 -27.94 0.50 9.33
CA PHE B 386 -27.54 0.25 10.70
C PHE B 386 -28.46 -0.75 11.37
N ILE B 387 -28.95 -1.71 10.59
CA ILE B 387 -29.72 -2.81 11.14
C ILE B 387 -28.79 -3.63 12.02
N LYS B 388 -29.24 -3.93 13.24
CA LYS B 388 -28.48 -4.78 14.15
C LYS B 388 -28.98 -6.22 14.18
N ILE B 389 -30.22 -6.50 13.78
CA ILE B 389 -30.81 -7.82 13.97
C ILE B 389 -31.64 -8.17 12.74
N ALA B 390 -31.37 -9.34 12.17
CA ALA B 390 -32.14 -9.77 11.01
C ALA B 390 -32.11 -11.28 10.90
N ASN B 391 -33.29 -11.91 10.84
CA ASN B 391 -33.34 -13.34 10.58
C ASN B 391 -33.14 -13.49 9.08
N LEU B 392 -31.94 -13.94 8.68
CA LEU B 392 -31.67 -14.05 7.24
C LEU B 392 -32.66 -14.98 6.56
N SER B 393 -33.26 -15.90 7.30
CA SER B 393 -34.18 -16.86 6.72
C SER B 393 -35.44 -16.20 6.19
N MET B 394 -35.74 -14.96 6.61
CA MET B 394 -36.90 -14.26 6.08
C MET B 394 -36.84 -14.12 4.58
N PHE B 395 -35.65 -14.22 3.99
CA PHE B 395 -35.50 -13.99 2.57
C PHE B 395 -35.78 -15.23 1.73
N LYS B 396 -36.21 -16.34 2.37
CA LYS B 396 -36.77 -17.48 1.63
C LYS B 396 -37.98 -17.06 0.78
N GLN B 397 -38.70 -16.03 1.20
CA GLN B 397 -39.83 -15.52 0.47
C GLN B 397 -39.43 -14.63 -0.71
N PHE B 398 -38.13 -14.53 -0.96
CA PHE B 398 -37.60 -13.70 -2.03
C PHE B 398 -36.62 -14.49 -2.88
N LYS B 399 -36.82 -15.82 -2.95
CA LYS B 399 -36.12 -16.66 -3.92
C LYS B 399 -36.10 -16.02 -5.30
N ARG B 400 -37.12 -15.18 -5.60
CA ARG B 400 -37.30 -14.58 -6.92
C ARG B 400 -36.32 -13.47 -7.23
N LEU B 401 -35.74 -12.84 -6.21
CA LEU B 401 -34.95 -11.64 -6.45
C LEU B 401 -33.55 -11.99 -6.90
N LYS B 402 -32.95 -11.06 -7.64
CA LYS B 402 -31.59 -11.22 -8.12
C LYS B 402 -30.58 -10.74 -7.09
N VAL B 403 -30.88 -9.65 -6.38
CA VAL B 403 -29.97 -9.09 -5.41
C VAL B 403 -30.72 -8.64 -4.15
N ILE B 404 -30.33 -9.18 -2.99
CA ILE B 404 -30.78 -8.72 -1.69
C ILE B 404 -29.58 -8.05 -1.02
N ASP B 405 -29.61 -6.72 -0.98
CA ASP B 405 -28.46 -5.91 -0.62
C ASP B 405 -28.66 -5.35 0.79
N LEU B 406 -27.99 -5.98 1.76
CA LEU B 406 -27.89 -5.52 3.14
C LEU B 406 -26.50 -4.98 3.46
N SER B 407 -25.76 -4.55 2.43
CA SER B 407 -24.43 -3.98 2.61
C SER B 407 -24.43 -2.81 3.58
N VAL B 408 -23.37 -2.70 4.37
CA VAL B 408 -23.13 -1.60 5.29
C VAL B 408 -24.23 -1.56 6.35
N ASN B 409 -24.29 -2.60 7.16
CA ASN B 409 -25.18 -2.57 8.32
C ASN B 409 -24.41 -3.08 9.52
N LYS B 410 -25.11 -3.38 10.61
CA LYS B 410 -24.51 -3.85 11.86
C LYS B 410 -25.05 -5.21 12.26
N ILE B 411 -25.31 -6.09 11.28
CA ILE B 411 -25.92 -7.37 11.59
C ILE B 411 -24.90 -8.29 12.25
N SER B 412 -25.33 -9.00 13.31
CA SER B 412 -24.49 -9.94 14.05
C SER B 412 -25.40 -10.93 14.75
N PRO B 413 -24.87 -12.12 15.15
CA PRO B 413 -25.74 -13.04 15.90
C PRO B 413 -25.98 -12.56 17.34
N VAL B 437 -24.45 -2.11 -9.96
CA VAL B 437 -23.63 -1.65 -8.85
C VAL B 437 -23.54 -0.12 -8.88
N LEU B 438 -23.80 0.52 -7.75
CA LEU B 438 -23.83 1.98 -7.65
C LEU B 438 -22.46 2.51 -7.23
N GLU B 439 -22.16 3.74 -7.64
CA GLU B 439 -20.87 4.37 -7.36
C GLU B 439 -20.60 4.42 -5.85
N GLN B 440 -19.31 4.59 -5.49
CA GLN B 440 -18.93 4.59 -4.08
C GLN B 440 -19.41 5.86 -3.38
N LEU B 441 -19.33 7.01 -4.05
CA LEU B 441 -20.08 8.20 -3.66
C LEU B 441 -21.20 8.32 -4.69
N TYR B 442 -22.44 8.01 -4.27
CA TYR B 442 -23.56 7.84 -5.19
C TYR B 442 -24.74 8.69 -4.75
N TYR B 443 -25.30 8.37 -3.58
CA TYR B 443 -26.41 9.15 -3.02
C TYR B 443 -25.98 10.51 -2.49
N PHE B 444 -24.68 10.74 -2.29
CA PHE B 444 -24.24 12.00 -1.72
C PHE B 444 -23.41 12.86 -2.65
N ARG B 445 -23.07 12.36 -3.83
CA ARG B 445 -22.42 13.18 -4.84
C ARG B 445 -23.35 14.27 -5.36
N TYR B 446 -22.78 15.46 -5.54
CA TYR B 446 -23.52 16.64 -5.95
C TYR B 446 -24.16 16.40 -7.30
N ASP B 447 -23.37 16.05 -8.29
CA ASP B 447 -23.92 15.76 -9.61
C ASP B 447 -23.39 14.38 -10.05
N LYS B 448 -24.12 13.32 -9.70
CA LYS B 448 -23.67 11.98 -10.08
C LYS B 448 -23.55 11.80 -11.60
N TYR B 449 -24.19 12.66 -12.41
CA TYR B 449 -24.10 12.55 -13.86
C TYR B 449 -23.14 13.54 -14.48
N ALA B 450 -22.19 14.09 -13.72
CA ALA B 450 -21.31 15.11 -14.27
C ALA B 450 -20.31 14.52 -15.26
N ARG B 451 -20.16 15.18 -16.40
CA ARG B 451 -19.30 14.70 -17.47
C ARG B 451 -17.88 15.23 -17.26
N SER B 452 -16.91 14.41 -17.65
CA SER B 452 -15.48 14.66 -17.44
C SER B 452 -14.81 15.06 -18.76
N CYS B 453 -13.64 15.66 -18.64
CA CYS B 453 -12.89 16.07 -19.84
C CYS B 453 -12.32 14.85 -20.59
N SER B 468 -17.54 -8.66 -9.90
CA SER B 468 -18.86 -8.77 -9.32
C SER B 468 -19.60 -10.06 -9.72
N CYS B 469 -20.35 -10.61 -8.76
CA CYS B 469 -20.83 -11.99 -8.79
C CYS B 469 -22.30 -12.11 -9.16
N TYR B 470 -22.98 -10.99 -9.47
CA TYR B 470 -24.41 -11.04 -9.78
C TYR B 470 -24.72 -12.02 -10.90
N LYS B 471 -23.82 -12.17 -11.88
CA LYS B 471 -24.05 -13.06 -13.02
C LYS B 471 -24.29 -14.52 -12.62
N TYR B 472 -23.85 -14.93 -11.42
CA TYR B 472 -24.04 -16.33 -11.04
C TYR B 472 -25.46 -16.63 -10.58
N GLY B 473 -26.27 -15.61 -10.26
CA GLY B 473 -27.64 -15.83 -9.83
C GLY B 473 -28.04 -15.05 -8.59
N GLN B 474 -28.97 -15.59 -7.79
CA GLN B 474 -29.46 -14.85 -6.64
C GLN B 474 -28.33 -14.54 -5.68
N THR B 475 -28.23 -13.28 -5.31
CA THR B 475 -27.11 -12.77 -4.53
C THR B 475 -27.62 -12.16 -3.23
N LEU B 476 -27.05 -12.59 -2.13
CA LEU B 476 -27.32 -11.98 -0.84
C LEU B 476 -26.02 -11.27 -0.43
N ASP B 477 -26.07 -9.93 -0.38
CA ASP B 477 -24.90 -9.13 -0.03
C ASP B 477 -24.97 -8.76 1.46
N LEU B 478 -24.15 -9.41 2.27
CA LEU B 478 -23.98 -9.06 3.67
C LEU B 478 -22.64 -8.35 3.94
N SER B 479 -22.08 -7.69 2.92
CA SER B 479 -20.75 -7.13 3.07
C SER B 479 -20.75 -5.93 4.03
N LYS B 480 -19.60 -5.70 4.65
CA LYS B 480 -19.42 -4.60 5.60
C LYS B 480 -20.51 -4.64 6.66
N ASN B 481 -20.55 -5.74 7.40
CA ASN B 481 -21.44 -5.89 8.53
C ASN B 481 -20.58 -6.28 9.73
N SER B 482 -21.22 -6.78 10.78
CA SER B 482 -20.58 -7.07 12.05
C SER B 482 -20.79 -8.52 12.47
N ILE B 483 -20.79 -9.44 11.51
CA ILE B 483 -21.00 -10.86 11.81
C ILE B 483 -19.67 -11.43 12.32
N PHE B 484 -19.58 -11.69 13.62
CA PHE B 484 -18.33 -12.25 14.13
C PHE B 484 -18.32 -13.77 14.14
N PHE B 485 -19.49 -14.42 14.13
CA PHE B 485 -19.54 -15.89 14.13
C PHE B 485 -20.62 -16.35 13.15
N ILE B 486 -20.37 -17.49 12.52
CA ILE B 486 -21.32 -18.09 11.59
C ILE B 486 -21.51 -19.56 11.93
N LYS B 487 -22.68 -20.06 11.59
CA LYS B 487 -23.06 -21.45 11.78
C LYS B 487 -24.14 -21.77 10.77
N SER B 488 -24.31 -23.06 10.49
CA SER B 488 -25.17 -23.48 9.38
C SER B 488 -26.60 -22.93 9.52
N SER B 489 -27.09 -22.82 10.75
CA SER B 489 -28.48 -22.41 10.99
C SER B 489 -28.75 -21.01 10.45
N ASP B 490 -27.76 -20.13 10.46
CA ASP B 490 -27.94 -18.77 9.98
C ASP B 490 -28.46 -18.74 8.56
N PHE B 491 -28.28 -19.82 7.81
CA PHE B 491 -28.62 -19.89 6.39
C PHE B 491 -29.71 -20.89 6.06
N GLN B 492 -30.42 -21.41 7.08
CA GLN B 492 -31.58 -22.24 6.82
C GLN B 492 -32.58 -21.55 5.90
N HIS B 493 -33.17 -22.34 5.02
CA HIS B 493 -34.17 -21.89 4.06
C HIS B 493 -33.57 -20.91 3.06
N LEU B 494 -32.25 -20.88 2.93
CA LEU B 494 -31.60 -20.07 1.90
C LEU B 494 -30.74 -20.91 0.97
N SER B 495 -31.23 -22.10 0.63
CA SER B 495 -30.50 -23.02 -0.23
C SER B 495 -30.33 -22.47 -1.64
N PHE B 496 -31.22 -21.58 -2.07
CA PHE B 496 -31.22 -21.14 -3.47
C PHE B 496 -30.08 -20.21 -3.80
N LEU B 497 -29.38 -19.68 -2.80
CA LEU B 497 -28.35 -18.66 -3.02
C LEU B 497 -27.28 -19.16 -3.98
N LYS B 498 -26.95 -18.34 -4.98
CA LYS B 498 -25.87 -18.61 -5.92
C LYS B 498 -24.58 -17.83 -5.62
N CYS B 499 -24.70 -16.62 -5.06
CA CYS B 499 -23.56 -15.80 -4.65
C CYS B 499 -23.85 -15.21 -3.28
N LEU B 500 -22.87 -15.31 -2.38
CA LEU B 500 -22.99 -14.76 -1.03
C LEU B 500 -21.78 -13.87 -0.75
N ASN B 501 -22.02 -12.67 -0.22
CA ASN B 501 -20.97 -11.70 0.08
C ASN B 501 -20.83 -11.54 1.60
N LEU B 502 -19.71 -12.01 2.15
CA LEU B 502 -19.39 -11.77 3.55
C LEU B 502 -18.18 -10.85 3.70
N SER B 503 -17.79 -10.16 2.64
CA SER B 503 -16.63 -9.28 2.66
C SER B 503 -16.76 -8.24 3.76
N GLY B 504 -15.67 -7.99 4.48
CA GLY B 504 -15.66 -6.92 5.45
C GLY B 504 -16.47 -7.19 6.70
N ASN B 505 -16.50 -8.43 7.14
CA ASN B 505 -17.11 -8.76 8.42
C ASN B 505 -16.03 -8.99 9.48
N LEU B 506 -16.41 -9.57 10.61
CA LEU B 506 -15.45 -9.82 11.69
C LEU B 506 -15.30 -11.31 11.93
N ILE B 507 -15.51 -12.11 10.88
CA ILE B 507 -15.50 -13.57 11.00
C ILE B 507 -14.06 -14.00 11.23
N SER B 508 -13.80 -14.58 12.39
CA SER B 508 -12.46 -14.91 12.88
C SER B 508 -12.45 -16.31 13.45
N GLN B 509 -13.06 -17.24 12.74
CA GLN B 509 -13.39 -18.54 13.30
C GLN B 509 -12.75 -19.67 12.50
N THR B 510 -12.55 -20.81 13.13
CA THR B 510 -11.99 -21.97 12.45
C THR B 510 -13.06 -22.68 11.66
N LEU B 511 -13.16 -22.36 10.39
CA LEU B 511 -14.05 -23.09 9.50
C LEU B 511 -13.58 -24.53 9.32
N ASN B 512 -14.49 -25.48 9.61
CA ASN B 512 -14.25 -26.91 9.42
C ASN B 512 -15.29 -27.54 8.50
N GLY B 513 -15.88 -26.76 7.60
CA GLY B 513 -16.85 -27.34 6.70
C GLY B 513 -18.23 -27.55 7.26
N SER B 514 -18.52 -27.02 8.44
CA SER B 514 -19.83 -27.17 9.04
C SER B 514 -20.64 -25.88 9.08
N GLU B 515 -20.09 -24.78 8.59
CA GLU B 515 -20.70 -23.48 8.82
C GLU B 515 -21.70 -23.05 7.76
N PHE B 516 -21.63 -23.60 6.54
CA PHE B 516 -22.42 -23.16 5.40
C PHE B 516 -23.32 -24.25 4.81
N GLN B 517 -23.82 -25.17 5.62
CA GLN B 517 -24.39 -26.38 5.02
C GLN B 517 -25.69 -26.18 4.22
N PRO B 518 -26.57 -25.23 4.54
CA PRO B 518 -27.75 -25.05 3.71
C PRO B 518 -27.49 -24.59 2.28
N LEU B 519 -26.32 -24.02 1.99
CA LEU B 519 -26.12 -23.28 0.74
C LEU B 519 -25.61 -24.24 -0.34
N ALA B 520 -26.47 -25.19 -0.71
CA ALA B 520 -26.07 -26.29 -1.56
C ALA B 520 -25.82 -25.88 -3.00
N GLU B 521 -26.26 -24.69 -3.41
CA GLU B 521 -26.09 -24.25 -4.79
C GLU B 521 -25.11 -23.10 -4.94
N LEU B 522 -24.51 -22.62 -3.83
CA LEU B 522 -23.63 -21.47 -3.85
C LEU B 522 -22.46 -21.68 -4.81
N ARG B 523 -22.31 -20.75 -5.76
CA ARG B 523 -21.20 -20.82 -6.70
C ARG B 523 -20.11 -19.80 -6.41
N TYR B 524 -20.43 -18.75 -5.65
CA TYR B 524 -19.54 -17.63 -5.43
C TYR B 524 -19.63 -17.23 -3.97
N LEU B 525 -18.51 -17.32 -3.25
CA LEU B 525 -18.42 -16.85 -1.88
C LEU B 525 -17.31 -15.81 -1.82
N ASP B 526 -17.68 -14.57 -1.54
CA ASP B 526 -16.73 -13.51 -1.23
C ASP B 526 -16.53 -13.52 0.28
N PHE B 527 -15.35 -13.97 0.72
CA PHE B 527 -14.99 -14.01 2.13
C PHE B 527 -13.80 -13.09 2.43
N SER B 528 -13.60 -12.06 1.62
CA SER B 528 -12.45 -11.20 1.79
C SER B 528 -12.65 -10.28 3.01
N ASN B 529 -11.56 -9.65 3.45
CA ASN B 529 -11.57 -8.76 4.62
C ASN B 529 -12.27 -9.40 5.81
N ASN B 530 -11.83 -10.60 6.16
CA ASN B 530 -12.25 -11.24 7.40
C ASN B 530 -10.95 -11.68 8.08
N ARG B 531 -11.06 -12.58 9.04
CA ARG B 531 -9.89 -13.17 9.67
C ARG B 531 -9.98 -14.68 9.59
N LEU B 532 -9.94 -15.22 8.37
CA LEU B 532 -10.10 -16.65 8.24
C LEU B 532 -8.98 -17.40 8.96
N ASP B 533 -9.36 -18.41 9.72
CA ASP B 533 -8.38 -19.24 10.41
C ASP B 533 -8.41 -20.63 9.78
N LEU B 534 -7.43 -20.88 8.92
CA LEU B 534 -7.30 -22.17 8.25
C LEU B 534 -6.64 -23.20 9.15
N LEU B 535 -7.13 -23.33 10.38
CA LEU B 535 -6.71 -24.45 11.20
C LEU B 535 -7.09 -25.79 10.56
N HIS B 536 -8.28 -25.88 9.96
CA HIS B 536 -8.77 -27.14 9.42
C HIS B 536 -8.72 -27.10 7.91
N SER B 537 -8.16 -28.17 7.32
CA SER B 537 -8.12 -28.33 5.86
C SER B 537 -9.49 -28.61 5.26
N THR B 538 -10.54 -28.71 6.08
CA THR B 538 -11.91 -28.92 5.64
C THR B 538 -12.70 -27.62 5.48
N ALA B 539 -12.05 -26.47 5.62
CA ALA B 539 -12.75 -25.21 5.46
C ALA B 539 -13.42 -25.12 4.09
N PHE B 540 -14.67 -24.66 4.08
CA PHE B 540 -15.47 -24.38 2.89
C PHE B 540 -15.95 -25.64 2.15
N GLU B 541 -15.59 -26.85 2.60
CA GLU B 541 -15.91 -28.03 1.81
C GLU B 541 -17.41 -28.31 1.71
N GLU B 542 -18.24 -27.80 2.64
CA GLU B 542 -19.69 -27.92 2.51
C GLU B 542 -20.21 -27.32 1.21
N LEU B 543 -19.57 -26.28 0.69
CA LEU B 543 -20.10 -25.63 -0.51
C LEU B 543 -19.69 -26.47 -1.70
N ARG B 544 -20.54 -27.46 -2.00
CA ARG B 544 -20.12 -28.47 -2.97
C ARG B 544 -20.24 -27.94 -4.41
N LYS B 545 -20.89 -26.77 -4.64
CA LYS B 545 -20.86 -26.18 -5.98
C LYS B 545 -20.02 -24.91 -6.06
N LEU B 546 -19.11 -24.71 -5.10
CA LEU B 546 -18.28 -23.51 -5.07
C LEU B 546 -17.38 -23.45 -6.28
N GLU B 547 -17.54 -22.38 -7.06
CA GLU B 547 -16.72 -22.12 -8.25
C GLU B 547 -15.71 -21.00 -8.08
N VAL B 548 -16.05 -19.97 -7.29
CA VAL B 548 -15.20 -18.82 -7.03
C VAL B 548 -15.19 -18.56 -5.52
N LEU B 549 -14.00 -18.57 -4.93
CA LEU B 549 -13.80 -18.30 -3.50
C LEU B 549 -12.79 -17.16 -3.41
N ASP B 550 -13.20 -16.07 -2.77
CA ASP B 550 -12.29 -14.95 -2.50
C ASP B 550 -12.01 -14.94 -1.00
N ILE B 551 -10.78 -15.30 -0.64
CA ILE B 551 -10.37 -15.18 0.76
C ILE B 551 -9.20 -14.20 0.84
N SER B 552 -9.20 -13.23 -0.07
CA SER B 552 -8.21 -12.18 -0.02
C SER B 552 -8.36 -11.31 1.24
N SER B 553 -7.23 -10.72 1.65
CA SER B 553 -7.19 -9.80 2.80
C SER B 553 -7.76 -10.46 4.06
N ASN B 554 -7.37 -11.70 4.26
CA ASN B 554 -7.61 -12.42 5.50
C ASN B 554 -6.29 -12.67 6.22
N SER B 555 -5.44 -11.63 6.24
CA SER B 555 -4.05 -11.76 6.65
C SER B 555 -3.88 -11.92 8.14
N HIS B 556 -4.90 -11.56 8.95
CA HIS B 556 -4.73 -11.54 10.40
C HIS B 556 -3.93 -12.72 10.93
N TYR B 557 -4.42 -13.93 10.71
CA TYR B 557 -3.76 -15.09 11.30
C TYR B 557 -2.49 -15.48 10.58
N PHE B 558 -2.28 -15.01 9.34
CA PHE B 558 -1.04 -15.32 8.65
C PHE B 558 0.13 -14.48 9.13
N GLN B 559 -0.14 -13.45 9.92
CA GLN B 559 0.86 -12.48 10.34
C GLN B 559 1.52 -12.81 11.67
N SER B 560 1.17 -13.91 12.32
CA SER B 560 1.72 -14.20 13.62
C SER B 560 2.28 -15.61 13.63
N GLU B 561 3.50 -15.75 14.16
CA GLU B 561 4.26 -16.99 14.02
C GLU B 561 3.64 -18.12 14.83
N GLY B 562 3.86 -19.34 14.34
CA GLY B 562 3.48 -20.55 15.05
C GLY B 562 2.04 -21.00 14.85
N ILE B 563 1.24 -20.22 14.17
CA ILE B 563 -0.15 -20.59 13.89
C ILE B 563 -0.17 -21.55 12.69
N THR B 564 -1.06 -22.54 12.73
CA THR B 564 -1.21 -23.51 11.65
C THR B 564 -2.09 -22.94 10.54
N HIS B 565 -1.66 -23.13 9.29
CA HIS B 565 -2.44 -22.73 8.12
C HIS B 565 -2.47 -23.90 7.14
N MET B 566 -3.64 -24.53 6.98
CA MET B 566 -3.80 -25.64 6.04
C MET B 566 -4.13 -25.07 4.66
N LEU B 567 -3.09 -24.85 3.84
CA LEU B 567 -3.30 -24.32 2.50
C LEU B 567 -3.84 -25.35 1.51
N ASN B 568 -3.83 -26.63 1.85
CA ASN B 568 -4.28 -27.67 0.93
C ASN B 568 -5.78 -27.91 1.01
N PHE B 569 -6.51 -27.03 1.70
CA PHE B 569 -7.96 -27.12 1.81
C PHE B 569 -8.67 -27.14 0.46
N THR B 570 -7.99 -26.81 -0.63
CA THR B 570 -8.64 -26.73 -1.93
C THR B 570 -8.92 -28.11 -2.50
N LYS B 571 -8.30 -29.15 -1.93
CA LYS B 571 -8.50 -30.50 -2.43
C LYS B 571 -9.97 -30.91 -2.41
N ASN B 572 -10.76 -30.31 -1.51
CA ASN B 572 -12.13 -30.75 -1.27
C ASN B 572 -13.18 -30.02 -2.12
N LEU B 573 -12.82 -28.95 -2.80
CA LEU B 573 -13.78 -28.20 -3.59
C LEU B 573 -13.57 -28.65 -5.03
N LYS B 574 -14.39 -29.61 -5.44
CA LYS B 574 -14.16 -30.38 -6.65
C LYS B 574 -14.56 -29.62 -7.90
N VAL B 575 -15.22 -28.48 -7.71
CA VAL B 575 -15.77 -27.64 -8.77
C VAL B 575 -15.11 -26.26 -8.81
N LEU B 576 -14.22 -25.97 -7.86
CA LEU B 576 -13.65 -24.64 -7.72
C LEU B 576 -12.87 -24.24 -8.97
N GLN B 577 -13.17 -23.06 -9.48
CA GLN B 577 -12.55 -22.59 -10.70
C GLN B 577 -11.55 -21.49 -10.47
N LYS B 578 -11.84 -20.58 -9.54
CA LYS B 578 -11.07 -19.37 -9.31
C LYS B 578 -10.94 -19.17 -7.81
N LEU B 579 -9.71 -19.10 -7.33
CA LEU B 579 -9.43 -18.86 -5.92
C LEU B 579 -8.58 -17.61 -5.84
N MET B 580 -9.06 -16.63 -5.09
CA MET B 580 -8.35 -15.37 -4.85
C MET B 580 -7.89 -15.36 -3.40
N MET B 581 -6.58 -15.32 -3.20
CA MET B 581 -6.05 -15.15 -1.84
C MET B 581 -4.95 -14.07 -1.84
N ASN B 582 -5.33 -12.91 -2.37
CA ASN B 582 -4.48 -11.74 -2.42
C ASN B 582 -4.32 -11.12 -1.03
N ASP B 583 -3.14 -10.52 -0.80
CA ASP B 583 -2.91 -9.65 0.36
C ASP B 583 -3.11 -10.40 1.69
N ASN B 584 -2.68 -11.65 1.75
CA ASN B 584 -2.81 -12.39 2.99
C ASN B 584 -1.53 -12.47 3.79
N ASP B 585 -0.43 -11.93 3.26
CA ASP B 585 0.82 -11.91 3.98
C ASP B 585 1.33 -13.31 4.27
N ILE B 586 0.97 -14.27 3.39
CA ILE B 586 1.28 -15.66 3.67
C ILE B 586 2.78 -15.87 3.59
N SER B 587 3.34 -16.47 4.62
CA SER B 587 4.76 -16.71 4.66
C SER B 587 5.10 -18.07 5.26
N SER B 588 4.10 -18.87 5.54
CA SER B 588 4.31 -20.17 6.14
C SER B 588 3.08 -21.00 5.85
N SER B 589 3.27 -22.32 5.74
CA SER B 589 2.18 -23.23 5.46
C SER B 589 2.48 -24.57 6.08
N THR B 590 1.50 -25.13 6.79
CA THR B 590 1.61 -26.47 7.33
C THR B 590 1.63 -27.51 6.22
N SER B 591 1.01 -27.22 5.08
CA SER B 591 0.99 -28.14 3.96
C SER B 591 1.91 -27.65 2.85
N ARG B 592 2.61 -28.59 2.23
CA ARG B 592 3.65 -28.30 1.25
C ARG B 592 3.13 -28.19 -0.16
N THR B 593 1.89 -28.62 -0.40
CA THR B 593 1.31 -28.63 -1.72
C THR B 593 -0.14 -28.20 -1.63
N MET B 594 -0.56 -27.35 -2.55
CA MET B 594 -1.98 -27.11 -2.78
C MET B 594 -2.44 -28.03 -3.90
N GLU B 595 -3.61 -28.63 -3.70
CA GLU B 595 -4.12 -29.65 -4.61
C GLU B 595 -5.45 -29.21 -5.17
N SER B 596 -5.60 -29.32 -6.48
CA SER B 596 -6.93 -29.18 -7.05
C SER B 596 -6.90 -29.81 -8.42
N GLU B 597 -8.00 -30.44 -8.78
CA GLU B 597 -8.18 -30.95 -10.13
C GLU B 597 -9.06 -30.04 -10.98
N SER B 598 -9.69 -29.02 -10.37
CA SER B 598 -10.58 -28.13 -11.10
C SER B 598 -10.06 -26.72 -11.26
N LEU B 599 -9.20 -26.25 -10.35
CA LEU B 599 -8.85 -24.84 -10.28
C LEU B 599 -8.08 -24.36 -11.51
N ARG B 600 -8.57 -23.31 -12.17
CA ARG B 600 -7.96 -22.77 -13.37
C ARG B 600 -7.15 -21.48 -13.17
N THR B 601 -7.61 -20.60 -12.30
CA THR B 601 -6.92 -19.34 -11.98
C THR B 601 -6.71 -19.27 -10.47
N LEU B 602 -5.50 -18.88 -10.07
CA LEU B 602 -5.17 -18.66 -8.67
C LEU B 602 -4.51 -17.29 -8.51
N GLU B 603 -5.12 -16.42 -7.72
CA GLU B 603 -4.54 -15.12 -7.38
C GLU B 603 -3.87 -15.24 -6.03
N PHE B 604 -2.54 -15.16 -6.04
CA PHE B 604 -1.68 -15.30 -4.87
C PHE B 604 -0.83 -14.07 -4.66
N ARG B 605 -1.37 -12.90 -4.97
CA ARG B 605 -0.61 -11.66 -4.93
C ARG B 605 -0.55 -11.07 -3.52
N GLY B 606 0.54 -10.39 -3.21
CA GLY B 606 0.69 -9.74 -1.92
C GLY B 606 0.93 -10.70 -0.77
N ASN B 607 1.83 -11.65 -0.96
CA ASN B 607 2.14 -12.62 0.08
C ASN B 607 3.65 -12.73 0.21
N HIS B 608 4.14 -13.74 0.91
CA HIS B 608 5.59 -13.79 1.07
C HIS B 608 6.20 -15.09 0.57
N LEU B 609 5.95 -15.39 -0.71
CA LEU B 609 6.64 -16.51 -1.34
C LEU B 609 8.15 -16.34 -1.21
N ASP B 610 8.61 -15.09 -1.10
CA ASP B 610 10.05 -14.89 -0.89
C ASP B 610 10.51 -15.59 0.41
N VAL B 611 9.69 -15.55 1.46
CA VAL B 611 10.01 -16.29 2.68
C VAL B 611 9.73 -17.79 2.50
N LEU B 612 8.55 -18.17 1.97
CA LEU B 612 8.28 -19.60 1.75
C LEU B 612 9.34 -20.28 0.89
N TRP B 613 9.88 -19.57 -0.10
CA TRP B 613 10.93 -20.05 -1.00
C TRP B 613 12.33 -19.57 -0.61
N ARG B 614 12.58 -19.37 0.68
CA ARG B 614 13.88 -18.93 1.17
C ARG B 614 15.02 -19.76 0.57
N ASP B 615 16.07 -19.10 0.09
CA ASP B 615 17.05 -19.86 -0.66
C ASP B 615 17.66 -20.91 0.27
N GLY B 616 17.57 -22.18 -0.14
CA GLY B 616 17.95 -23.31 0.69
C GLY B 616 16.80 -24.14 1.22
N ASP B 617 15.59 -23.59 1.27
CA ASP B 617 14.39 -24.34 1.69
C ASP B 617 13.62 -24.79 0.45
N ASN B 618 13.59 -26.10 0.25
CA ASN B 618 12.97 -26.79 -0.88
C ASN B 618 11.52 -27.16 -0.65
N ARG B 619 11.02 -27.04 0.60
CA ARG B 619 9.82 -27.80 0.93
C ARG B 619 8.60 -27.28 0.19
N TYR B 620 8.62 -26.02 -0.27
CA TYR B 620 7.45 -25.40 -0.89
C TYR B 620 7.67 -25.08 -2.38
N LEU B 621 8.73 -25.60 -3.01
CA LEU B 621 8.95 -25.30 -4.42
C LEU B 621 7.91 -25.97 -5.32
N GLN B 622 6.97 -26.72 -4.75
CA GLN B 622 5.93 -27.42 -5.49
C GLN B 622 4.58 -27.06 -4.91
N LEU B 623 4.47 -25.88 -4.33
CA LEU B 623 3.21 -25.49 -3.70
C LEU B 623 2.06 -25.52 -4.68
N PHE B 624 2.33 -25.21 -5.95
CA PHE B 624 1.32 -25.10 -7.00
C PHE B 624 1.36 -26.24 -8.01
N LYS B 625 2.25 -27.24 -7.84
CA LYS B 625 2.44 -28.26 -8.88
C LYS B 625 1.20 -29.13 -9.12
N ASN B 626 0.42 -29.43 -8.08
CA ASN B 626 -0.75 -30.30 -8.23
C ASN B 626 -2.06 -29.53 -8.41
N LEU B 627 -1.98 -28.28 -8.87
CA LEU B 627 -3.13 -27.57 -9.41
C LEU B 627 -3.16 -27.90 -10.89
N LEU B 628 -3.71 -29.08 -11.21
CA LEU B 628 -3.36 -29.71 -12.49
C LEU B 628 -3.91 -28.95 -13.69
N LYS B 629 -5.06 -28.30 -13.57
CA LYS B 629 -5.52 -27.48 -14.68
C LYS B 629 -5.39 -25.98 -14.40
N LEU B 630 -4.49 -25.59 -13.48
CA LEU B 630 -4.19 -24.17 -13.28
C LEU B 630 -3.69 -23.57 -14.58
N GLU B 631 -4.40 -22.56 -15.08
CA GLU B 631 -3.95 -21.89 -16.29
C GLU B 631 -3.37 -20.50 -16.05
N GLU B 632 -3.75 -19.85 -14.94
CA GLU B 632 -3.37 -18.49 -14.63
C GLU B 632 -2.89 -18.46 -13.17
N LEU B 633 -1.65 -18.01 -12.97
CA LEU B 633 -1.07 -17.85 -11.64
C LEU B 633 -0.58 -16.42 -11.50
N ASP B 634 -1.10 -15.72 -10.47
CA ASP B 634 -0.69 -14.36 -10.16
C ASP B 634 0.12 -14.37 -8.86
N ILE B 635 1.45 -14.22 -8.99
CA ILE B 635 2.32 -14.19 -7.83
C ILE B 635 3.18 -12.92 -7.90
N SER B 636 2.58 -11.87 -8.43
CA SER B 636 3.14 -10.54 -8.28
C SER B 636 3.06 -10.11 -6.81
N LYS B 637 3.84 -9.06 -6.47
CA LYS B 637 3.85 -8.48 -5.12
C LYS B 637 4.19 -9.53 -4.06
N ASN B 638 5.25 -10.30 -4.30
CA ASN B 638 5.64 -11.32 -3.33
C ASN B 638 7.08 -11.16 -2.87
N SER B 639 7.68 -10.00 -3.12
CA SER B 639 9.05 -9.70 -2.70
C SER B 639 10.04 -10.69 -3.29
N LEU B 640 9.76 -11.22 -4.47
CA LEU B 640 10.66 -12.21 -5.04
C LEU B 640 11.77 -11.47 -5.78
N SER B 641 12.86 -11.16 -5.06
CA SER B 641 13.93 -10.45 -5.72
C SER B 641 14.70 -11.36 -6.65
N PHE B 642 14.62 -12.66 -6.42
CA PHE B 642 15.09 -13.71 -7.32
C PHE B 642 14.10 -14.86 -7.24
N LEU B 643 14.15 -15.75 -8.23
CA LEU B 643 13.38 -16.99 -8.16
C LEU B 643 14.31 -18.16 -7.89
N PRO B 644 14.15 -18.87 -6.78
CA PRO B 644 15.01 -20.03 -6.53
C PRO B 644 14.95 -20.98 -7.71
N SER B 645 16.10 -21.62 -7.97
CA SER B 645 16.13 -22.72 -8.93
C SER B 645 15.12 -23.77 -8.47
N GLY B 646 14.26 -24.19 -9.38
CA GLY B 646 13.23 -25.14 -9.05
C GLY B 646 11.85 -24.55 -8.98
N VAL B 647 11.72 -23.23 -8.94
CA VAL B 647 10.38 -22.65 -8.98
C VAL B 647 9.69 -23.02 -10.28
N PHE B 648 10.40 -22.90 -11.42
CA PHE B 648 9.79 -23.11 -12.72
C PHE B 648 9.39 -24.56 -12.92
N ASP B 649 10.30 -25.49 -12.59
CA ASP B 649 9.98 -26.90 -12.61
C ASP B 649 8.80 -27.22 -11.68
N GLY B 650 8.61 -26.42 -10.63
CA GLY B 650 7.50 -26.66 -9.73
C GLY B 650 6.15 -26.19 -10.23
N MET B 651 6.12 -25.44 -11.34
CA MET B 651 4.87 -24.88 -11.84
C MET B 651 4.00 -25.99 -12.43
N PRO B 652 2.68 -25.90 -12.28
CA PRO B 652 1.76 -26.92 -12.83
C PRO B 652 1.82 -26.97 -14.35
N PRO B 653 1.44 -28.10 -14.96
CA PRO B 653 1.84 -28.34 -16.34
C PRO B 653 1.09 -27.52 -17.40
N ASN B 654 -0.07 -26.94 -17.09
CA ASN B 654 -0.88 -26.28 -18.10
C ASN B 654 -0.94 -24.76 -17.93
N LEU B 655 0.06 -24.16 -17.28
CA LEU B 655 0.09 -22.72 -16.99
C LEU B 655 0.18 -21.89 -18.26
N LYS B 656 -0.81 -21.03 -18.51
CA LYS B 656 -0.74 -20.14 -19.66
C LYS B 656 -0.23 -18.75 -19.31
N ASN B 657 -0.71 -18.20 -18.19
CA ASN B 657 -0.60 -16.77 -17.89
C ASN B 657 0.04 -16.63 -16.50
N LEU B 658 1.29 -16.16 -16.46
CA LEU B 658 2.05 -16.04 -15.22
C LEU B 658 2.44 -14.58 -14.99
N SER B 659 2.04 -14.04 -13.84
CA SER B 659 2.45 -12.70 -13.42
C SER B 659 3.51 -12.75 -12.31
N LEU B 660 4.68 -12.22 -12.61
CA LEU B 660 5.68 -11.95 -11.59
C LEU B 660 5.94 -10.46 -11.45
N ALA B 661 4.92 -9.63 -11.65
CA ALA B 661 5.10 -8.19 -11.57
C ALA B 661 5.39 -7.72 -10.14
N LYS B 662 5.99 -6.55 -10.04
CA LYS B 662 6.09 -5.86 -8.77
C LYS B 662 6.74 -6.75 -7.72
N ASN B 663 7.85 -7.38 -8.10
CA ASN B 663 8.54 -8.27 -7.17
C ASN B 663 9.93 -7.80 -6.77
N GLY B 664 10.37 -6.66 -7.28
CA GLY B 664 11.77 -6.29 -7.15
C GLY B 664 12.73 -7.27 -7.79
N LEU B 665 12.26 -8.04 -8.78
CA LEU B 665 13.13 -8.99 -9.47
C LEU B 665 14.35 -8.28 -10.04
N LYS B 666 15.54 -8.71 -9.62
CA LYS B 666 16.78 -8.13 -10.16
C LYS B 666 17.48 -9.07 -11.12
N SER B 667 17.09 -10.33 -11.16
CA SER B 667 17.69 -11.30 -12.05
C SER B 667 16.64 -12.35 -12.42
N PHE B 668 16.84 -12.98 -13.58
CA PHE B 668 15.83 -13.91 -14.07
C PHE B 668 16.54 -14.87 -15.02
N ILE B 669 16.56 -16.17 -14.68
CA ILE B 669 17.13 -17.15 -15.61
C ILE B 669 16.10 -17.51 -16.66
N TRP B 670 16.15 -16.76 -17.78
CA TRP B 670 15.20 -16.91 -18.87
C TRP B 670 15.15 -18.32 -19.41
N GLU B 671 16.27 -19.05 -19.34
CA GLU B 671 16.33 -20.41 -19.87
C GLU B 671 15.36 -21.35 -19.18
N LYS B 672 15.08 -21.12 -17.90
CA LYS B 672 14.15 -21.98 -17.18
C LYS B 672 12.70 -21.79 -17.64
N LEU B 673 12.44 -20.87 -18.56
CA LEU B 673 11.12 -20.82 -19.15
C LEU B 673 10.82 -22.08 -19.97
N ARG B 674 11.85 -22.82 -20.39
CA ARG B 674 11.56 -24.05 -21.14
C ARG B 674 10.76 -25.06 -20.34
N TYR B 675 10.77 -24.97 -19.01
CA TYR B 675 9.88 -25.79 -18.20
C TYR B 675 8.42 -25.39 -18.32
N LEU B 676 8.13 -24.20 -18.80
CA LEU B 676 6.75 -23.70 -18.81
C LEU B 676 6.20 -23.86 -20.23
N LYS B 677 5.79 -25.09 -20.55
CA LYS B 677 5.58 -25.47 -21.95
C LYS B 677 4.25 -24.99 -22.54
N ASN B 678 3.30 -24.55 -21.72
CA ASN B 678 2.10 -23.91 -22.24
C ASN B 678 2.05 -22.40 -21.92
N LEU B 679 3.21 -21.82 -21.57
CA LEU B 679 3.29 -20.41 -21.18
C LEU B 679 3.02 -19.54 -22.38
N GLU B 680 1.99 -18.69 -22.31
CA GLU B 680 1.71 -17.76 -23.39
C GLU B 680 1.80 -16.30 -22.99
N THR B 681 1.45 -15.94 -21.76
CA THR B 681 1.60 -14.57 -21.25
C THR B 681 2.55 -14.58 -20.05
N LEU B 682 3.65 -13.81 -20.15
CA LEU B 682 4.56 -13.66 -19.03
C LEU B 682 4.72 -12.18 -18.70
N ASP B 683 4.35 -11.82 -17.47
CA ASP B 683 4.32 -10.43 -17.01
C ASP B 683 5.45 -10.21 -16.00
N LEU B 684 6.49 -9.51 -16.45
CA LEU B 684 7.62 -9.14 -15.62
C LEU B 684 7.65 -7.66 -15.33
N SER B 685 6.52 -6.98 -15.49
CA SER B 685 6.45 -5.52 -15.37
C SER B 685 6.80 -5.07 -13.95
N HIS B 686 7.31 -3.83 -13.86
CA HIS B 686 7.63 -3.17 -12.58
C HIS B 686 8.59 -4.01 -11.74
N ASN B 687 9.76 -4.31 -12.33
CA ASN B 687 10.80 -5.06 -11.63
C ASN B 687 12.14 -4.36 -11.83
N GLN B 688 13.26 -5.01 -11.50
CA GLN B 688 14.59 -4.41 -11.68
C GLN B 688 15.43 -5.17 -12.71
N LEU B 689 14.81 -5.78 -13.70
CA LEU B 689 15.57 -6.54 -14.69
C LEU B 689 16.40 -5.59 -15.54
N THR B 690 17.66 -5.96 -15.79
CA THR B 690 18.52 -5.14 -16.63
C THR B 690 18.80 -5.76 -17.99
N THR B 691 18.52 -7.06 -18.19
CA THR B 691 18.82 -7.69 -19.46
C THR B 691 17.67 -8.55 -19.95
N VAL B 692 17.61 -8.71 -21.27
CA VAL B 692 16.71 -9.66 -21.93
C VAL B 692 17.53 -10.89 -22.31
N PRO B 693 16.92 -12.03 -22.62
CA PRO B 693 17.72 -13.21 -22.96
C PRO B 693 18.44 -13.04 -24.29
N GLU B 694 19.58 -13.72 -24.41
CA GLU B 694 20.32 -13.72 -25.66
C GLU B 694 19.49 -14.28 -26.80
N ARG B 695 18.70 -15.32 -26.54
CA ARG B 695 17.84 -15.91 -27.56
C ARG B 695 16.49 -16.20 -26.89
N LEU B 696 15.52 -15.28 -27.07
CA LEU B 696 14.19 -15.55 -26.52
C LEU B 696 13.61 -16.82 -27.13
N SER B 697 14.00 -17.12 -28.37
CA SER B 697 13.49 -18.32 -29.05
C SER B 697 13.90 -19.60 -28.30
N ASN B 698 15.05 -19.57 -27.61
CA ASN B 698 15.58 -20.73 -26.90
C ASN B 698 14.97 -20.82 -25.50
N CYS B 699 14.23 -19.81 -25.05
CA CYS B 699 13.64 -19.87 -23.73
C CYS B 699 12.23 -20.42 -23.74
N SER B 700 11.54 -20.38 -24.86
CA SER B 700 10.18 -20.85 -24.91
C SER B 700 9.76 -20.99 -26.35
N ARG B 701 9.09 -22.09 -26.67
CA ARG B 701 8.57 -22.27 -28.02
C ARG B 701 7.12 -21.77 -28.08
N SER B 702 6.56 -21.28 -26.95
CA SER B 702 5.14 -20.96 -26.83
C SER B 702 4.83 -19.53 -26.50
N LEU B 703 5.77 -18.78 -25.95
CA LEU B 703 5.48 -17.46 -25.41
C LEU B 703 4.91 -16.56 -26.50
N LYS B 704 3.77 -15.94 -26.21
CA LYS B 704 3.15 -14.99 -27.12
C LYS B 704 3.24 -13.54 -26.64
N ASN B 705 3.00 -13.27 -25.36
CA ASN B 705 2.93 -11.91 -24.84
C ASN B 705 3.98 -11.74 -23.75
N LEU B 706 4.95 -10.85 -23.98
CA LEU B 706 6.05 -10.61 -23.07
C LEU B 706 5.95 -9.17 -22.58
N ILE B 707 5.77 -9.00 -21.28
CA ILE B 707 5.56 -7.68 -20.69
C ILE B 707 6.75 -7.38 -19.80
N LEU B 708 7.62 -6.50 -20.28
CA LEU B 708 8.84 -6.09 -19.60
C LEU B 708 8.84 -4.61 -19.24
N LYS B 709 7.66 -3.98 -19.19
CA LYS B 709 7.58 -2.56 -18.86
C LYS B 709 8.02 -2.27 -17.42
N ASN B 710 8.58 -1.07 -17.22
CA ASN B 710 9.04 -0.58 -15.93
C ASN B 710 10.11 -1.51 -15.33
N ASN B 711 11.19 -1.65 -16.10
CA ASN B 711 12.38 -2.33 -15.61
C ASN B 711 13.57 -1.42 -15.89
N GLN B 712 14.79 -1.95 -15.77
CA GLN B 712 15.99 -1.16 -15.90
C GLN B 712 16.75 -1.50 -17.19
N ILE B 713 16.04 -2.00 -18.21
CA ILE B 713 16.73 -2.52 -19.38
C ILE B 713 17.35 -1.35 -20.16
N ARG B 714 18.67 -1.42 -20.35
CA ARG B 714 19.42 -0.37 -21.02
C ARG B 714 19.85 -0.75 -22.43
N SER B 715 19.74 -2.02 -22.82
CA SER B 715 19.93 -2.42 -24.20
C SER B 715 19.45 -3.86 -24.40
N LEU B 716 19.20 -4.21 -25.65
CA LEU B 716 18.76 -5.54 -26.01
C LEU B 716 19.94 -6.39 -26.46
N THR B 717 19.86 -7.70 -26.22
CA THR B 717 20.88 -8.59 -26.73
C THR B 717 20.88 -8.58 -28.26
N LYS B 718 22.03 -8.96 -28.83
CA LYS B 718 22.27 -8.77 -30.25
C LYS B 718 21.29 -9.56 -31.12
N TYR B 719 20.77 -10.70 -30.64
CA TYR B 719 19.82 -11.47 -31.45
C TYR B 719 18.55 -11.78 -30.68
N PHE B 720 18.19 -10.93 -29.72
CA PHE B 720 17.02 -11.03 -28.84
C PHE B 720 15.85 -11.79 -29.49
N LEU B 721 15.21 -11.21 -30.48
CA LEU B 721 13.94 -11.75 -30.97
C LEU B 721 14.11 -12.71 -32.13
N GLN B 722 15.34 -13.06 -32.47
CA GLN B 722 15.61 -13.89 -33.64
C GLN B 722 14.81 -15.18 -33.59
N ASP B 723 14.04 -15.44 -34.65
CA ASP B 723 13.24 -16.66 -34.83
C ASP B 723 12.17 -16.84 -33.76
N ALA B 724 11.80 -15.78 -33.06
CA ALA B 724 10.71 -15.87 -32.08
C ALA B 724 9.35 -15.71 -32.78
N PHE B 725 8.99 -16.71 -33.60
CA PHE B 725 7.83 -16.49 -34.49
C PHE B 725 6.46 -16.54 -33.78
N GLN B 726 6.33 -17.11 -32.59
CA GLN B 726 5.06 -16.86 -31.87
C GLN B 726 5.01 -15.59 -31.06
N LEU B 727 6.07 -14.81 -30.98
CA LEU B 727 5.92 -13.58 -30.24
C LEU B 727 4.86 -12.73 -30.95
N ARG B 728 3.88 -12.25 -30.19
CA ARG B 728 2.79 -11.43 -30.70
C ARG B 728 2.67 -10.09 -30.02
N TYR B 729 3.12 -9.97 -28.77
CA TYR B 729 2.95 -8.76 -27.99
C TYR B 729 4.22 -8.53 -27.16
N LEU B 730 4.80 -7.34 -27.29
CA LEU B 730 6.05 -7.06 -26.60
C LEU B 730 6.00 -5.64 -26.03
N ASP B 731 5.92 -5.55 -24.72
CA ASP B 731 5.92 -4.27 -24.03
C ASP B 731 7.32 -4.10 -23.43
N LEU B 732 8.08 -3.16 -23.98
CA LEU B 732 9.36 -2.73 -23.43
C LEU B 732 9.32 -1.29 -22.96
N SER B 733 8.14 -0.73 -22.75
CA SER B 733 8.05 0.69 -22.41
C SER B 733 8.57 0.93 -21.00
N SER B 734 9.01 2.16 -20.76
CA SER B 734 9.48 2.58 -19.45
C SER B 734 10.67 1.75 -19.01
N ASN B 735 11.67 1.70 -19.89
CA ASN B 735 12.99 1.19 -19.56
C ASN B 735 14.04 2.26 -19.82
N LYS B 736 15.29 1.86 -20.08
CA LYS B 736 16.35 2.84 -20.31
C LYS B 736 17.05 2.58 -21.64
N ILE B 737 16.30 2.09 -22.65
CA ILE B 737 16.91 1.62 -23.89
C ILE B 737 17.37 2.81 -24.70
N GLN B 738 18.62 2.77 -25.16
CA GLN B 738 19.18 3.81 -26.01
C GLN B 738 19.16 3.48 -27.49
N MET B 739 19.32 2.20 -27.85
CA MET B 739 19.44 1.76 -29.23
C MET B 739 18.71 0.44 -29.43
N ILE B 740 18.27 0.21 -30.66
CA ILE B 740 17.67 -1.05 -31.09
C ILE B 740 18.14 -1.27 -32.52
N GLN B 741 18.97 -2.28 -32.74
CA GLN B 741 19.46 -2.60 -34.06
C GLN B 741 18.64 -3.75 -34.65
N LYS B 742 18.76 -3.94 -35.98
CA LYS B 742 17.90 -4.89 -36.66
C LYS B 742 18.25 -6.32 -36.25
N THR B 743 19.49 -6.55 -35.86
CA THR B 743 19.90 -7.81 -35.22
C THR B 743 18.93 -8.26 -34.12
N SER B 744 18.52 -7.36 -33.23
CA SER B 744 17.71 -7.78 -32.10
C SER B 744 16.26 -7.86 -32.49
N PHE B 745 15.85 -7.06 -33.48
CA PHE B 745 14.46 -6.96 -33.92
C PHE B 745 14.37 -7.36 -35.39
N PRO B 746 14.63 -8.61 -35.72
CA PRO B 746 14.41 -9.02 -37.12
C PRO B 746 12.97 -8.74 -37.52
N GLU B 747 12.81 -8.20 -38.73
CA GLU B 747 11.49 -7.73 -39.14
C GLU B 747 10.52 -8.88 -39.43
N ASN B 748 11.03 -10.09 -39.69
CA ASN B 748 10.13 -11.24 -39.88
C ASN B 748 9.48 -11.73 -38.59
N VAL B 749 9.92 -11.28 -37.42
CA VAL B 749 9.16 -11.46 -36.19
C VAL B 749 8.39 -10.21 -35.82
N LEU B 750 8.99 -9.02 -35.99
CA LEU B 750 8.28 -7.80 -35.62
C LEU B 750 6.95 -7.67 -36.36
N ASN B 751 6.94 -8.05 -37.64
CA ASN B 751 5.81 -7.69 -38.48
C ASN B 751 4.54 -8.48 -38.18
N ASN B 752 4.60 -9.50 -37.34
CA ASN B 752 3.41 -10.20 -36.89
C ASN B 752 3.00 -9.82 -35.48
N LEU B 753 3.60 -8.78 -34.93
CA LEU B 753 3.23 -8.30 -33.60
C LEU B 753 1.92 -7.55 -33.71
N LYS B 754 0.94 -7.98 -32.93
CA LYS B 754 -0.29 -7.21 -32.78
C LYS B 754 -0.03 -5.87 -32.11
N MET B 755 1.01 -5.76 -31.28
CA MET B 755 1.36 -4.49 -30.64
C MET B 755 2.81 -4.52 -30.17
N LEU B 756 3.38 -3.34 -30.03
CA LEU B 756 4.80 -3.23 -29.70
C LEU B 756 5.01 -1.90 -29.02
N LEU B 757 5.24 -1.94 -27.71
CA LEU B 757 5.24 -0.77 -26.86
C LEU B 757 6.69 -0.40 -26.55
N LEU B 758 7.09 0.83 -26.90
CA LEU B 758 8.45 1.28 -26.61
C LEU B 758 8.52 2.68 -26.04
N HIS B 759 7.40 3.22 -25.57
CA HIS B 759 7.44 4.59 -25.14
C HIS B 759 8.15 4.70 -23.79
N HIS B 760 8.70 5.88 -23.55
CA HIS B 760 9.37 6.17 -22.29
C HIS B 760 10.63 5.32 -22.14
N ASN B 761 11.50 5.42 -23.14
CA ASN B 761 12.86 4.89 -23.07
C ASN B 761 13.83 6.07 -23.20
N ARG B 762 15.11 5.78 -23.45
CA ARG B 762 16.13 6.82 -23.52
C ARG B 762 16.81 6.85 -24.88
N PHE B 763 16.03 7.05 -25.94
CA PHE B 763 16.53 6.84 -27.29
C PHE B 763 17.58 7.88 -27.70
N LEU B 764 18.63 7.40 -28.35
CA LEU B 764 19.78 8.18 -28.77
C LEU B 764 19.74 8.23 -30.28
N CYS B 765 19.36 9.38 -30.83
CA CYS B 765 19.03 9.46 -32.26
C CYS B 765 20.22 9.86 -33.12
N THR B 766 21.35 9.20 -32.90
CA THR B 766 22.51 9.39 -33.76
C THR B 766 22.28 8.70 -35.10
N CYS B 767 23.25 8.85 -35.99
CA CYS B 767 23.21 8.14 -37.26
C CYS B 767 23.27 6.62 -37.07
N ASP B 768 23.71 6.15 -35.90
CA ASP B 768 23.67 4.71 -35.63
C ASP B 768 22.25 4.19 -35.45
N ALA B 769 21.28 5.07 -35.17
CA ALA B 769 19.89 4.72 -34.97
C ALA B 769 19.12 4.69 -36.27
N VAL B 770 19.80 4.84 -37.40
CA VAL B 770 19.13 5.14 -38.65
C VAL B 770 18.07 4.08 -38.97
N TRP B 771 18.39 2.79 -38.74
CA TRP B 771 17.44 1.72 -39.04
C TRP B 771 16.24 1.75 -38.11
N PHE B 772 16.45 1.95 -36.80
CA PHE B 772 15.32 1.96 -35.89
C PHE B 772 14.38 3.13 -36.17
N VAL B 773 14.95 4.31 -36.43
CA VAL B 773 14.12 5.47 -36.76
C VAL B 773 13.35 5.23 -38.04
N TRP B 774 14.02 4.70 -39.05
CA TRP B 774 13.34 4.40 -40.31
C TRP B 774 12.25 3.35 -40.10
N TRP B 775 12.56 2.28 -39.35
CA TRP B 775 11.57 1.23 -39.15
C TRP B 775 10.37 1.75 -38.36
N VAL B 776 10.61 2.54 -37.30
CA VAL B 776 9.49 3.12 -36.55
C VAL B 776 8.62 3.99 -37.46
N GLN B 777 9.21 4.64 -38.47
CA GLN B 777 8.47 5.57 -39.31
C GLN B 777 7.61 4.88 -40.35
N HIS B 778 8.01 3.69 -40.79
CA HIS B 778 7.36 3.02 -41.92
C HIS B 778 6.74 1.66 -41.58
N THR B 779 6.68 1.28 -40.30
CA THR B 779 6.10 -0.02 -39.99
C THR B 779 4.59 0.10 -39.89
N GLU B 780 3.93 -1.03 -40.11
CA GLU B 780 2.50 -1.09 -39.90
C GLU B 780 2.14 -1.57 -38.49
N VAL B 781 3.12 -2.14 -37.77
CA VAL B 781 2.94 -2.54 -36.38
C VAL B 781 2.41 -1.42 -35.53
N THR B 782 1.46 -1.74 -34.66
CA THR B 782 0.92 -0.76 -33.72
C THR B 782 1.93 -0.41 -32.65
N ILE B 783 2.24 0.87 -32.53
CA ILE B 783 3.12 1.36 -31.48
C ILE B 783 2.37 2.49 -30.82
N PRO B 784 1.81 2.28 -29.62
CA PRO B 784 1.16 3.39 -28.92
C PRO B 784 2.14 4.52 -28.65
N TYR B 785 1.62 5.75 -28.76
CA TYR B 785 2.27 6.97 -28.25
C TYR B 785 3.45 7.45 -29.08
N LEU B 786 3.47 7.24 -30.41
CA LEU B 786 4.48 7.96 -31.19
C LEU B 786 4.40 9.47 -31.01
N ALA B 787 3.23 10.03 -30.66
CA ALA B 787 3.16 11.48 -30.52
C ALA B 787 3.78 11.95 -29.22
N THR B 788 3.37 11.38 -28.10
CA THR B 788 3.71 12.02 -26.84
C THR B 788 4.90 11.41 -26.11
N ASP B 789 5.32 10.16 -26.44
CA ASP B 789 6.34 9.54 -25.59
C ASP B 789 7.27 8.54 -26.31
N VAL B 790 7.51 8.67 -27.61
CA VAL B 790 8.61 7.94 -28.27
C VAL B 790 9.59 8.98 -28.80
N THR B 791 10.64 9.22 -28.03
CA THR B 791 11.37 10.47 -28.01
C THR B 791 12.88 10.23 -27.97
N CYS B 792 13.63 11.10 -28.62
CA CYS B 792 15.09 11.12 -28.44
C CYS B 792 15.43 11.85 -27.15
N VAL B 793 16.33 11.28 -26.34
CA VAL B 793 16.93 12.05 -25.26
C VAL B 793 18.15 12.86 -25.74
N GLY B 794 18.67 12.57 -26.93
CA GLY B 794 19.84 13.19 -27.46
C GLY B 794 20.16 12.69 -28.86
N PRO B 795 21.25 13.19 -29.46
CA PRO B 795 22.15 14.10 -28.77
C PRO B 795 21.70 15.56 -28.93
N GLY B 796 21.78 16.33 -27.85
CA GLY B 796 21.48 17.76 -27.81
C GLY B 796 20.59 18.31 -28.90
N ALA B 797 21.07 18.23 -30.14
CA ALA B 797 20.32 18.74 -31.28
C ALA B 797 18.90 18.18 -31.30
N HIS B 798 18.75 16.87 -31.12
CA HIS B 798 17.45 16.21 -31.24
C HIS B 798 16.74 15.97 -29.90
N LYS B 799 17.23 16.58 -28.80
CA LYS B 799 16.67 16.27 -27.49
C LYS B 799 15.20 16.64 -27.42
N GLY B 800 14.42 15.79 -26.75
CA GLY B 800 12.98 15.91 -26.66
C GLY B 800 12.25 15.83 -27.98
N GLN B 801 12.94 15.60 -29.08
CA GLN B 801 12.27 15.50 -30.35
C GLN B 801 11.76 14.07 -30.53
N SER B 802 10.55 13.96 -31.08
CA SER B 802 9.92 12.67 -31.27
C SER B 802 10.55 11.92 -32.43
N VAL B 803 10.70 10.59 -32.25
CA VAL B 803 11.38 9.78 -33.25
C VAL B 803 10.63 9.80 -34.58
N ILE B 804 9.30 9.87 -34.55
CA ILE B 804 8.52 9.78 -35.79
C ILE B 804 8.77 10.97 -36.72
N SER B 805 9.12 12.14 -36.17
CA SER B 805 9.35 13.39 -36.90
C SER B 805 10.79 13.58 -37.33
N LEU B 806 11.67 12.63 -37.03
CA LEU B 806 13.11 12.81 -37.20
C LEU B 806 13.51 12.70 -38.66
N ASP B 807 14.29 13.66 -39.13
CA ASP B 807 14.82 13.67 -40.49
C ASP B 807 16.30 13.41 -40.36
N LEU B 808 16.76 12.24 -40.78
CA LEU B 808 18.13 11.80 -40.63
C LEU B 808 18.89 11.83 -41.96
N TYR B 809 18.47 12.73 -42.87
CA TYR B 809 19.07 12.78 -44.20
C TYR B 809 20.58 13.00 -44.17
N THR B 810 21.08 13.74 -43.17
CA THR B 810 22.51 13.99 -43.10
C THR B 810 23.30 12.73 -42.82
N CYS B 811 22.65 11.64 -42.42
CA CYS B 811 23.33 10.35 -42.27
C CYS B 811 23.57 9.66 -43.61
N GLU B 812 23.13 10.26 -44.72
CA GLU B 812 23.15 9.61 -46.02
C GLU B 812 23.85 10.41 -47.11
N LEU B 813 24.51 11.52 -46.78
CA LEU B 813 25.23 12.35 -47.76
C LEU B 813 26.44 11.64 -48.37
C1 NAG C . 25.10 -33.25 7.79
C2 NAG C . 24.85 -32.73 6.34
C3 NAG C . 24.18 -33.81 5.48
C4 NAG C . 24.87 -35.15 5.62
C5 NAG C . 24.98 -35.50 7.09
C6 NAG C . 25.66 -36.82 7.34
C7 NAG C . 24.41 -30.39 5.70
C8 NAG C . 23.45 -29.24 5.82
N2 NAG C . 24.04 -31.52 6.34
O3 NAG C . 24.21 -33.39 4.12
O4 NAG C . 24.10 -36.18 5.01
O5 NAG C . 25.76 -34.49 7.75
O6 NAG C . 26.41 -36.79 8.55
O7 NAG C . 25.45 -30.32 5.07
C1 NAG C . 24.58 -36.79 3.82
C2 NAG C . 23.80 -38.08 3.79
C3 NAG C . 24.06 -38.87 2.51
C4 NAG C . 23.80 -37.99 1.28
C5 NAG C . 24.63 -36.73 1.38
C6 NAG C . 24.31 -35.75 0.28
C7 NAG C . 23.26 -39.02 5.99
C8 NAG C . 23.73 -39.91 7.12
N2 NAG C . 24.10 -38.90 4.96
O3 NAG C . 23.17 -39.97 2.45
O4 NAG C . 24.07 -38.70 0.08
O5 NAG C . 24.35 -36.05 2.62
O6 NAG C . 23.18 -34.97 0.65
O7 NAG C . 22.16 -38.44 6.03
C1 NAG D . -26.18 32.46 -6.83
C2 NAG D . -24.69 32.72 -6.69
C3 NAG D . -24.39 33.64 -5.49
C4 NAG D . -25.27 34.89 -5.49
C5 NAG D . -26.72 34.43 -5.57
C6 NAG D . -27.71 35.57 -5.58
C7 NAG D . -22.99 31.09 -7.38
C8 NAG D . -22.37 29.77 -7.10
N2 NAG D . -23.98 31.47 -6.55
O3 NAG D . -23.02 34.06 -5.53
O4 NAG D . -25.11 35.57 -4.25
O5 NAG D . -26.89 33.70 -6.79
O6 NAG D . -27.83 36.14 -6.87
O7 NAG D . -22.59 31.82 -8.29
C1 NAG D . -24.46 36.86 -4.26
C2 NAG D . -24.99 37.50 -3.00
C3 NAG D . -24.37 38.88 -2.78
C4 NAG D . -22.85 38.74 -2.72
C5 NAG D . -22.36 38.11 -4.02
C6 NAG D . -20.87 37.84 -4.02
C7 NAG D . -27.22 36.78 -2.33
C8 NAG D . -28.70 36.99 -2.49
N2 NAG D . -26.44 37.60 -3.03
O3 NAG D . -24.89 39.43 -1.59
O4 NAG D . -22.21 39.99 -2.48
O5 NAG D . -23.01 36.85 -4.24
O6 NAG D . -20.56 36.75 -3.16
O7 NAG D . -26.77 35.91 -1.59
C1 NAG E . 0.19 -2.62 20.09
C2 NAG E . 1.49 -1.83 19.95
C3 NAG E . 1.95 -1.78 18.50
C4 NAG E . 1.95 -3.16 17.86
C5 NAG E . 0.59 -3.81 18.08
C6 NAG E . 0.47 -5.21 17.49
C7 NAG E . 2.18 0.17 21.23
C8 NAG E . 1.77 1.53 21.68
N2 NAG E . 1.29 -0.48 20.48
O3 NAG E . 3.25 -1.21 18.40
O4 NAG E . 2.20 -3.04 16.45
O5 NAG E . 0.34 -3.90 19.48
O6 NAG E . 0.89 -6.21 18.39
O7 NAG E . 3.29 -0.31 21.52
C1 NAG F . -23.37 5.23 25.70
C2 NAG F . -24.56 5.29 26.67
C3 NAG F . -24.71 3.96 27.42
C4 NAG F . -24.65 2.76 26.47
C5 NAG F . -23.45 2.86 25.53
C6 NAG F . -23.35 1.76 24.48
C7 NAG F . -24.74 7.64 27.42
C8 NAG F . -24.44 8.61 28.52
N2 NAG F . -24.36 6.37 27.63
O3 NAG F . -25.92 3.94 28.16
O4 NAG F . -24.55 1.56 27.23
O5 NAG F . -23.53 4.11 24.83
O6 NAG F . -22.11 1.80 23.78
O7 NAG F . -25.29 7.99 26.38
C1 NAG G . 38.33 -0.58 16.16
C2 NAG G . 36.94 -0.53 16.80
C3 NAG G . 36.99 -1.00 18.25
C4 NAG G . 37.69 -2.34 18.37
C5 NAG G . 39.04 -2.30 17.68
C6 NAG G . 39.75 -3.63 17.68
C7 NAG G . 35.54 1.18 15.73
C8 NAG G . 35.02 2.58 15.81
N2 NAG G . 36.39 0.81 16.70
O3 NAG G . 35.65 -1.12 18.71
O4 NAG G . 37.85 -2.70 19.75
O5 NAG G . 38.87 -1.91 16.31
O6 NAG G . 38.84 -4.70 17.54
O7 NAG G . 35.22 0.41 14.82
C1 NAG H . -14.28 -10.60 37.20
C2 NAG H . -15.81 -10.71 37.36
C3 NAG H . -16.32 -9.56 38.24
C4 NAG H . -15.49 -9.41 39.51
C5 NAG H . -13.99 -9.46 39.19
C6 NAG H . -13.10 -9.48 40.41
C7 NAG H . -16.83 -11.76 35.41
C8 NAG H . -17.44 -11.54 34.05
N2 NAG H . -16.44 -10.66 36.05
O3 NAG H . -17.68 -9.78 38.56
O4 NAG H . -15.76 -8.15 40.11
O5 NAG H . -13.68 -10.63 38.44
O6 NAG H . -11.85 -8.86 40.13
O7 NAG H . -16.70 -12.88 35.90
C1 NAG I . -18.55 18.71 17.58
C2 NAG I . -19.19 19.05 18.93
C3 NAG I . -20.68 18.76 18.87
C4 NAG I . -21.33 19.50 17.70
C5 NAG I . -20.60 19.16 16.41
C6 NAG I . -21.09 19.98 15.24
C7 NAG I . -17.62 18.78 20.82
C8 NAG I . -17.14 17.83 21.88
N2 NAG I . -18.58 18.30 20.02
O3 NAG I . -21.27 19.14 20.12
O4 NAG I . -22.67 19.08 17.53
O5 NAG I . -19.20 19.44 16.55
O6 NAG I . -22.18 19.35 14.62
O7 NAG I . -17.18 19.92 20.70
C1 NAG J . 9.67 39.75 0.04
C2 NAG J . 9.33 40.33 1.42
C3 NAG J . 8.61 41.67 1.29
C4 NAG J . 9.43 42.64 0.45
C5 NAG J . 9.74 42.02 -0.92
C6 NAG J . 10.70 42.87 -1.71
C7 NAG J . 9.06 38.72 3.23
C8 NAG J . 8.13 37.78 3.95
N2 NAG J . 8.54 39.40 2.21
O3 NAG J . 8.42 42.24 2.59
O4 NAG J . 8.72 43.86 0.26
O5 NAG J . 10.40 40.75 -0.75
O6 NAG J . 11.90 43.08 -0.97
O7 NAG J . 10.25 38.85 3.57
C1 NAG K . 9.65 16.75 11.95
C2 NAG K . 10.86 16.41 12.83
C3 NAG K . 11.45 15.06 12.43
C4 NAG K . 10.38 13.97 12.45
C5 NAG K . 9.13 14.35 11.65
C6 NAG K . 7.99 13.38 11.89
C7 NAG K . 12.14 18.31 13.76
C8 NAG K . 13.21 19.33 13.47
N2 NAG K . 11.87 17.47 12.75
O3 NAG K . 12.50 14.73 13.33
O4 NAG K . 10.86 12.74 11.89
O5 NAG K . 8.66 15.66 12.03
O6 NAG K . 6.89 13.59 11.01
O7 NAG K . 11.55 18.28 14.83
S SO4 L . -22.59 14.14 19.90
O1 SO4 L . -23.34 15.34 20.29
O2 SO4 L . -21.45 14.63 19.11
O3 SO4 L . -23.39 13.21 19.09
O4 SO4 L . -22.18 13.38 21.11
S SO4 M . 19.17 -10.29 -5.21
O1 SO4 M . 18.55 -8.96 -5.18
O2 SO4 M . 20.61 -10.04 -5.28
O3 SO4 M . 18.81 -11.02 -3.99
O4 SO4 M . 18.76 -11.04 -6.43
S SO4 N . 22.44 27.94 15.47
O1 SO4 N . 21.63 28.81 16.33
O2 SO4 N . 23.85 28.31 15.56
O3 SO4 N . 22.29 26.54 15.88
O4 SO4 N . 21.98 28.07 14.08
S SO4 O . 18.06 -19.88 18.33
O1 SO4 O . 16.81 -19.13 18.05
O2 SO4 O . 18.79 -19.42 19.53
O3 SO4 O . 17.84 -21.33 18.45
O4 SO4 O . 18.93 -19.70 17.17
S SO4 P . 26.64 -16.29 18.22
O1 SO4 P . 26.66 -15.20 17.20
O2 SO4 P . 27.70 -16.20 19.23
O3 SO4 P . 25.36 -16.34 18.94
O4 SO4 P . 27.03 -17.53 17.55
S SO4 Q . 17.21 -35.63 29.55
O1 SO4 Q . 16.06 -34.67 29.67
O2 SO4 Q . 18.19 -35.00 28.65
O3 SO4 Q . 17.81 -35.97 30.87
O4 SO4 Q . 16.86 -36.96 28.99
S SO4 R . 1.53 3.49 40.03
O1 SO4 R . 1.80 3.25 41.46
O2 SO4 R . 1.70 4.92 39.69
O3 SO4 R . 0.15 3.11 39.74
O4 SO4 R . 2.48 2.72 39.24
N EX0 S . -3.91 -23.54 17.01
C EX0 S . -5.53 -22.25 15.66
O EX0 S . -1.76 -24.02 16.09
C1 EX0 S . -5.15 -22.98 16.87
C10 EX0 S . -7.90 -26.80 18.01
C11 EX0 S . -6.95 -27.77 18.29
C12 EX0 S . -5.40 -26.02 19.05
C13 EX0 S . -5.69 -27.37 18.82
C14 EX0 S . -8.62 -21.84 17.59
C15 EX0 S . -9.69 -21.51 16.73
C16 EX0 S . -8.90 -21.79 18.96
C17 EX0 S . -10.97 -21.17 17.23
C18 EX0 S . -11.15 -21.16 18.61
C19 EX0 S . -7.28 -29.23 18.02
C2 EX0 S . -4.52 -22.18 14.59
C20 EX0 S . -8.99 -29.37 19.76
C21 EX0 S . -8.77 -31.09 18.18
C22 EX0 S . -9.06 -30.83 19.96
C23 EX0 S . -10.20 -31.59 18.59
C24 EX0 S . -11.34 -30.82 20.64
C25 EX0 S . -7.94 -31.53 19.37
C3 EX0 S . -3.00 -23.44 15.98
C4 EX0 S . -7.23 -22.20 17.06
C5 EX0 S . -0.69 -23.46 16.84
C6 EX0 S . -0.72 -24.04 18.24
C7 EX0 S . -6.14 -23.56 19.00
C8 EX0 S . -6.37 -25.05 18.78
C9 EX0 S . -7.60 -25.47 18.26
F EX0 S . -12.04 -20.85 16.41
N1 EX0 S . -3.31 -22.79 14.82
N2 EX0 S . -6.79 -21.80 15.84
N3 EX0 S . -6.21 -22.90 17.69
N4 EX0 S . -4.78 -21.54 13.42
N5 EX0 S . -10.12 -21.46 19.45
N6 EX0 S . -8.68 -29.60 18.32
N7 EX0 S . -10.22 -31.60 20.08
C1 NAG T . -18.76 -7.87 -1.96
C2 NAG T . -18.49 -7.60 -3.45
C3 NAG T . -17.28 -6.66 -3.62
C4 NAG T . -17.37 -5.45 -2.69
C5 NAG T . -17.60 -5.95 -1.27
C6 NAG T . -17.63 -4.87 -0.20
C7 NAG T . -18.69 -9.12 -5.39
C8 NAG T . -18.31 -10.47 -5.93
N2 NAG T . -18.25 -8.85 -4.15
O3 NAG T . -17.18 -6.26 -4.99
O4 NAG T . -16.18 -4.68 -2.74
O5 NAG T . -18.85 -6.66 -1.24
O6 NAG T . -18.70 -3.96 -0.35
O7 NAG T . -19.33 -8.32 -6.05
C1 NAG U . -18.91 11.41 -35.24
C2 NAG U . -19.37 10.32 -34.24
C3 NAG U . -20.85 9.99 -34.44
C4 NAG U . -21.69 11.26 -34.35
C5 NAG U . -21.19 12.25 -35.39
C6 NAG U . -21.95 13.56 -35.41
C7 NAG U . -17.42 8.94 -33.71
C8 NAG U . -16.71 7.63 -33.94
N2 NAG U . -18.56 9.11 -34.37
O3 NAG U . -21.31 9.03 -33.50
O4 NAG U . -23.05 10.92 -34.54
O5 NAG U . -19.80 12.56 -35.14
O6 NAG U . -21.90 14.21 -34.15
O7 NAG U . -16.96 9.78 -32.96
C1 NAG V . -3.48 -31.38 4.09
C2 NAG V . -4.45 -32.56 4.27
C3 NAG V . -4.44 -33.02 5.73
C4 NAG V . -3.02 -33.30 6.21
C5 NAG V . -2.10 -32.12 5.92
C6 NAG V . -0.66 -32.39 6.22
C7 NAG V . -6.18 -32.25 2.58
C8 NAG V . -7.61 -31.88 2.31
N2 NAG V . -5.79 -32.21 3.86
O3 NAG V . -5.23 -34.20 5.85
O4 NAG V . -3.02 -33.51 7.62
O5 NAG V . -2.17 -31.76 4.52
O6 NAG V . -0.17 -31.52 7.23
O7 NAG V . -5.41 -32.56 1.68
C1 NAG W . -16.86 -27.64 13.39
C2 NAG W . -17.62 -28.84 13.98
C3 NAG W . -18.98 -28.38 14.58
C4 NAG W . -18.83 -27.12 15.44
C5 NAG W . -18.05 -26.04 14.69
C6 NAG W . -17.83 -24.77 15.48
C7 NAG W . -17.32 -31.06 12.94
C8 NAG W . -17.64 -31.91 11.74
N2 NAG W . -17.84 -29.83 12.93
O3 NAG W . -19.53 -29.44 15.34
O4 NAG W . -20.12 -26.61 15.79
O5 NAG W . -16.77 -26.58 14.36
O6 NAG W . -17.36 -23.72 14.65
O7 NAG W . -16.63 -31.47 13.87
S SO4 X . -7.64 -31.15 9.40
O1 SO4 X . -8.49 -30.08 8.86
O2 SO4 X . -7.17 -30.75 10.74
O3 SO4 X . -8.47 -32.35 9.49
O4 SO4 X . -6.47 -31.41 8.53
S SO4 Y . -2.94 19.67 -10.63
O1 SO4 Y . -4.20 20.41 -10.54
O2 SO4 Y . -1.86 20.48 -10.03
O3 SO4 Y . -3.20 18.42 -9.92
O4 SO4 Y . -2.58 19.31 -12.01
S SO4 Z . -27.99 14.24 -8.83
O1 SO4 Z . -28.77 15.07 -7.89
O2 SO4 Z . -27.28 15.10 -9.78
O3 SO4 Z . -28.91 13.39 -9.59
O4 SO4 Z . -26.97 13.44 -8.11
S SO4 AA . -6.86 -7.35 10.28
O1 SO4 AA . -8.21 -6.77 10.44
O2 SO4 AA . -6.02 -6.49 9.43
O3 SO4 AA . -7.03 -8.67 9.67
O4 SO4 AA . -6.20 -7.47 11.59
S SO4 BA . -27.62 15.70 -17.41
O1 SO4 BA . -28.47 16.84 -17.04
O2 SO4 BA . -27.30 16.02 -18.82
O3 SO4 BA . -28.36 14.42 -17.22
O4 SO4 BA . -26.41 15.69 -16.57
N EX0 CA . -25.65 6.78 11.96
C EX0 CA . -23.69 5.72 13.01
O EX0 CA . -25.32 8.66 10.49
C1 EX0 CA . -25.15 5.81 12.79
C10 EX0 CA . -27.83 6.48 16.75
C11 EX0 CA . -28.41 7.66 16.29
C12 EX0 CA . -28.17 6.88 14.03
C13 EX0 CA . -28.59 7.85 14.92
C14 EX0 CA . -24.78 2.93 15.11
C15 EX0 CA . -23.65 2.41 15.76
C16 EX0 CA . -25.96 2.22 15.31
C17 EX0 CA . -23.71 1.26 16.59
C18 EX0 CA . -24.94 0.65 16.74
C19 EX0 CA . -28.86 8.71 17.26
C2 EX0 CA . -22.85 6.72 12.30
C20 EX0 CA . -30.73 9.38 18.59
C21 EX0 CA . -29.32 7.68 19.48
C22 EX0 CA . -30.46 8.97 19.97
C23 EX0 CA . -30.48 7.03 20.28
C24 EX0 CA . -32.64 8.10 20.10
C25 EX0 CA . -29.04 8.92 20.30
C3 EX0 CA . -24.83 7.66 11.32
C4 EX0 CA . -24.69 4.14 14.20
C5 EX0 CA . -26.58 8.61 9.84
C6 EX0 CA . -26.67 7.36 8.99
C7 EX0 CA . -27.13 4.62 13.56
C8 EX0 CA . -27.61 5.70 14.51
C9 EX0 CA . -27.43 5.51 15.86
F EX0 CA . -22.63 0.75 17.25
N1 EX0 CA . -23.47 7.62 11.50
N2 EX0 CA . -23.48 4.69 13.86
N3 EX0 CA . -25.68 4.81 13.52
N4 EX0 CA . -21.52 6.69 12.45
N5 EX0 CA . -26.02 1.14 16.10
N6 EX0 CA . -29.89 8.22 18.19
N7 EX0 CA . -31.32 8.16 20.74
#